data_1UCS
# 
_entry.id   1UCS 
# 
_audit_conform.dict_name       mmcif_pdbx.dic 
_audit_conform.dict_version    5.389 
_audit_conform.dict_location   http://mmcif.pdb.org/dictionaries/ascii/mmcif_pdbx.dic 
# 
loop_
_database_2.database_id 
_database_2.database_code 
_database_2.pdbx_database_accession 
_database_2.pdbx_DOI 
PDB   1UCS         pdb_00001ucs 10.2210/pdb1ucs/pdb 
RCSB  RCSB005684   ?            ?                   
WWPDB D_1000005684 ?            ?                   
# 
loop_
_pdbx_audit_revision_history.ordinal 
_pdbx_audit_revision_history.data_content_type 
_pdbx_audit_revision_history.major_revision 
_pdbx_audit_revision_history.minor_revision 
_pdbx_audit_revision_history.revision_date 
1 'Structure model' 1 0 2003-05-06 
2 'Structure model' 1 1 2008-04-27 
3 'Structure model' 1 2 2011-07-13 
4 'Structure model' 1 3 2019-11-06 
5 'Structure model' 1 4 2023-12-27 
6 'Structure model' 1 5 2024-04-03 
# 
_pdbx_audit_revision_details.ordinal             1 
_pdbx_audit_revision_details.revision_ordinal    1 
_pdbx_audit_revision_details.data_content_type   'Structure model' 
_pdbx_audit_revision_details.provider            repository 
_pdbx_audit_revision_details.type                'Initial release' 
_pdbx_audit_revision_details.description         ? 
_pdbx_audit_revision_details.details             ? 
# 
loop_
_pdbx_audit_revision_group.ordinal 
_pdbx_audit_revision_group.revision_ordinal 
_pdbx_audit_revision_group.data_content_type 
_pdbx_audit_revision_group.group 
1 2 'Structure model' 'Version format compliance' 
2 3 'Structure model' 'Version format compliance' 
3 4 'Structure model' 'Data collection'           
4 4 'Structure model' 'Database references'       
5 5 'Structure model' 'Data collection'           
6 5 'Structure model' 'Database references'       
7 6 'Structure model' 'Refinement description'    
# 
loop_
_pdbx_audit_revision_category.ordinal 
_pdbx_audit_revision_category.revision_ordinal 
_pdbx_audit_revision_category.data_content_type 
_pdbx_audit_revision_category.category 
1 4 'Structure model' citation                      
2 4 'Structure model' citation_author               
3 5 'Structure model' chem_comp_atom                
4 5 'Structure model' chem_comp_bond                
5 5 'Structure model' database_2                    
6 6 'Structure model' pdbx_initial_refinement_model 
# 
loop_
_pdbx_audit_revision_item.ordinal 
_pdbx_audit_revision_item.revision_ordinal 
_pdbx_audit_revision_item.data_content_type 
_pdbx_audit_revision_item.item 
1 4 'Structure model' '_citation.journal_abbrev'            
2 4 'Structure model' '_citation.pdbx_database_id_DOI'      
3 4 'Structure model' '_citation.title'                     
4 4 'Structure model' '_citation_author.name'               
5 5 'Structure model' '_database_2.pdbx_DOI'                
6 5 'Structure model' '_database_2.pdbx_database_accession' 
# 
_pdbx_database_status.status_code                     REL 
_pdbx_database_status.entry_id                        1UCS 
_pdbx_database_status.recvd_initial_deposition_date   2003-04-21 
_pdbx_database_status.deposit_site                    PDBJ 
_pdbx_database_status.process_site                    PDBJ 
_pdbx_database_status.status_code_sf                  REL 
_pdbx_database_status.SG_entry                        . 
_pdbx_database_status.pdb_format_compatible           Y 
_pdbx_database_status.status_code_mr                  ? 
_pdbx_database_status.status_code_cs                  ? 
_pdbx_database_status.methods_development_category    ? 
_pdbx_database_status.status_code_nmr_data            ? 
# 
loop_
_pdbx_database_related.db_name 
_pdbx_database_related.db_id 
_pdbx_database_related.details 
_pdbx_database_related.content_type 
PDB 1msi 'homologous protein similar crystal form'   unspecified 
PDB 1hg7 'homologous protein similar crystal form'   unspecified 
PDB 1ops 'homologous protein different crystal form' unspecified 
# 
loop_
_audit_author.name 
_audit_author.pdbx_ordinal 
'Ko, T.-P.'      1 
'Robinson, H.'   2 
'Gao, Y.-G.'     3 
'Cheng, C.-H.C.' 4 
'DeVries, A.L.'  5 
'Wang, A.H.-J.'  6 
# 
_citation.id                        primary 
_citation.title                     
;The refined crystal structure of an eel pout type III antifreeze protein RD1 at 0.62-A resolution reveals structural microheterogeneity of protein and solvation.
;
_citation.journal_abbrev            Biophys.J. 
_citation.journal_volume            84 
_citation.page_first                1228 
_citation.page_last                 1237 
_citation.year                      2003 
_citation.journal_id_ASTM           BIOJAU 
_citation.country                   US 
_citation.journal_id_ISSN           0006-3495 
_citation.journal_id_CSD            0030 
_citation.book_publisher            ? 
_citation.pdbx_database_id_PubMed   12547803 
_citation.pdbx_database_id_DOI      '10.1016/S0006-3495(03)74938-8' 
# 
loop_
_citation_author.citation_id 
_citation_author.name 
_citation_author.ordinal 
_citation_author.identifier_ORCID 
primary 'Ko, T.P.'      1 ? 
primary 'Robinson, H.'  2 ? 
primary 'Gao, Y.G.'     3 ? 
primary 'Cheng, C.H.'   4 ? 
primary 'DeVries, A.L.' 5 ? 
primary 'Wang, A.H.'    6 ? 
# 
loop_
_entity.id 
_entity.type 
_entity.src_method 
_entity.pdbx_description 
_entity.formula_weight 
_entity.pdbx_number_of_molecules 
_entity.pdbx_ec 
_entity.pdbx_mutation 
_entity.pdbx_fragment 
_entity.details 
1 polymer nat 'Antifreeze peptide RD1' 6911.279 1   ? ? ? ? 
2 water   nat water                    18.015   240 ? ? ? ? 
# 
_entity_name_com.entity_id   1 
_entity_name_com.name        'Type III Antifreeze Protein RD1' 
# 
_entity_poly.entity_id                      1 
_entity_poly.type                           'polypeptide(L)' 
_entity_poly.nstd_linkage                   no 
_entity_poly.nstd_monomer                   no 
_entity_poly.pdbx_seq_one_letter_code       NKASVVANQLIPINTALTLIMMKAEVVTPMGIPAEEIPKLVGMQVNRAVPLGTTLMPDMVKNYE 
_entity_poly.pdbx_seq_one_letter_code_can   NKASVVANQLIPINTALTLIMMKAEVVTPMGIPAEEIPKLVGMQVNRAVPLGTTLMPDMVKNYE 
_entity_poly.pdbx_strand_id                 A 
_entity_poly.pdbx_target_identifier         ? 
# 
_pdbx_entity_nonpoly.entity_id   2 
_pdbx_entity_nonpoly.name        water 
_pdbx_entity_nonpoly.comp_id     HOH 
# 
loop_
_entity_poly_seq.entity_id 
_entity_poly_seq.num 
_entity_poly_seq.mon_id 
_entity_poly_seq.hetero 
1 1  ASN n 
1 2  LYS n 
1 3  ALA n 
1 4  SER n 
1 5  VAL n 
1 6  VAL n 
1 7  ALA n 
1 8  ASN n 
1 9  GLN n 
1 10 LEU n 
1 11 ILE n 
1 12 PRO n 
1 13 ILE n 
1 14 ASN n 
1 15 THR n 
1 16 ALA n 
1 17 LEU n 
1 18 THR n 
1 19 LEU n 
1 20 ILE n 
1 21 MET n 
1 22 MET n 
1 23 LYS n 
1 24 ALA n 
1 25 GLU n 
1 26 VAL n 
1 27 VAL n 
1 28 THR n 
1 29 PRO n 
1 30 MET n 
1 31 GLY n 
1 32 ILE n 
1 33 PRO n 
1 34 ALA n 
1 35 GLU n 
1 36 GLU n 
1 37 ILE n 
1 38 PRO n 
1 39 LYS n 
1 40 LEU n 
1 41 VAL n 
1 42 GLY n 
1 43 MET n 
1 44 GLN n 
1 45 VAL n 
1 46 ASN n 
1 47 ARG n 
1 48 ALA n 
1 49 VAL n 
1 50 PRO n 
1 51 LEU n 
1 52 GLY n 
1 53 THR n 
1 54 THR n 
1 55 LEU n 
1 56 MET n 
1 57 PRO n 
1 58 ASP n 
1 59 MET n 
1 60 VAL n 
1 61 LYS n 
1 62 ASN n 
1 63 TYR n 
1 64 GLU n 
# 
_entity_src_nat.entity_id                  1 
_entity_src_nat.pdbx_src_id                1 
_entity_src_nat.pdbx_alt_source_flag       sample 
_entity_src_nat.pdbx_beg_seq_num           ? 
_entity_src_nat.pdbx_end_seq_num           ? 
_entity_src_nat.common_name                'Antarctic eel pout' 
_entity_src_nat.pdbx_organism_scientific   'Lycodichthys dearborni' 
_entity_src_nat.pdbx_ncbi_taxonomy_id      8201 
_entity_src_nat.genus                      Lycodichthys 
_entity_src_nat.species                    ? 
_entity_src_nat.strain                     ? 
_entity_src_nat.tissue                     ? 
_entity_src_nat.tissue_fraction            ? 
_entity_src_nat.pdbx_secretion             ? 
_entity_src_nat.pdbx_fragment              ? 
_entity_src_nat.pdbx_variant               ? 
_entity_src_nat.pdbx_cell_line             ? 
_entity_src_nat.pdbx_atcc                  ? 
_entity_src_nat.pdbx_cellular_location     ? 
_entity_src_nat.pdbx_organ                 ? 
_entity_src_nat.pdbx_organelle             ? 
_entity_src_nat.pdbx_cell                  ? 
_entity_src_nat.pdbx_plasmid_name          ? 
_entity_src_nat.pdbx_plasmid_details       ? 
_entity_src_nat.details                    ? 
# 
loop_
_chem_comp.id 
_chem_comp.type 
_chem_comp.mon_nstd_flag 
_chem_comp.name 
_chem_comp.pdbx_synonyms 
_chem_comp.formula 
_chem_comp.formula_weight 
ALA 'L-peptide linking' y ALANINE         ? 'C3 H7 N O2'     89.093  
ARG 'L-peptide linking' y ARGININE        ? 'C6 H15 N4 O2 1' 175.209 
ASN 'L-peptide linking' y ASPARAGINE      ? 'C4 H8 N2 O3'    132.118 
ASP 'L-peptide linking' y 'ASPARTIC ACID' ? 'C4 H7 N O4'     133.103 
GLN 'L-peptide linking' y GLUTAMINE       ? 'C5 H10 N2 O3'   146.144 
GLU 'L-peptide linking' y 'GLUTAMIC ACID' ? 'C5 H9 N O4'     147.129 
GLY 'peptide linking'   y GLYCINE         ? 'C2 H5 N O2'     75.067  
HOH non-polymer         . WATER           ? 'H2 O'           18.015  
ILE 'L-peptide linking' y ISOLEUCINE      ? 'C6 H13 N O2'    131.173 
LEU 'L-peptide linking' y LEUCINE         ? 'C6 H13 N O2'    131.173 
LYS 'L-peptide linking' y LYSINE          ? 'C6 H15 N2 O2 1' 147.195 
MET 'L-peptide linking' y METHIONINE      ? 'C5 H11 N O2 S'  149.211 
PRO 'L-peptide linking' y PROLINE         ? 'C5 H9 N O2'     115.130 
SER 'L-peptide linking' y SERINE          ? 'C3 H7 N O3'     105.093 
THR 'L-peptide linking' y THREONINE       ? 'C4 H9 N O3'     119.119 
TYR 'L-peptide linking' y TYROSINE        ? 'C9 H11 N O3'    181.189 
VAL 'L-peptide linking' y VALINE          ? 'C5 H11 N O2'    117.146 
# 
loop_
_pdbx_poly_seq_scheme.asym_id 
_pdbx_poly_seq_scheme.entity_id 
_pdbx_poly_seq_scheme.seq_id 
_pdbx_poly_seq_scheme.mon_id 
_pdbx_poly_seq_scheme.ndb_seq_num 
_pdbx_poly_seq_scheme.pdb_seq_num 
_pdbx_poly_seq_scheme.auth_seq_num 
_pdbx_poly_seq_scheme.pdb_mon_id 
_pdbx_poly_seq_scheme.auth_mon_id 
_pdbx_poly_seq_scheme.pdb_strand_id 
_pdbx_poly_seq_scheme.pdb_ins_code 
_pdbx_poly_seq_scheme.hetero 
A 1 1  ASN 1  1  1  ASN ASN A . n 
A 1 2  LYS 2  2  2  LYS LYS A . n 
A 1 3  ALA 3  3  3  ALA ALA A . n 
A 1 4  SER 4  4  4  SER SER A . n 
A 1 5  VAL 5  5  5  VAL VAL A . n 
A 1 6  VAL 6  6  6  VAL VAL A . n 
A 1 7  ALA 7  7  7  ALA ALA A . n 
A 1 8  ASN 8  8  8  ASN ASN A . n 
A 1 9  GLN 9  9  9  GLN GLN A . n 
A 1 10 LEU 10 10 10 LEU LEU A . n 
A 1 11 ILE 11 11 11 ILE ILE A . n 
A 1 12 PRO 12 12 12 PRO PRO A . n 
A 1 13 ILE 13 13 13 ILE ILE A . n 
A 1 14 ASN 14 14 14 ASN ASN A . n 
A 1 15 THR 15 15 15 THR THR A . n 
A 1 16 ALA 16 16 16 ALA ALA A . n 
A 1 17 LEU 17 17 17 LEU LEU A . n 
A 1 18 THR 18 18 18 THR THR A . n 
A 1 19 LEU 19 19 19 LEU LEU A . n 
A 1 20 ILE 20 20 20 ILE ILE A . n 
A 1 21 MET 21 21 21 MET MET A . n 
A 1 22 MET 22 22 22 MET MET A . n 
A 1 23 LYS 23 23 23 LYS LYS A . n 
A 1 24 ALA 24 24 24 ALA ALA A . n 
A 1 25 GLU 25 25 25 GLU GLU A . n 
A 1 26 VAL 26 26 26 VAL VAL A . n 
A 1 27 VAL 27 27 27 VAL VAL A . n 
A 1 28 THR 28 28 28 THR THR A . n 
A 1 29 PRO 29 29 29 PRO PRO A . n 
A 1 30 MET 30 30 30 MET MET A . n 
A 1 31 GLY 31 31 31 GLY GLY A . n 
A 1 32 ILE 32 32 32 ILE ILE A . n 
A 1 33 PRO 33 33 33 PRO PRO A . n 
A 1 34 ALA 34 34 34 ALA ALA A . n 
A 1 35 GLU 35 35 35 GLU GLU A . n 
A 1 36 GLU 36 36 36 GLU GLU A . n 
A 1 37 ILE 37 37 37 ILE ILE A . n 
A 1 38 PRO 38 38 38 PRO PRO A . n 
A 1 39 LYS 39 39 39 LYS LYS A . n 
A 1 40 LEU 40 40 40 LEU LEU A . n 
A 1 41 VAL 41 41 41 VAL VAL A . n 
A 1 42 GLY 42 42 42 GLY GLY A . n 
A 1 43 MET 43 43 43 MET MET A . n 
A 1 44 GLN 44 44 44 GLN GLN A . n 
A 1 45 VAL 45 45 45 VAL VAL A . n 
A 1 46 ASN 46 46 46 ASN ASN A . n 
A 1 47 ARG 47 47 47 ARG ARG A . n 
A 1 48 ALA 48 48 48 ALA ALA A . n 
A 1 49 VAL 49 49 49 VAL VAL A . n 
A 1 50 PRO 50 50 50 PRO PRO A . n 
A 1 51 LEU 51 51 51 LEU LEU A . n 
A 1 52 GLY 52 52 52 GLY GLY A . n 
A 1 53 THR 53 53 53 THR THR A . n 
A 1 54 THR 54 54 54 THR THR A . n 
A 1 55 LEU 55 55 55 LEU LEU A . n 
A 1 56 MET 56 56 56 MET MET A . n 
A 1 57 PRO 57 57 57 PRO PRO A . n 
A 1 58 ASP 58 58 58 ASP ASP A . n 
A 1 59 MET 59 59 59 MET MET A . n 
A 1 60 VAL 60 60 60 VAL VAL A . n 
A 1 61 LYS 61 61 61 LYS LYS A . n 
A 1 62 ASN 62 62 62 ASN ASN A . n 
A 1 63 TYR 63 63 63 TYR TYR A . n 
A 1 64 GLU 64 64 64 GLU GLU A . n 
# 
loop_
_pdbx_nonpoly_scheme.asym_id 
_pdbx_nonpoly_scheme.entity_id 
_pdbx_nonpoly_scheme.mon_id 
_pdbx_nonpoly_scheme.ndb_seq_num 
_pdbx_nonpoly_scheme.pdb_seq_num 
_pdbx_nonpoly_scheme.auth_seq_num 
_pdbx_nonpoly_scheme.pdb_mon_id 
_pdbx_nonpoly_scheme.auth_mon_id 
_pdbx_nonpoly_scheme.pdb_strand_id 
_pdbx_nonpoly_scheme.pdb_ins_code 
B 2 HOH 1   101 101 HOH HOH A . 
B 2 HOH 2   102 102 HOH HOH A . 
B 2 HOH 3   103 103 HOH HOH A . 
B 2 HOH 4   104 104 HOH HOH A . 
B 2 HOH 5   105 105 HOH HOH A . 
B 2 HOH 6   106 106 HOH HOH A . 
B 2 HOH 7   107 107 HOH HOH A . 
B 2 HOH 8   108 108 HOH HOH A . 
B 2 HOH 9   109 109 HOH HOH A . 
B 2 HOH 10  110 110 HOH HOH A . 
B 2 HOH 11  111 111 HOH HOH A . 
B 2 HOH 12  112 112 HOH HOH A . 
B 2 HOH 13  113 113 HOH HOH A . 
B 2 HOH 14  114 114 HOH HOH A . 
B 2 HOH 15  115 115 HOH HOH A . 
B 2 HOH 16  116 116 HOH HOH A . 
B 2 HOH 17  117 117 HOH HOH A . 
B 2 HOH 18  118 118 HOH HOH A . 
B 2 HOH 19  119 119 HOH HOH A . 
B 2 HOH 20  120 120 HOH HOH A . 
B 2 HOH 21  121 121 HOH HOH A . 
B 2 HOH 22  122 122 HOH HOH A . 
B 2 HOH 23  123 123 HOH HOH A . 
B 2 HOH 24  124 124 HOH HOH A . 
B 2 HOH 25  125 125 HOH HOH A . 
B 2 HOH 26  126 126 HOH HOH A . 
B 2 HOH 27  127 127 HOH HOH A . 
B 2 HOH 28  128 128 HOH HOH A . 
B 2 HOH 29  129 129 HOH HOH A . 
B 2 HOH 30  130 130 HOH HOH A . 
B 2 HOH 31  131 131 HOH HOH A . 
B 2 HOH 32  132 132 HOH HOH A . 
B 2 HOH 33  133 133 HOH HOH A . 
B 2 HOH 34  134 134 HOH HOH A . 
B 2 HOH 35  135 135 HOH HOH A . 
B 2 HOH 36  136 136 HOH HOH A . 
B 2 HOH 37  137 137 HOH HOH A . 
B 2 HOH 38  138 138 HOH HOH A . 
B 2 HOH 39  139 139 HOH HOH A . 
B 2 HOH 40  140 140 HOH HOH A . 
B 2 HOH 41  141 141 HOH HOH A . 
B 2 HOH 42  142 142 HOH HOH A . 
B 2 HOH 43  143 143 HOH HOH A . 
B 2 HOH 44  144 144 HOH HOH A . 
B 2 HOH 45  145 145 HOH HOH A . 
B 2 HOH 46  146 146 HOH HOH A . 
B 2 HOH 47  147 147 HOH HOH A . 
B 2 HOH 48  148 148 HOH HOH A . 
B 2 HOH 49  149 149 HOH HOH A . 
B 2 HOH 50  150 150 HOH HOH A . 
B 2 HOH 51  151 151 HOH HOH A . 
B 2 HOH 52  152 152 HOH HOH A . 
B 2 HOH 53  153 153 HOH HOH A . 
B 2 HOH 54  154 154 HOH HOH A . 
B 2 HOH 55  155 155 HOH HOH A . 
B 2 HOH 56  156 156 HOH HOH A . 
B 2 HOH 57  157 157 HOH HOH A . 
B 2 HOH 58  158 158 HOH HOH A . 
B 2 HOH 59  159 159 HOH HOH A . 
B 2 HOH 60  160 160 HOH HOH A . 
B 2 HOH 61  161 161 HOH HOH A . 
B 2 HOH 62  162 162 HOH HOH A . 
B 2 HOH 63  163 163 HOH HOH A . 
B 2 HOH 64  164 164 HOH HOH A . 
B 2 HOH 65  165 165 HOH HOH A . 
B 2 HOH 66  166 166 HOH HOH A . 
B 2 HOH 67  167 167 HOH HOH A . 
B 2 HOH 68  168 168 HOH HOH A . 
B 2 HOH 69  169 169 HOH HOH A . 
B 2 HOH 70  170 170 HOH HOH A . 
B 2 HOH 71  171 171 HOH HOH A . 
B 2 HOH 72  172 172 HOH HOH A . 
B 2 HOH 73  173 173 HOH HOH A . 
B 2 HOH 74  174 174 HOH HOH A . 
B 2 HOH 75  175 175 HOH HOH A . 
B 2 HOH 76  176 176 HOH HOH A . 
B 2 HOH 77  177 177 HOH HOH A . 
B 2 HOH 78  178 178 HOH HOH A . 
B 2 HOH 79  179 179 HOH HOH A . 
B 2 HOH 80  180 180 HOH HOH A . 
B 2 HOH 81  181 181 HOH HOH A . 
B 2 HOH 82  182 182 HOH HOH A . 
B 2 HOH 83  183 183 HOH HOH A . 
B 2 HOH 84  184 184 HOH HOH A . 
B 2 HOH 85  185 185 HOH HOH A . 
B 2 HOH 86  186 186 HOH HOH A . 
B 2 HOH 87  187 187 HOH HOH A . 
B 2 HOH 88  188 188 HOH HOH A . 
B 2 HOH 89  189 189 HOH HOH A . 
B 2 HOH 90  190 190 HOH HOH A . 
B 2 HOH 91  191 191 HOH HOH A . 
B 2 HOH 92  192 192 HOH HOH A . 
B 2 HOH 93  193 193 HOH HOH A . 
B 2 HOH 94  194 194 HOH HOH A . 
B 2 HOH 95  195 195 HOH HOH A . 
B 2 HOH 96  196 196 HOH HOH A . 
B 2 HOH 97  197 197 HOH HOH A . 
B 2 HOH 98  198 198 HOH HOH A . 
B 2 HOH 99  199 199 HOH HOH A . 
B 2 HOH 100 200 200 HOH HOH A . 
B 2 HOH 101 201 201 HOH HOH A . 
B 2 HOH 102 202 202 HOH HOH A . 
B 2 HOH 103 203 203 HOH HOH A . 
B 2 HOH 104 204 204 HOH HOH A . 
B 2 HOH 105 205 205 HOH HOH A . 
B 2 HOH 106 206 206 HOH HOH A . 
B 2 HOH 107 207 207 HOH HOH A . 
B 2 HOH 108 208 208 HOH HOH A . 
B 2 HOH 109 209 209 HOH HOH A . 
B 2 HOH 110 210 210 HOH HOH A . 
B 2 HOH 111 211 211 HOH HOH A . 
B 2 HOH 112 212 212 HOH HOH A . 
B 2 HOH 113 213 213 HOH HOH A . 
B 2 HOH 114 214 214 HOH HOH A . 
B 2 HOH 115 215 215 HOH HOH A . 
B 2 HOH 116 216 216 HOH HOH A . 
B 2 HOH 117 217 217 HOH HOH A . 
B 2 HOH 118 218 218 HOH HOH A . 
B 2 HOH 119 219 219 HOH HOH A . 
B 2 HOH 120 220 220 HOH HOH A . 
B 2 HOH 121 221 221 HOH HOH A . 
B 2 HOH 122 222 222 HOH HOH A . 
B 2 HOH 123 223 223 HOH HOH A . 
B 2 HOH 124 224 224 HOH HOH A . 
B 2 HOH 125 225 225 HOH HOH A . 
B 2 HOH 126 226 226 HOH HOH A . 
B 2 HOH 127 227 227 HOH HOH A . 
B 2 HOH 128 228 228 HOH HOH A . 
B 2 HOH 129 229 229 HOH HOH A . 
B 2 HOH 130 230 230 HOH HOH A . 
B 2 HOH 131 231 231 HOH HOH A . 
B 2 HOH 132 232 232 HOH HOH A . 
B 2 HOH 133 233 233 HOH HOH A . 
B 2 HOH 134 234 234 HOH HOH A . 
B 2 HOH 135 235 235 HOH HOH A . 
B 2 HOH 136 236 236 HOH HOH A . 
B 2 HOH 137 237 237 HOH HOH A . 
B 2 HOH 138 238 238 HOH HOH A . 
B 2 HOH 139 239 239 HOH HOH A . 
B 2 HOH 140 240 240 HOH HOH A . 
B 2 HOH 141 241 241 HOH HOH A . 
B 2 HOH 142 242 242 HOH HOH A . 
B 2 HOH 143 243 243 HOH HOH A . 
B 2 HOH 144 244 244 HOH HOH A . 
B 2 HOH 145 245 245 HOH HOH A . 
B 2 HOH 146 246 246 HOH HOH A . 
B 2 HOH 147 247 247 HOH HOH A . 
B 2 HOH 148 248 248 HOH HOH A . 
B 2 HOH 149 249 249 HOH HOH A . 
B 2 HOH 150 250 250 HOH HOH A . 
B 2 HOH 151 251 251 HOH HOH A . 
B 2 HOH 152 252 252 HOH HOH A . 
B 2 HOH 153 253 253 HOH HOH A . 
B 2 HOH 154 254 254 HOH HOH A . 
B 2 HOH 155 255 255 HOH HOH A . 
B 2 HOH 156 256 256 HOH HOH A . 
B 2 HOH 157 257 257 HOH HOH A . 
B 2 HOH 158 258 258 HOH HOH A . 
B 2 HOH 159 259 259 HOH HOH A . 
B 2 HOH 160 260 260 HOH HOH A . 
B 2 HOH 161 261 261 HOH HOH A . 
B 2 HOH 162 262 262 HOH HOH A . 
B 2 HOH 163 263 263 HOH HOH A . 
B 2 HOH 164 264 264 HOH HOH A . 
B 2 HOH 165 265 265 HOH HOH A . 
B 2 HOH 166 266 266 HOH HOH A . 
B 2 HOH 167 267 267 HOH HOH A . 
B 2 HOH 168 268 268 HOH HOH A . 
B 2 HOH 169 269 269 HOH HOH A . 
B 2 HOH 170 270 270 HOH HOH A . 
B 2 HOH 171 271 271 HOH HOH A . 
B 2 HOH 172 272 272 HOH HOH A . 
B 2 HOH 173 273 273 HOH HOH A . 
B 2 HOH 174 274 274 HOH HOH A . 
B 2 HOH 175 275 275 HOH HOH A . 
B 2 HOH 176 276 276 HOH HOH A . 
B 2 HOH 177 277 277 HOH HOH A . 
B 2 HOH 178 278 278 HOH HOH A . 
B 2 HOH 179 279 279 HOH HOH A . 
B 2 HOH 180 280 280 HOH HOH A . 
B 2 HOH 181 281 281 HOH HOH A . 
B 2 HOH 182 282 282 HOH HOH A . 
B 2 HOH 183 283 283 HOH HOH A . 
B 2 HOH 184 284 284 HOH HOH A . 
B 2 HOH 185 285 285 HOH HOH A . 
B 2 HOH 186 286 286 HOH HOH A . 
B 2 HOH 187 287 287 HOH HOH A . 
B 2 HOH 188 288 288 HOH HOH A . 
B 2 HOH 189 289 289 HOH HOH A . 
B 2 HOH 190 290 290 HOH HOH A . 
B 2 HOH 191 291 291 HOH HOH A . 
B 2 HOH 192 292 292 HOH HOH A . 
B 2 HOH 193 293 293 HOH HOH A . 
B 2 HOH 194 294 294 HOH HOH A . 
B 2 HOH 195 295 295 HOH HOH A . 
B 2 HOH 196 296 296 HOH HOH A . 
B 2 HOH 197 297 297 HOH HOH A . 
B 2 HOH 198 298 298 HOH HOH A . 
B 2 HOH 199 299 299 HOH HOH A . 
B 2 HOH 200 300 300 HOH HOH A . 
B 2 HOH 201 301 301 HOH HOH A . 
B 2 HOH 202 302 302 HOH HOH A . 
B 2 HOH 203 303 303 HOH HOH A . 
B 2 HOH 204 304 304 HOH HOH A . 
B 2 HOH 205 305 305 HOH HOH A . 
B 2 HOH 206 306 306 HOH HOH A . 
B 2 HOH 207 307 307 HOH HOH A . 
B 2 HOH 208 308 308 HOH HOH A . 
B 2 HOH 209 309 309 HOH HOH A . 
B 2 HOH 210 310 310 HOH HOH A . 
B 2 HOH 211 311 311 HOH HOH A . 
B 2 HOH 212 312 312 HOH HOH A . 
B 2 HOH 213 313 313 HOH HOH A . 
B 2 HOH 214 314 314 HOH HOH A . 
B 2 HOH 215 315 315 HOH HOH A . 
B 2 HOH 216 316 316 HOH HOH A . 
B 2 HOH 217 317 317 HOH HOH A . 
B 2 HOH 218 318 318 HOH HOH A . 
B 2 HOH 219 319 319 HOH HOH A . 
B 2 HOH 220 320 320 HOH HOH A . 
B 2 HOH 221 321 321 HOH HOH A . 
B 2 HOH 222 322 322 HOH HOH A . 
B 2 HOH 223 323 323 HOH HOH A . 
B 2 HOH 224 324 324 HOH HOH A . 
B 2 HOH 225 325 325 HOH HOH A . 
B 2 HOH 226 326 326 HOH HOH A . 
B 2 HOH 227 327 327 HOH HOH A . 
B 2 HOH 228 328 328 HOH HOH A . 
B 2 HOH 229 329 329 HOH HOH A . 
B 2 HOH 230 330 330 HOH HOH A . 
B 2 HOH 231 331 331 HOH HOH A . 
B 2 HOH 232 332 332 HOH HOH A . 
B 2 HOH 233 333 333 HOH HOH A . 
B 2 HOH 234 334 334 HOH HOH A . 
B 2 HOH 235 335 335 HOH HOH A . 
B 2 HOH 236 336 336 HOH HOH A . 
B 2 HOH 237 337 337 HOH HOH A . 
B 2 HOH 238 338 338 HOH HOH A . 
B 2 HOH 239 339 339 HOH HOH A . 
B 2 HOH 240 340 340 HOH HOH A . 
# 
loop_
_software.name 
_software.classification 
_software.version 
_software.citation_id 
_software.pdbx_ordinal 
DENZO     'data reduction' . ? 1 
SCALEPACK 'data scaling'   . ? 2 
X-PLOR    'model building' . ? 3 
SHELXL-97 refinement       . ? 4 
X-PLOR    phasing          . ? 5 
# 
_cell.entry_id           1UCS 
_cell.length_a           32.501 
_cell.length_b           39.502 
_cell.length_c           44.640 
_cell.angle_alpha        90.00 
_cell.angle_beta         90.00 
_cell.angle_gamma        90.00 
_cell.Z_PDB              4 
_cell.pdbx_unique_axis   ? 
# 
_symmetry.entry_id                         1UCS 
_symmetry.space_group_name_H-M             'P 21 21 21' 
_symmetry.pdbx_full_space_group_name_H-M   ? 
_symmetry.cell_setting                     ? 
_symmetry.Int_Tables_number                19 
# 
_exptl.entry_id          1UCS 
_exptl.method            'X-RAY DIFFRACTION' 
_exptl.crystals_number   1 
# 
_exptl_crystal.id                    1 
_exptl_crystal.density_meas          ? 
_exptl_crystal.density_Matthews      1.40 
_exptl_crystal.density_percent_sol   11.58 
_exptl_crystal.description           ? 
# 
_exptl_crystal_grow.crystal_id      1 
_exptl_crystal_grow.method          'VAPOR DIFFUSION, HANGING DROP' 
_exptl_crystal_grow.temp            298.0 
_exptl_crystal_grow.temp_details    ? 
_exptl_crystal_grow.pH              7.5 
_exptl_crystal_grow.pdbx_details    'Ammonium Sulfate, Tris-HCl, pH 7.5, VAPOR DIFFUSION, HANGING DROP, temperature 298.0K' 
_exptl_crystal_grow.pdbx_pH_range   . 
# 
_diffrn.id                     1 
_diffrn.ambient_temp           110.0 
_diffrn.ambient_temp_details   ? 
_diffrn.crystal_id             1 
# 
_diffrn_detector.diffrn_id              1 
_diffrn_detector.detector               CCD 
_diffrn_detector.type                   CUSTOM-MADE 
_diffrn_detector.pdbx_collection_date   2000-01-23 
_diffrn_detector.details                ? 
# 
_diffrn_radiation.diffrn_id                        1 
_diffrn_radiation.wavelength_id                    1 
_diffrn_radiation.pdbx_monochromatic_or_laue_m_l   M 
_diffrn_radiation.monochromator                    'Si 111 CHANNEL' 
_diffrn_radiation.pdbx_diffrn_protocol             'SINGLE WAVELENGTH' 
_diffrn_radiation.pdbx_scattering_type             x-ray 
# 
_diffrn_radiation_wavelength.id           1 
_diffrn_radiation_wavelength.wavelength   0.6668 
_diffrn_radiation_wavelength.wt           1.0 
# 
_diffrn_source.diffrn_id                   1 
_diffrn_source.source                      SYNCHROTRON 
_diffrn_source.type                        'APS BEAMLINE 19-ID' 
_diffrn_source.pdbx_synchrotron_site       APS 
_diffrn_source.pdbx_synchrotron_beamline   19-ID 
_diffrn_source.pdbx_wavelength             ? 
_diffrn_source.pdbx_wavelength_list        0.6668 
# 
_reflns.entry_id                     1UCS 
_reflns.observed_criterion_sigma_F   0.0 
_reflns.observed_criterion_sigma_I   1.0 
_reflns.d_resolution_high            0.62 
_reflns.d_resolution_low             50.0 
_reflns.number_all                   127366 
_reflns.number_obs                   118502 
_reflns.percent_possible_obs         94.0 
_reflns.pdbx_Rmerge_I_obs            0.072 
_reflns.pdbx_Rsym_value              ? 
_reflns.pdbx_netI_over_sigmaI        21.5 
_reflns.B_iso_Wilson_estimate        ? 
_reflns.pdbx_redundancy              3.3 
_reflns.R_free_details               ? 
_reflns.limit_h_max                  ? 
_reflns.limit_h_min                  ? 
_reflns.limit_k_max                  ? 
_reflns.limit_k_min                  ? 
_reflns.limit_l_max                  ? 
_reflns.limit_l_min                  ? 
_reflns.observed_criterion_F_max     ? 
_reflns.observed_criterion_F_min     ? 
_reflns.pdbx_diffrn_id               1 
_reflns.pdbx_ordinal                 1 
# 
_reflns_shell.d_res_high             0.62 
_reflns_shell.d_res_low              0.64 
_reflns_shell.percent_possible_all   91.8 
_reflns_shell.Rmerge_I_obs           0.653 
_reflns_shell.pdbx_Rsym_value        ? 
_reflns_shell.meanI_over_sigI_obs    1.2 
_reflns_shell.pdbx_redundancy        1.9 
_reflns_shell.percent_possible_obs   ? 
_reflns_shell.number_unique_all      10198 
_reflns_shell.pdbx_diffrn_id         ? 
_reflns_shell.pdbx_ordinal           1 
# 
_refine.entry_id                                 1UCS 
_refine.ls_d_res_high                            0.62 
_refine.ls_d_res_low                             22.32 
_refine.pdbx_ls_sigma_F                          0.0 
_refine.pdbx_ls_sigma_I                          0.0 
_refine.ls_number_reflns_all                     127291 
_refine.ls_number_reflns_obs                     118101 
_refine.ls_number_reflns_R_free                  5902 
_refine.ls_percent_reflns_obs                    92.8 
_refine.ls_R_factor_all                          0.139 
_refine.ls_R_factor_obs                          0.137 
_refine.ls_R_factor_R_work                       0.133 
_refine.ls_R_factor_R_free                       0.155 
_refine.ls_redundancy_reflns_obs                 ? 
_refine.pdbx_data_cutoff_high_absF               ? 
_refine.pdbx_data_cutoff_low_absF                ? 
_refine.ls_number_parameters                     ? 
_refine.ls_number_restraints                     ? 
_refine.ls_percent_reflns_R_free                 ? 
_refine.ls_R_factor_R_free_error                 ? 
_refine.ls_R_factor_R_free_error_details         ? 
_refine.pdbx_method_to_determine_struct          'MOLECULAR REPLACEMENT' 
_refine.pdbx_starting_model                      'A polypeptide model derived from NMR experiments' 
_refine.pdbx_ls_cross_valid_method               THROUGHOUT 
_refine.pdbx_R_Free_selection_details            random 
_refine.pdbx_stereochem_target_val_spec_case     ? 
_refine.pdbx_stereochemistry_target_values       'Engh & Huber' 
_refine.solvent_model_details                    ? 
_refine.solvent_model_param_bsol                 ? 
_refine.solvent_model_param_ksol                 ? 
_refine.occupancy_max                            ? 
_refine.occupancy_min                            ? 
_refine.pdbx_isotropic_thermal_model             anisotropic 
_refine.B_iso_mean                               8.91 
_refine.aniso_B[1][1]                            ? 
_refine.aniso_B[1][2]                            ? 
_refine.aniso_B[1][3]                            ? 
_refine.aniso_B[2][2]                            ? 
_refine.aniso_B[2][3]                            ? 
_refine.aniso_B[3][3]                            ? 
_refine.details                                  
;anisotropic model was used in refinement and 
then the converted to isotropic B values
;
_refine.B_iso_min                                ? 
_refine.B_iso_max                                ? 
_refine.correlation_coeff_Fo_to_Fc               ? 
_refine.correlation_coeff_Fo_to_Fc_free          ? 
_refine.pdbx_solvent_vdw_probe_radii             ? 
_refine.pdbx_solvent_ion_probe_radii             ? 
_refine.pdbx_solvent_shrinkage_radii             ? 
_refine.overall_SU_R_Cruickshank_DPI             ? 
_refine.overall_SU_R_free                        ? 
_refine.overall_SU_B                             ? 
_refine.overall_SU_ML                            ? 
_refine.pdbx_overall_ESU_R                       ? 
_refine.pdbx_overall_ESU_R_Free                  ? 
_refine.pdbx_data_cutoff_high_rms_absF           ? 
_refine.pdbx_refine_id                           'X-RAY DIFFRACTION' 
_refine.pdbx_diffrn_id                           1 
_refine.pdbx_TLS_residual_ADP_flag               ? 
_refine.pdbx_overall_phase_error                 ? 
_refine.pdbx_overall_SU_R_free_Cruickshank_DPI   ? 
_refine.pdbx_overall_SU_R_Blow_DPI               ? 
_refine.pdbx_overall_SU_R_free_Blow_DPI          ? 
# 
_refine_hist.pdbx_refine_id                   'X-RAY DIFFRACTION' 
_refine_hist.cycle_id                         LAST 
_refine_hist.pdbx_number_atoms_protein        1020 
_refine_hist.pdbx_number_atoms_nucleic_acid   0 
_refine_hist.pdbx_number_atoms_ligand         0 
_refine_hist.number_atoms_solvent             240 
_refine_hist.number_atoms_total               1260 
_refine_hist.d_res_high                       0.62 
_refine_hist.d_res_low                        22.32 
# 
_refine_ls_restr.type                      s_bond_d 
_refine_ls_restr.dev_ideal                 0.012 
_refine_ls_restr.dev_ideal_target          ? 
_refine_ls_restr.weight                    ? 
_refine_ls_restr.number                    ? 
_refine_ls_restr.pdbx_refine_id            'X-RAY DIFFRACTION' 
_refine_ls_restr.pdbx_restraint_function   ? 
# 
_refine_ls_shell.pdbx_total_number_of_bins_used   ? 
_refine_ls_shell.d_res_high                       0.62 
_refine_ls_shell.d_res_low                        0.65 
_refine_ls_shell.number_reflns_R_work             ? 
_refine_ls_shell.R_factor_R_work                  0.265 
_refine_ls_shell.percent_reflns_obs               69.4 
_refine_ls_shell.R_factor_R_free                  0.291 
_refine_ls_shell.R_factor_R_free_error            0.015 
_refine_ls_shell.percent_reflns_R_free            ? 
_refine_ls_shell.number_reflns_R_free             582 
_refine_ls_shell.number_reflns_obs                11845 
_refine_ls_shell.redundancy_reflns_obs            ? 
_refine_ls_shell.number_reflns_all                ? 
_refine_ls_shell.pdbx_refine_id                   'X-RAY DIFFRACTION' 
_refine_ls_shell.R_factor_all                     ? 
# 
_struct.entry_id                  1UCS 
_struct.title                     'Type III Antifreeze Protein RD1 from an Antarctic Eel Pout' 
_struct.pdbx_model_details        ? 
_struct.pdbx_CASP_flag            ? 
_struct.pdbx_model_type_details   ? 
# 
_struct_keywords.entry_id        1UCS 
_struct_keywords.pdbx_keywords   'ANTIFREEZE PROTEIN' 
_struct_keywords.text            'Small Beta Barrel, Pretzel Fold, ANTIFREEZE PROTEIN' 
# 
loop_
_struct_asym.id 
_struct_asym.pdbx_blank_PDB_chainid_flag 
_struct_asym.pdbx_modified 
_struct_asym.entity_id 
_struct_asym.details 
A N N 1 ? 
B N N 2 ? 
# 
_struct_ref.id                         1 
_struct_ref.db_name                    UNP 
_struct_ref.db_code                    ANP1_RHIDE 
_struct_ref.entity_id                  1 
_struct_ref.pdbx_seq_one_letter_code   NKASVVANQLIPINTALTLIMMKAEVVTPMGIPAEEIPKLVGMQVNRAVPLGTTLMPDMVKNYE 
_struct_ref.pdbx_align_begin           1 
_struct_ref.pdbx_db_accession          P35751 
_struct_ref.pdbx_db_isoform            ? 
# 
_struct_ref_seq.align_id                      1 
_struct_ref_seq.ref_id                        1 
_struct_ref_seq.pdbx_PDB_id_code              1UCS 
_struct_ref_seq.pdbx_strand_id                A 
_struct_ref_seq.seq_align_beg                 1 
_struct_ref_seq.pdbx_seq_align_beg_ins_code   ? 
_struct_ref_seq.seq_align_end                 64 
_struct_ref_seq.pdbx_seq_align_end_ins_code   ? 
_struct_ref_seq.pdbx_db_accession             P35751 
_struct_ref_seq.db_align_beg                  1 
_struct_ref_seq.pdbx_db_align_beg_ins_code    ? 
_struct_ref_seq.db_align_end                  64 
_struct_ref_seq.pdbx_db_align_end_ins_code    ? 
_struct_ref_seq.pdbx_auth_seq_align_beg       1 
_struct_ref_seq.pdbx_auth_seq_align_end       64 
# 
_pdbx_struct_assembly.id                   1 
_pdbx_struct_assembly.details              author_defined_assembly 
_pdbx_struct_assembly.method_details       ? 
_pdbx_struct_assembly.oligomeric_details   monomeric 
_pdbx_struct_assembly.oligomeric_count     1 
# 
_pdbx_struct_assembly_gen.assembly_id       1 
_pdbx_struct_assembly_gen.oper_expression   1 
_pdbx_struct_assembly_gen.asym_id_list      A,B 
# 
_pdbx_struct_oper_list.id                   1 
_pdbx_struct_oper_list.type                 'identity operation' 
_pdbx_struct_oper_list.name                 1_555 
_pdbx_struct_oper_list.symmetry_operation   x,y,z 
_pdbx_struct_oper_list.matrix[1][1]         1.0000000000 
_pdbx_struct_oper_list.matrix[1][2]         0.0000000000 
_pdbx_struct_oper_list.matrix[1][3]         0.0000000000 
_pdbx_struct_oper_list.vector[1]            0.0000000000 
_pdbx_struct_oper_list.matrix[2][1]         0.0000000000 
_pdbx_struct_oper_list.matrix[2][2]         1.0000000000 
_pdbx_struct_oper_list.matrix[2][3]         0.0000000000 
_pdbx_struct_oper_list.vector[2]            0.0000000000 
_pdbx_struct_oper_list.matrix[3][1]         0.0000000000 
_pdbx_struct_oper_list.matrix[3][2]         0.0000000000 
_pdbx_struct_oper_list.matrix[3][3]         1.0000000000 
_pdbx_struct_oper_list.vector[3]            0.0000000000 
# 
_struct_biol.id                    1 
_struct_biol.pdbx_parent_biol_id   ? 
_struct_biol.details               ? 
# 
loop_
_struct_conf.conf_type_id 
_struct_conf.id 
_struct_conf.pdbx_PDB_helix_id 
_struct_conf.beg_label_comp_id 
_struct_conf.beg_label_asym_id 
_struct_conf.beg_label_seq_id 
_struct_conf.pdbx_beg_PDB_ins_code 
_struct_conf.end_label_comp_id 
_struct_conf.end_label_asym_id 
_struct_conf.end_label_seq_id 
_struct_conf.pdbx_end_PDB_ins_code 
_struct_conf.beg_auth_comp_id 
_struct_conf.beg_auth_asym_id 
_struct_conf.beg_auth_seq_id 
_struct_conf.end_auth_comp_id 
_struct_conf.end_auth_asym_id 
_struct_conf.end_auth_seq_id 
_struct_conf.pdbx_PDB_helix_class 
_struct_conf.details 
_struct_conf.pdbx_PDB_helix_length 
HELX_P HELX_P1 1 THR A 18 ? ILE A 20 ? THR A 18 ILE A 20 5 ? 3 
HELX_P HELX_P2 2 PRO A 33 ? GLU A 35 ? PRO A 33 GLU A 35 5 ? 3 
HELX_P HELX_P3 3 GLU A 36 ? VAL A 41 ? GLU A 36 VAL A 41 1 ? 6 
HELX_P HELX_P4 4 MET A 56 ? VAL A 60 ? MET A 56 VAL A 60 5 ? 5 
# 
_struct_conf_type.id          HELX_P 
_struct_conf_type.criteria    ? 
_struct_conf_type.reference   ? 
# 
_struct_mon_prot_cis.pdbx_id                1 
_struct_mon_prot_cis.label_comp_id          THR 
_struct_mon_prot_cis.label_seq_id           28 
_struct_mon_prot_cis.label_asym_id          A 
_struct_mon_prot_cis.label_alt_id           . 
_struct_mon_prot_cis.pdbx_PDB_ins_code      ? 
_struct_mon_prot_cis.auth_comp_id           THR 
_struct_mon_prot_cis.auth_seq_id            28 
_struct_mon_prot_cis.auth_asym_id           A 
_struct_mon_prot_cis.pdbx_label_comp_id_2   PRO 
_struct_mon_prot_cis.pdbx_label_seq_id_2    29 
_struct_mon_prot_cis.pdbx_label_asym_id_2   A 
_struct_mon_prot_cis.pdbx_PDB_ins_code_2    ? 
_struct_mon_prot_cis.pdbx_auth_comp_id_2    PRO 
_struct_mon_prot_cis.pdbx_auth_seq_id_2     29 
_struct_mon_prot_cis.pdbx_auth_asym_id_2    A 
_struct_mon_prot_cis.pdbx_PDB_model_num     1 
_struct_mon_prot_cis.pdbx_omega_angle       -3.23 
# 
_struct_sheet.id               A 
_struct_sheet.type             ? 
_struct_sheet.number_strands   2 
_struct_sheet.details          ? 
# 
_struct_sheet_order.sheet_id     A 
_struct_sheet_order.range_id_1   1 
_struct_sheet_order.range_id_2   2 
_struct_sheet_order.offset       ? 
_struct_sheet_order.sense        anti-parallel 
# 
loop_
_struct_sheet_range.sheet_id 
_struct_sheet_range.id 
_struct_sheet_range.beg_label_comp_id 
_struct_sheet_range.beg_label_asym_id 
_struct_sheet_range.beg_label_seq_id 
_struct_sheet_range.pdbx_beg_PDB_ins_code 
_struct_sheet_range.end_label_comp_id 
_struct_sheet_range.end_label_asym_id 
_struct_sheet_range.end_label_seq_id 
_struct_sheet_range.pdbx_end_PDB_ins_code 
_struct_sheet_range.beg_auth_comp_id 
_struct_sheet_range.beg_auth_asym_id 
_struct_sheet_range.beg_auth_seq_id 
_struct_sheet_range.end_auth_comp_id 
_struct_sheet_range.end_auth_asym_id 
_struct_sheet_range.end_auth_seq_id 
A 1 SER A 4  ? ALA A 7  ? SER A 4  ALA A 7  
A 2 MET A 22 ? GLU A 25 ? MET A 22 GLU A 25 
# 
_pdbx_struct_sheet_hbond.sheet_id                A 
_pdbx_struct_sheet_hbond.range_id_1              1 
_pdbx_struct_sheet_hbond.range_id_2              2 
_pdbx_struct_sheet_hbond.range_1_label_atom_id   N 
_pdbx_struct_sheet_hbond.range_1_label_comp_id   SER 
_pdbx_struct_sheet_hbond.range_1_label_asym_id   A 
_pdbx_struct_sheet_hbond.range_1_label_seq_id    4 
_pdbx_struct_sheet_hbond.range_1_PDB_ins_code    ? 
_pdbx_struct_sheet_hbond.range_1_auth_atom_id    N 
_pdbx_struct_sheet_hbond.range_1_auth_comp_id    SER 
_pdbx_struct_sheet_hbond.range_1_auth_asym_id    A 
_pdbx_struct_sheet_hbond.range_1_auth_seq_id     4 
_pdbx_struct_sheet_hbond.range_2_label_atom_id   O 
_pdbx_struct_sheet_hbond.range_2_label_comp_id   GLU 
_pdbx_struct_sheet_hbond.range_2_label_asym_id   A 
_pdbx_struct_sheet_hbond.range_2_label_seq_id    25 
_pdbx_struct_sheet_hbond.range_2_PDB_ins_code    ? 
_pdbx_struct_sheet_hbond.range_2_auth_atom_id    O 
_pdbx_struct_sheet_hbond.range_2_auth_comp_id    GLU 
_pdbx_struct_sheet_hbond.range_2_auth_asym_id    A 
_pdbx_struct_sheet_hbond.range_2_auth_seq_id     25 
# 
loop_
_pdbx_validate_rmsd_angle.id 
_pdbx_validate_rmsd_angle.PDB_model_num 
_pdbx_validate_rmsd_angle.auth_atom_id_1 
_pdbx_validate_rmsd_angle.auth_asym_id_1 
_pdbx_validate_rmsd_angle.auth_comp_id_1 
_pdbx_validate_rmsd_angle.auth_seq_id_1 
_pdbx_validate_rmsd_angle.PDB_ins_code_1 
_pdbx_validate_rmsd_angle.label_alt_id_1 
_pdbx_validate_rmsd_angle.auth_atom_id_2 
_pdbx_validate_rmsd_angle.auth_asym_id_2 
_pdbx_validate_rmsd_angle.auth_comp_id_2 
_pdbx_validate_rmsd_angle.auth_seq_id_2 
_pdbx_validate_rmsd_angle.PDB_ins_code_2 
_pdbx_validate_rmsd_angle.label_alt_id_2 
_pdbx_validate_rmsd_angle.auth_atom_id_3 
_pdbx_validate_rmsd_angle.auth_asym_id_3 
_pdbx_validate_rmsd_angle.auth_comp_id_3 
_pdbx_validate_rmsd_angle.auth_seq_id_3 
_pdbx_validate_rmsd_angle.PDB_ins_code_3 
_pdbx_validate_rmsd_angle.label_alt_id_3 
_pdbx_validate_rmsd_angle.angle_value 
_pdbx_validate_rmsd_angle.angle_target_value 
_pdbx_validate_rmsd_angle.angle_deviation 
_pdbx_validate_rmsd_angle.angle_standard_deviation 
_pdbx_validate_rmsd_angle.linker_flag 
1 1 CB  A ASN 1  ? ? CA A ASN 1  ? ? C   A ASN 1  ? A 123.42 110.40 13.02 2.00 N 
2 1 OE1 A GLU 35 ? ? CD A GLU 35 ? ? OE2 A GLU 35 ? ? 115.43 123.30 -7.87 1.20 N 
# 
loop_
_chem_comp_atom.comp_id 
_chem_comp_atom.atom_id 
_chem_comp_atom.type_symbol 
_chem_comp_atom.pdbx_aromatic_flag 
_chem_comp_atom.pdbx_stereo_config 
_chem_comp_atom.pdbx_ordinal 
ALA N    N N N 1   
ALA CA   C N S 2   
ALA C    C N N 3   
ALA O    O N N 4   
ALA CB   C N N 5   
ALA OXT  O N N 6   
ALA H    H N N 7   
ALA H2   H N N 8   
ALA HA   H N N 9   
ALA HB1  H N N 10  
ALA HB2  H N N 11  
ALA HB3  H N N 12  
ALA HXT  H N N 13  
ARG N    N N N 14  
ARG CA   C N S 15  
ARG C    C N N 16  
ARG O    O N N 17  
ARG CB   C N N 18  
ARG CG   C N N 19  
ARG CD   C N N 20  
ARG NE   N N N 21  
ARG CZ   C N N 22  
ARG NH1  N N N 23  
ARG NH2  N N N 24  
ARG OXT  O N N 25  
ARG H    H N N 26  
ARG H2   H N N 27  
ARG HA   H N N 28  
ARG HB2  H N N 29  
ARG HB3  H N N 30  
ARG HG2  H N N 31  
ARG HG3  H N N 32  
ARG HD2  H N N 33  
ARG HD3  H N N 34  
ARG HE   H N N 35  
ARG HH11 H N N 36  
ARG HH12 H N N 37  
ARG HH21 H N N 38  
ARG HH22 H N N 39  
ARG HXT  H N N 40  
ASN N    N N N 41  
ASN CA   C N S 42  
ASN C    C N N 43  
ASN O    O N N 44  
ASN CB   C N N 45  
ASN CG   C N N 46  
ASN OD1  O N N 47  
ASN ND2  N N N 48  
ASN OXT  O N N 49  
ASN H    H N N 50  
ASN H2   H N N 51  
ASN HA   H N N 52  
ASN HB2  H N N 53  
ASN HB3  H N N 54  
ASN HD21 H N N 55  
ASN HD22 H N N 56  
ASN HXT  H N N 57  
ASP N    N N N 58  
ASP CA   C N S 59  
ASP C    C N N 60  
ASP O    O N N 61  
ASP CB   C N N 62  
ASP CG   C N N 63  
ASP OD1  O N N 64  
ASP OD2  O N N 65  
ASP OXT  O N N 66  
ASP H    H N N 67  
ASP H2   H N N 68  
ASP HA   H N N 69  
ASP HB2  H N N 70  
ASP HB3  H N N 71  
ASP HD2  H N N 72  
ASP HXT  H N N 73  
GLN N    N N N 74  
GLN CA   C N S 75  
GLN C    C N N 76  
GLN O    O N N 77  
GLN CB   C N N 78  
GLN CG   C N N 79  
GLN CD   C N N 80  
GLN OE1  O N N 81  
GLN NE2  N N N 82  
GLN OXT  O N N 83  
GLN H    H N N 84  
GLN H2   H N N 85  
GLN HA   H N N 86  
GLN HB2  H N N 87  
GLN HB3  H N N 88  
GLN HG2  H N N 89  
GLN HG3  H N N 90  
GLN HE21 H N N 91  
GLN HE22 H N N 92  
GLN HXT  H N N 93  
GLU N    N N N 94  
GLU CA   C N S 95  
GLU C    C N N 96  
GLU O    O N N 97  
GLU CB   C N N 98  
GLU CG   C N N 99  
GLU CD   C N N 100 
GLU OE1  O N N 101 
GLU OE2  O N N 102 
GLU OXT  O N N 103 
GLU H    H N N 104 
GLU H2   H N N 105 
GLU HA   H N N 106 
GLU HB2  H N N 107 
GLU HB3  H N N 108 
GLU HG2  H N N 109 
GLU HG3  H N N 110 
GLU HE2  H N N 111 
GLU HXT  H N N 112 
GLY N    N N N 113 
GLY CA   C N N 114 
GLY C    C N N 115 
GLY O    O N N 116 
GLY OXT  O N N 117 
GLY H    H N N 118 
GLY H2   H N N 119 
GLY HA2  H N N 120 
GLY HA3  H N N 121 
GLY HXT  H N N 122 
HOH O    O N N 123 
HOH H1   H N N 124 
HOH H2   H N N 125 
ILE N    N N N 126 
ILE CA   C N S 127 
ILE C    C N N 128 
ILE O    O N N 129 
ILE CB   C N S 130 
ILE CG1  C N N 131 
ILE CG2  C N N 132 
ILE CD1  C N N 133 
ILE OXT  O N N 134 
ILE H    H N N 135 
ILE H2   H N N 136 
ILE HA   H N N 137 
ILE HB   H N N 138 
ILE HG12 H N N 139 
ILE HG13 H N N 140 
ILE HG21 H N N 141 
ILE HG22 H N N 142 
ILE HG23 H N N 143 
ILE HD11 H N N 144 
ILE HD12 H N N 145 
ILE HD13 H N N 146 
ILE HXT  H N N 147 
LEU N    N N N 148 
LEU CA   C N S 149 
LEU C    C N N 150 
LEU O    O N N 151 
LEU CB   C N N 152 
LEU CG   C N N 153 
LEU CD1  C N N 154 
LEU CD2  C N N 155 
LEU OXT  O N N 156 
LEU H    H N N 157 
LEU H2   H N N 158 
LEU HA   H N N 159 
LEU HB2  H N N 160 
LEU HB3  H N N 161 
LEU HG   H N N 162 
LEU HD11 H N N 163 
LEU HD12 H N N 164 
LEU HD13 H N N 165 
LEU HD21 H N N 166 
LEU HD22 H N N 167 
LEU HD23 H N N 168 
LEU HXT  H N N 169 
LYS N    N N N 170 
LYS CA   C N S 171 
LYS C    C N N 172 
LYS O    O N N 173 
LYS CB   C N N 174 
LYS CG   C N N 175 
LYS CD   C N N 176 
LYS CE   C N N 177 
LYS NZ   N N N 178 
LYS OXT  O N N 179 
LYS H    H N N 180 
LYS H2   H N N 181 
LYS HA   H N N 182 
LYS HB2  H N N 183 
LYS HB3  H N N 184 
LYS HG2  H N N 185 
LYS HG3  H N N 186 
LYS HD2  H N N 187 
LYS HD3  H N N 188 
LYS HE2  H N N 189 
LYS HE3  H N N 190 
LYS HZ1  H N N 191 
LYS HZ2  H N N 192 
LYS HZ3  H N N 193 
LYS HXT  H N N 194 
MET N    N N N 195 
MET CA   C N S 196 
MET C    C N N 197 
MET O    O N N 198 
MET CB   C N N 199 
MET CG   C N N 200 
MET SD   S N N 201 
MET CE   C N N 202 
MET OXT  O N N 203 
MET H    H N N 204 
MET H2   H N N 205 
MET HA   H N N 206 
MET HB2  H N N 207 
MET HB3  H N N 208 
MET HG2  H N N 209 
MET HG3  H N N 210 
MET HE1  H N N 211 
MET HE2  H N N 212 
MET HE3  H N N 213 
MET HXT  H N N 214 
PRO N    N N N 215 
PRO CA   C N S 216 
PRO C    C N N 217 
PRO O    O N N 218 
PRO CB   C N N 219 
PRO CG   C N N 220 
PRO CD   C N N 221 
PRO OXT  O N N 222 
PRO H    H N N 223 
PRO HA   H N N 224 
PRO HB2  H N N 225 
PRO HB3  H N N 226 
PRO HG2  H N N 227 
PRO HG3  H N N 228 
PRO HD2  H N N 229 
PRO HD3  H N N 230 
PRO HXT  H N N 231 
SER N    N N N 232 
SER CA   C N S 233 
SER C    C N N 234 
SER O    O N N 235 
SER CB   C N N 236 
SER OG   O N N 237 
SER OXT  O N N 238 
SER H    H N N 239 
SER H2   H N N 240 
SER HA   H N N 241 
SER HB2  H N N 242 
SER HB3  H N N 243 
SER HG   H N N 244 
SER HXT  H N N 245 
THR N    N N N 246 
THR CA   C N S 247 
THR C    C N N 248 
THR O    O N N 249 
THR CB   C N R 250 
THR OG1  O N N 251 
THR CG2  C N N 252 
THR OXT  O N N 253 
THR H    H N N 254 
THR H2   H N N 255 
THR HA   H N N 256 
THR HB   H N N 257 
THR HG1  H N N 258 
THR HG21 H N N 259 
THR HG22 H N N 260 
THR HG23 H N N 261 
THR HXT  H N N 262 
TYR N    N N N 263 
TYR CA   C N S 264 
TYR C    C N N 265 
TYR O    O N N 266 
TYR CB   C N N 267 
TYR CG   C Y N 268 
TYR CD1  C Y N 269 
TYR CD2  C Y N 270 
TYR CE1  C Y N 271 
TYR CE2  C Y N 272 
TYR CZ   C Y N 273 
TYR OH   O N N 274 
TYR OXT  O N N 275 
TYR H    H N N 276 
TYR H2   H N N 277 
TYR HA   H N N 278 
TYR HB2  H N N 279 
TYR HB3  H N N 280 
TYR HD1  H N N 281 
TYR HD2  H N N 282 
TYR HE1  H N N 283 
TYR HE2  H N N 284 
TYR HH   H N N 285 
TYR HXT  H N N 286 
VAL N    N N N 287 
VAL CA   C N S 288 
VAL C    C N N 289 
VAL O    O N N 290 
VAL CB   C N N 291 
VAL CG1  C N N 292 
VAL CG2  C N N 293 
VAL OXT  O N N 294 
VAL H    H N N 295 
VAL H2   H N N 296 
VAL HA   H N N 297 
VAL HB   H N N 298 
VAL HG11 H N N 299 
VAL HG12 H N N 300 
VAL HG13 H N N 301 
VAL HG21 H N N 302 
VAL HG22 H N N 303 
VAL HG23 H N N 304 
VAL HXT  H N N 305 
# 
loop_
_chem_comp_bond.comp_id 
_chem_comp_bond.atom_id_1 
_chem_comp_bond.atom_id_2 
_chem_comp_bond.value_order 
_chem_comp_bond.pdbx_aromatic_flag 
_chem_comp_bond.pdbx_stereo_config 
_chem_comp_bond.pdbx_ordinal 
ALA N   CA   sing N N 1   
ALA N   H    sing N N 2   
ALA N   H2   sing N N 3   
ALA CA  C    sing N N 4   
ALA CA  CB   sing N N 5   
ALA CA  HA   sing N N 6   
ALA C   O    doub N N 7   
ALA C   OXT  sing N N 8   
ALA CB  HB1  sing N N 9   
ALA CB  HB2  sing N N 10  
ALA CB  HB3  sing N N 11  
ALA OXT HXT  sing N N 12  
ARG N   CA   sing N N 13  
ARG N   H    sing N N 14  
ARG N   H2   sing N N 15  
ARG CA  C    sing N N 16  
ARG CA  CB   sing N N 17  
ARG CA  HA   sing N N 18  
ARG C   O    doub N N 19  
ARG C   OXT  sing N N 20  
ARG CB  CG   sing N N 21  
ARG CB  HB2  sing N N 22  
ARG CB  HB3  sing N N 23  
ARG CG  CD   sing N N 24  
ARG CG  HG2  sing N N 25  
ARG CG  HG3  sing N N 26  
ARG CD  NE   sing N N 27  
ARG CD  HD2  sing N N 28  
ARG CD  HD3  sing N N 29  
ARG NE  CZ   sing N N 30  
ARG NE  HE   sing N N 31  
ARG CZ  NH1  sing N N 32  
ARG CZ  NH2  doub N N 33  
ARG NH1 HH11 sing N N 34  
ARG NH1 HH12 sing N N 35  
ARG NH2 HH21 sing N N 36  
ARG NH2 HH22 sing N N 37  
ARG OXT HXT  sing N N 38  
ASN N   CA   sing N N 39  
ASN N   H    sing N N 40  
ASN N   H2   sing N N 41  
ASN CA  C    sing N N 42  
ASN CA  CB   sing N N 43  
ASN CA  HA   sing N N 44  
ASN C   O    doub N N 45  
ASN C   OXT  sing N N 46  
ASN CB  CG   sing N N 47  
ASN CB  HB2  sing N N 48  
ASN CB  HB3  sing N N 49  
ASN CG  OD1  doub N N 50  
ASN CG  ND2  sing N N 51  
ASN ND2 HD21 sing N N 52  
ASN ND2 HD22 sing N N 53  
ASN OXT HXT  sing N N 54  
ASP N   CA   sing N N 55  
ASP N   H    sing N N 56  
ASP N   H2   sing N N 57  
ASP CA  C    sing N N 58  
ASP CA  CB   sing N N 59  
ASP CA  HA   sing N N 60  
ASP C   O    doub N N 61  
ASP C   OXT  sing N N 62  
ASP CB  CG   sing N N 63  
ASP CB  HB2  sing N N 64  
ASP CB  HB3  sing N N 65  
ASP CG  OD1  doub N N 66  
ASP CG  OD2  sing N N 67  
ASP OD2 HD2  sing N N 68  
ASP OXT HXT  sing N N 69  
GLN N   CA   sing N N 70  
GLN N   H    sing N N 71  
GLN N   H2   sing N N 72  
GLN CA  C    sing N N 73  
GLN CA  CB   sing N N 74  
GLN CA  HA   sing N N 75  
GLN C   O    doub N N 76  
GLN C   OXT  sing N N 77  
GLN CB  CG   sing N N 78  
GLN CB  HB2  sing N N 79  
GLN CB  HB3  sing N N 80  
GLN CG  CD   sing N N 81  
GLN CG  HG2  sing N N 82  
GLN CG  HG3  sing N N 83  
GLN CD  OE1  doub N N 84  
GLN CD  NE2  sing N N 85  
GLN NE2 HE21 sing N N 86  
GLN NE2 HE22 sing N N 87  
GLN OXT HXT  sing N N 88  
GLU N   CA   sing N N 89  
GLU N   H    sing N N 90  
GLU N   H2   sing N N 91  
GLU CA  C    sing N N 92  
GLU CA  CB   sing N N 93  
GLU CA  HA   sing N N 94  
GLU C   O    doub N N 95  
GLU C   OXT  sing N N 96  
GLU CB  CG   sing N N 97  
GLU CB  HB2  sing N N 98  
GLU CB  HB3  sing N N 99  
GLU CG  CD   sing N N 100 
GLU CG  HG2  sing N N 101 
GLU CG  HG3  sing N N 102 
GLU CD  OE1  doub N N 103 
GLU CD  OE2  sing N N 104 
GLU OE2 HE2  sing N N 105 
GLU OXT HXT  sing N N 106 
GLY N   CA   sing N N 107 
GLY N   H    sing N N 108 
GLY N   H2   sing N N 109 
GLY CA  C    sing N N 110 
GLY CA  HA2  sing N N 111 
GLY CA  HA3  sing N N 112 
GLY C   O    doub N N 113 
GLY C   OXT  sing N N 114 
GLY OXT HXT  sing N N 115 
HOH O   H1   sing N N 116 
HOH O   H2   sing N N 117 
ILE N   CA   sing N N 118 
ILE N   H    sing N N 119 
ILE N   H2   sing N N 120 
ILE CA  C    sing N N 121 
ILE CA  CB   sing N N 122 
ILE CA  HA   sing N N 123 
ILE C   O    doub N N 124 
ILE C   OXT  sing N N 125 
ILE CB  CG1  sing N N 126 
ILE CB  CG2  sing N N 127 
ILE CB  HB   sing N N 128 
ILE CG1 CD1  sing N N 129 
ILE CG1 HG12 sing N N 130 
ILE CG1 HG13 sing N N 131 
ILE CG2 HG21 sing N N 132 
ILE CG2 HG22 sing N N 133 
ILE CG2 HG23 sing N N 134 
ILE CD1 HD11 sing N N 135 
ILE CD1 HD12 sing N N 136 
ILE CD1 HD13 sing N N 137 
ILE OXT HXT  sing N N 138 
LEU N   CA   sing N N 139 
LEU N   H    sing N N 140 
LEU N   H2   sing N N 141 
LEU CA  C    sing N N 142 
LEU CA  CB   sing N N 143 
LEU CA  HA   sing N N 144 
LEU C   O    doub N N 145 
LEU C   OXT  sing N N 146 
LEU CB  CG   sing N N 147 
LEU CB  HB2  sing N N 148 
LEU CB  HB3  sing N N 149 
LEU CG  CD1  sing N N 150 
LEU CG  CD2  sing N N 151 
LEU CG  HG   sing N N 152 
LEU CD1 HD11 sing N N 153 
LEU CD1 HD12 sing N N 154 
LEU CD1 HD13 sing N N 155 
LEU CD2 HD21 sing N N 156 
LEU CD2 HD22 sing N N 157 
LEU CD2 HD23 sing N N 158 
LEU OXT HXT  sing N N 159 
LYS N   CA   sing N N 160 
LYS N   H    sing N N 161 
LYS N   H2   sing N N 162 
LYS CA  C    sing N N 163 
LYS CA  CB   sing N N 164 
LYS CA  HA   sing N N 165 
LYS C   O    doub N N 166 
LYS C   OXT  sing N N 167 
LYS CB  CG   sing N N 168 
LYS CB  HB2  sing N N 169 
LYS CB  HB3  sing N N 170 
LYS CG  CD   sing N N 171 
LYS CG  HG2  sing N N 172 
LYS CG  HG3  sing N N 173 
LYS CD  CE   sing N N 174 
LYS CD  HD2  sing N N 175 
LYS CD  HD3  sing N N 176 
LYS CE  NZ   sing N N 177 
LYS CE  HE2  sing N N 178 
LYS CE  HE3  sing N N 179 
LYS NZ  HZ1  sing N N 180 
LYS NZ  HZ2  sing N N 181 
LYS NZ  HZ3  sing N N 182 
LYS OXT HXT  sing N N 183 
MET N   CA   sing N N 184 
MET N   H    sing N N 185 
MET N   H2   sing N N 186 
MET CA  C    sing N N 187 
MET CA  CB   sing N N 188 
MET CA  HA   sing N N 189 
MET C   O    doub N N 190 
MET C   OXT  sing N N 191 
MET CB  CG   sing N N 192 
MET CB  HB2  sing N N 193 
MET CB  HB3  sing N N 194 
MET CG  SD   sing N N 195 
MET CG  HG2  sing N N 196 
MET CG  HG3  sing N N 197 
MET SD  CE   sing N N 198 
MET CE  HE1  sing N N 199 
MET CE  HE2  sing N N 200 
MET CE  HE3  sing N N 201 
MET OXT HXT  sing N N 202 
PRO N   CA   sing N N 203 
PRO N   CD   sing N N 204 
PRO N   H    sing N N 205 
PRO CA  C    sing N N 206 
PRO CA  CB   sing N N 207 
PRO CA  HA   sing N N 208 
PRO C   O    doub N N 209 
PRO C   OXT  sing N N 210 
PRO CB  CG   sing N N 211 
PRO CB  HB2  sing N N 212 
PRO CB  HB3  sing N N 213 
PRO CG  CD   sing N N 214 
PRO CG  HG2  sing N N 215 
PRO CG  HG3  sing N N 216 
PRO CD  HD2  sing N N 217 
PRO CD  HD3  sing N N 218 
PRO OXT HXT  sing N N 219 
SER N   CA   sing N N 220 
SER N   H    sing N N 221 
SER N   H2   sing N N 222 
SER CA  C    sing N N 223 
SER CA  CB   sing N N 224 
SER CA  HA   sing N N 225 
SER C   O    doub N N 226 
SER C   OXT  sing N N 227 
SER CB  OG   sing N N 228 
SER CB  HB2  sing N N 229 
SER CB  HB3  sing N N 230 
SER OG  HG   sing N N 231 
SER OXT HXT  sing N N 232 
THR N   CA   sing N N 233 
THR N   H    sing N N 234 
THR N   H2   sing N N 235 
THR CA  C    sing N N 236 
THR CA  CB   sing N N 237 
THR CA  HA   sing N N 238 
THR C   O    doub N N 239 
THR C   OXT  sing N N 240 
THR CB  OG1  sing N N 241 
THR CB  CG2  sing N N 242 
THR CB  HB   sing N N 243 
THR OG1 HG1  sing N N 244 
THR CG2 HG21 sing N N 245 
THR CG2 HG22 sing N N 246 
THR CG2 HG23 sing N N 247 
THR OXT HXT  sing N N 248 
TYR N   CA   sing N N 249 
TYR N   H    sing N N 250 
TYR N   H2   sing N N 251 
TYR CA  C    sing N N 252 
TYR CA  CB   sing N N 253 
TYR CA  HA   sing N N 254 
TYR C   O    doub N N 255 
TYR C   OXT  sing N N 256 
TYR CB  CG   sing N N 257 
TYR CB  HB2  sing N N 258 
TYR CB  HB3  sing N N 259 
TYR CG  CD1  doub Y N 260 
TYR CG  CD2  sing Y N 261 
TYR CD1 CE1  sing Y N 262 
TYR CD1 HD1  sing N N 263 
TYR CD2 CE2  doub Y N 264 
TYR CD2 HD2  sing N N 265 
TYR CE1 CZ   doub Y N 266 
TYR CE1 HE1  sing N N 267 
TYR CE2 CZ   sing Y N 268 
TYR CE2 HE2  sing N N 269 
TYR CZ  OH   sing N N 270 
TYR OH  HH   sing N N 271 
TYR OXT HXT  sing N N 272 
VAL N   CA   sing N N 273 
VAL N   H    sing N N 274 
VAL N   H2   sing N N 275 
VAL CA  C    sing N N 276 
VAL CA  CB   sing N N 277 
VAL CA  HA   sing N N 278 
VAL C   O    doub N N 279 
VAL C   OXT  sing N N 280 
VAL CB  CG1  sing N N 281 
VAL CB  CG2  sing N N 282 
VAL CB  HB   sing N N 283 
VAL CG1 HG11 sing N N 284 
VAL CG1 HG12 sing N N 285 
VAL CG1 HG13 sing N N 286 
VAL CG2 HG21 sing N N 287 
VAL CG2 HG22 sing N N 288 
VAL CG2 HG23 sing N N 289 
VAL OXT HXT  sing N N 290 
# 
_pdbx_initial_refinement_model.accession_code   ? 
_pdbx_initial_refinement_model.id               1 
_pdbx_initial_refinement_model.entity_id_list   ? 
_pdbx_initial_refinement_model.type             'experimental model' 
_pdbx_initial_refinement_model.source_name      Other 
_pdbx_initial_refinement_model.details          'A polypeptide model derived from NMR experiments' 
# 
_atom_sites.entry_id                    1UCS 
_atom_sites.fract_transf_matrix[1][1]   0.00818279 
_atom_sites.fract_transf_matrix[1][2]   0.02885230 
_atom_sites.fract_transf_matrix[1][3]   -0.00687434 
_atom_sites.fract_transf_matrix[2][1]   -0.01140743 
_atom_sites.fract_transf_matrix[2][2]   0.00824826 
_atom_sites.fract_transf_matrix[2][3]   0.02104010 
_atom_sites.fract_transf_matrix[3][1]   0.01908970 
_atom_sites.fract_transf_matrix[3][2]   -0.00269621 
_atom_sites.fract_transf_matrix[3][3]   0.01140695 
_atom_sites.fract_transf_vector[1]      0.364359 
_atom_sites.fract_transf_vector[2]      0.193518 
_atom_sites.fract_transf_vector[3]      0.352679 
# 
loop_
_atom_type.symbol 
C 
H 
N 
O 
S 
# 
loop_
_atom_site.group_PDB 
_atom_site.id 
_atom_site.type_symbol 
_atom_site.label_atom_id 
_atom_site.label_alt_id 
_atom_site.label_comp_id 
_atom_site.label_asym_id 
_atom_site.label_entity_id 
_atom_site.label_seq_id 
_atom_site.pdbx_PDB_ins_code 
_atom_site.Cartn_x 
_atom_site.Cartn_y 
_atom_site.Cartn_z 
_atom_site.occupancy 
_atom_site.B_iso_or_equiv 
_atom_site.pdbx_formal_charge 
_atom_site.auth_seq_id 
_atom_site.auth_comp_id 
_atom_site.auth_asym_id 
_atom_site.auth_atom_id 
_atom_site.pdbx_PDB_model_num 
ATOM   1    N N    . ASN A 1 1  ? 17.485  -5.305  -3.898  1.00 13.23 ? 1   ASN A N    1 
ATOM   2    C CA   . ASN A 1 1  ? 16.234  -4.786  -3.249  1.00 6.85  ? 1   ASN A CA   1 
ATOM   3    C C    A ASN A 1 1  ? 15.270  -4.803  -4.406  0.45 6.81  ? 1   ASN A C    1 
ATOM   4    C C    B ASN A 1 1  ? 15.265  -4.240  -4.318  0.55 9.54  ? 1   ASN A C    1 
ATOM   5    O O    A ASN A 1 1  ? 15.577  -4.899  -5.612  0.45 8.28  ? 1   ASN A O    1 
ATOM   6    O O    B ASN A 1 1  ? 15.489  -3.299  -5.087  0.55 12.04 ? 1   ASN A O    1 
ATOM   7    C CB   . ASN A 1 1  ? 16.584  -3.532  -2.471  1.00 7.32  ? 1   ASN A CB   1 
ATOM   8    C CG   . ASN A 1 1  ? 15.570  -3.079  -1.424  1.00 7.93  ? 1   ASN A CG   1 
ATOM   9    O OD1  . ASN A 1 1  ? 15.636  -1.935  -0.902  1.00 10.99 ? 1   ASN A OD1  1 
ATOM   10   N ND2  . ASN A 1 1  ? 14.670  -3.930  -1.148  1.00 11.12 ? 1   ASN A ND2  1 
ATOM   11   H H1   . ASN A 1 1  ? 17.297  -6.044  -4.357  1.00 19.85 ? 1   ASN A H1   1 
ATOM   12   H H2   . ASN A 1 1  ? 18.090  -5.491  -3.272  1.00 19.85 ? 1   ASN A H2   1 
ATOM   13   H H3   . ASN A 1 1  ? 17.811  -4.689  -4.451  1.00 19.85 ? 1   ASN A H3   1 
ATOM   14   H HA   . ASN A 1 1  ? 15.934  -5.460  -2.604  1.00 8.22  ? 1   ASN A HA   1 
ATOM   15   H HB2  . ASN A 1 1  ? 17.433  -3.678  -2.026  1.00 8.78  ? 1   ASN A HB2  1 
ATOM   16   H HB3  . ASN A 1 1  ? 16.710  -2.807  -3.104  1.00 8.78  ? 1   ASN A HB3  1 
ATOM   17   H HD21 . ASN A 1 1  ? 14.058  -3.738  -0.575  1.00 13.35 ? 1   ASN A HD21 1 
ATOM   18   H HD22 . ASN A 1 1  ? 14.672  -4.698  -1.534  1.00 13.35 ? 1   ASN A HD22 1 
ATOM   19   N N    A LYS A 1 2  ? 14.001  -4.780  -4.049  0.45 6.64  ? 2   LYS A N    1 
ATOM   20   N N    B LYS A 1 2  ? 14.133  -4.891  -4.225  0.55 8.27  ? 2   LYS A N    1 
ATOM   21   C CA   . LYS A 1 2  ? 12.990  -4.693  -5.082  1.00 8.30  ? 2   LYS A CA   1 
ATOM   22   C C    . LYS A 1 2  ? 11.985  -3.642  -4.564  1.00 5.94  ? 2   LYS A C    1 
ATOM   23   O O    . LYS A 1 2  ? 11.887  -3.394  -3.395  1.00 7.70  ? 2   LYS A O    1 
ATOM   24   C CB   . LYS A 1 2  ? 12.274  -6.018  -5.291  1.00 11.59 ? 2   LYS A CB   1 
ATOM   25   C CG   . LYS A 1 2  ? 13.190  -7.015  -6.030  1.00 12.98 ? 2   LYS A CG   1 
ATOM   26   C CD   . LYS A 1 2  ? 12.477  -8.277  -6.433  1.00 15.75 ? 2   LYS A CD   1 
ATOM   27   C CE   . LYS A 1 2  ? 11.700  -8.063  -7.747  1.00 21.95 ? 2   LYS A CE   1 
ATOM   28   N NZ   . LYS A 1 2  ? 10.564  -8.999  -7.829  1.00 23.69 ? 2   LYS A NZ   1 
ATOM   29   H H    A LYS A 1 2  ? 13.778  -4.817  -3.219  0.45 7.96  ? 2   LYS A H    1 
ATOM   30   H H    B LYS A 1 2  ? 14.066  -5.483  -3.604  0.55 9.92  ? 2   LYS A H    1 
ATOM   31   H HA   . LYS A 1 2  ? 13.392  -4.391  -5.923  1.00 9.96  ? 2   LYS A HA   1 
ATOM   32   H HB2  . LYS A 1 2  ? 12.018  -6.388  -4.432  1.00 13.91 ? 2   LYS A HB2  1 
ATOM   33   H HB3  . LYS A 1 2  ? 11.467  -5.873  -5.808  1.00 13.91 ? 2   LYS A HB3  1 
ATOM   34   H HG2  . LYS A 1 2  ? 13.547  -6.587  -6.824  1.00 15.58 ? 2   LYS A HG2  1 
ATOM   35   H HG3  . LYS A 1 2  ? 13.938  -7.244  -5.456  1.00 15.58 ? 2   LYS A HG3  1 
ATOM   36   H HD2  . LYS A 1 2  ? 13.123  -8.991  -6.549  1.00 18.90 ? 2   LYS A HD2  1 
ATOM   37   H HD3  . LYS A 1 2  ? 11.862  -8.540  -5.731  1.00 18.90 ? 2   LYS A HD3  1 
ATOM   38   H HE2  . LYS A 1 2  ? 11.373  -7.151  -7.787  1.00 26.34 ? 2   LYS A HE2  1 
ATOM   39   H HE3  . LYS A 1 2  ? 12.293  -8.203  -8.502  1.00 26.34 ? 2   LYS A HE3  1 
ATOM   40   H HZ1  . LYS A 1 2  ? 10.060  -8.794  -8.534  1.00 35.54 ? 2   LYS A HZ1  1 
ATOM   41   H HZ2  . LYS A 1 2  ? 10.076  -8.939  -7.087  1.00 35.54 ? 2   LYS A HZ2  1 
ATOM   42   H HZ3  . LYS A 1 2  ? 10.871  -9.830  -7.916  1.00 35.54 ? 2   LYS A HZ3  1 
ATOM   43   N N    . ALA A 1 3  ? 11.210  -3.083  -5.509  1.00 5.28  ? 3   ALA A N    1 
ATOM   44   C CA   . ALA A 1 3  ? 10.287  -2.016  -5.159  1.00 4.63  ? 3   ALA A CA   1 
ATOM   45   C C    . ALA A 1 3  ? 9.093   -2.541  -4.345  1.00 3.92  ? 3   ALA A C    1 
ATOM   46   O O    . ALA A 1 3  ? 8.582   -3.656  -4.564  1.00 4.64  ? 3   ALA A O    1 
ATOM   47   C CB   . ALA A 1 3  ? 9.766   -1.322  -6.401  1.00 5.73  ? 3   ALA A CB   1 
ATOM   48   H H    . ALA A 1 3  ? 11.261  -3.357  -6.322  1.00 6.34  ? 3   ALA A H    1 
ATOM   49   H HA   . ALA A 1 3  ? 10.767  -1.357  -4.615  1.00 5.55  ? 3   ALA A HA   1 
ATOM   50   H HB1  . ALA A 1 3  ? 10.504  -0.977  -6.909  1.00 8.60  ? 3   ALA A HB1  1 
ATOM   51   H HB2  . ALA A 1 3  ? 9.189   -0.599  -6.145  1.00 8.60  ? 3   ALA A HB2  1 
ATOM   52   H HB3  . ALA A 1 3  ? 9.276   -1.950  -6.937  1.00 8.60  ? 3   ALA A HB3  1 
ATOM   53   N N    . SER A 1 4  ? 8.649   -1.676  -3.423  1.00 3.62  ? 4   SER A N    1 
ATOM   54   C CA   . SER A 1 4  ? 7.480   -1.893  -2.599  1.00 3.25  ? 4   SER A CA   1 
ATOM   55   C C    . SER A 1 4  ? 6.351   -0.949  -2.983  1.00 3.15  ? 4   SER A C    1 
ATOM   56   O O    . SER A 1 4  ? 6.577   0.109   -3.577  1.00 3.77  ? 4   SER A O    1 
ATOM   57   C CB   . SER A 1 4  ? 7.827   -1.585  -1.126  1.00 3.71  ? 4   SER A CB   1 
ATOM   58   O OG   . SER A 1 4  ? 8.818   -2.438  -0.608  1.00 4.61  ? 4   SER A OG   1 
ATOM   59   H H    . SER A 1 4  ? 9.087   -0.945  -3.314  1.00 4.34  ? 4   SER A H    1 
ATOM   60   H HA   . SER A 1 4  ? 7.181   -2.822  -2.683  1.00 3.90  ? 4   SER A HA   1 
ATOM   61   H HB2  . SER A 1 4  ? 8.134   -0.668  -1.060  1.00 4.46  ? 4   SER A HB2  1 
ATOM   62   H HB3  . SER A 1 4  ? 7.024   -1.670  -0.589  1.00 4.46  ? 4   SER A HB3  1 
ATOM   63   H HG   . SER A 1 4  ? 9.499   -2.373  -1.060  1.00 6.91  ? 4   SER A HG   1 
ATOM   64   N N    . VAL A 1 5  ? 5.147   -1.306  -2.519  1.00 3.13  ? 5   VAL A N    1 
ATOM   65   C CA   . VAL A 1 5  ? 4.009   -0.403  -2.600  1.00 2.89  ? 5   VAL A CA   1 
ATOM   66   C C    . VAL A 1 5  ? 4.206   0.726   -1.590  1.00 2.94  ? 5   VAL A C    1 
ATOM   67   O O    . VAL A 1 5  ? 4.451   0.469   -0.396  1.00 3.43  ? 5   VAL A O    1 
ATOM   68   C CB   . VAL A 1 5  ? 2.711   -1.161  -2.285  1.00 3.49  ? 5   VAL A CB   1 
ATOM   69   C CG1  . VAL A 1 5  ? 1.519   -0.210  -2.439  1.00 4.40  ? 5   VAL A CG1  1 
ATOM   70   C CG2  . VAL A 1 5  ? 2.574   -2.385  -3.193  1.00 4.19  ? 5   VAL A CG2  1 
ATOM   71   H H    . VAL A 1 5  ? 5.044   -2.085  -2.167  1.00 3.76  ? 5   VAL A H    1 
ATOM   72   H HA   . VAL A 1 5  ? 3.955   -0.026  -3.503  1.00 3.46  ? 5   VAL A HA   1 
ATOM   73   H HB   . VAL A 1 5  ? 2.746   -1.467  -1.355  1.00 4.18  ? 5   VAL A HB   1 
ATOM   74   H HG11 . VAL A 1 5  ? 1.629   0.537   -1.846  1.00 6.60  ? 5   VAL A HG11 1 
ATOM   75   H HG12 . VAL A 1 5  ? 0.708   -0.676  -2.223  1.00 6.60  ? 5   VAL A HG12 1 
ATOM   76   H HG13 . VAL A 1 5  ? 1.476   0.104   -3.345  1.00 6.60  ? 5   VAL A HG13 1 
ATOM   77   H HG21 . VAL A 1 5  ? 3.334   -2.958  -3.072  1.00 6.28  ? 5   VAL A HG21 1 
ATOM   78   H HG22 . VAL A 1 5  ? 2.530   -2.101  -4.109  1.00 6.28  ? 5   VAL A HG22 1 
ATOM   79   H HG23 . VAL A 1 5  ? 1.773   -2.863  -2.967  1.00 6.28  ? 5   VAL A HG23 1 
ATOM   80   N N    . VAL A 1 6  ? 4.044   1.971   -2.053  1.00 3.12  ? 6   VAL A N    1 
ATOM   81   C CA   . VAL A 1 6  ? 4.166   3.157   -1.220  1.00 3.03  ? 6   VAL A CA   1 
ATOM   82   C C    . VAL A 1 6  ? 2.951   4.041   -1.491  1.00 3.04  ? 6   VAL A C    1 
ATOM   83   O O    . VAL A 1 6  ? 2.510   4.191   -2.638  1.00 3.58  ? 6   VAL A O    1 
ATOM   84   C CB   . VAL A 1 6  ? 5.487   3.906   -1.520  1.00 3.44  ? 6   VAL A CB   1 
ATOM   85   C CG1  . VAL A 1 6  ? 5.567   5.206   -0.721  1.00 4.52  ? 6   VAL A CG1  1 
ATOM   86   C CG2  . VAL A 1 6  ? 6.697   3.012   -1.222  1.00 4.42  ? 6   VAL A CG2  1 
ATOM   87   H H    . VAL A 1 6  ? 3.857   2.077   -2.886  1.00 3.75  ? 6   VAL A H    1 
ATOM   88   H HA   . VAL A 1 6  ? 4.160   2.887   -0.278  1.00 3.63  ? 6   VAL A HA   1 
ATOM   89   H HB   . VAL A 1 6  ? 5.501   4.132   -2.474  1.00 4.13  ? 6   VAL A HB   1 
ATOM   90   H HG11 . VAL A 1 6  ? 4.810   5.758   -0.932  1.00 6.77  ? 6   VAL A HG11 1 
ATOM   91   H HG12 . VAL A 1 6  ? 6.376   5.672   -0.947  1.00 6.77  ? 6   VAL A HG12 1 
ATOM   92   H HG13 . VAL A 1 6  ? 5.564   5.006   0.218   1.00 6.77  ? 6   VAL A HG13 1 
ATOM   93   H HG21 . VAL A 1 6  ? 6.623   2.198   -1.725  1.00 6.62  ? 6   VAL A HG21 1 
ATOM   94   H HG22 . VAL A 1 6  ? 6.721   2.809   -0.284  1.00 6.62  ? 6   VAL A HG22 1 
ATOM   95   H HG23 . VAL A 1 6  ? 7.503   3.470   -1.471  1.00 6.62  ? 6   VAL A HG23 1 
ATOM   96   N N    . ALA A 1 7  ? 2.390   4.638   -0.437  1.00 3.08  ? 7   ALA A N    1 
ATOM   97   C CA   . ALA A 1 7  ? 1.242   5.499   -0.633  1.00 3.19  ? 7   ALA A CA   1 
ATOM   98   C C    . ALA A 1 7  ? 1.622   6.749   -1.441  1.00 3.19  ? 7   ALA A C    1 
ATOM   99   O O    . ALA A 1 7  ? 2.576   7.477   -1.115  1.00 3.83  ? 7   ALA A O    1 
ATOM   100  C CB   . ALA A 1 7  ? 0.679   5.928   0.729   1.00 3.75  ? 7   ALA A CB   1 
ATOM   101  H H    . ALA A 1 7  ? 2.708   4.513   0.352   1.00 3.69  ? 7   ALA A H    1 
ATOM   102  H HA   . ALA A 1 7  ? 0.552   5.003   -1.121  1.00 3.82  ? 7   ALA A HA   1 
ATOM   103  H HB1  . ALA A 1 7  ? 0.443   5.149   1.238   1.00 5.63  ? 7   ALA A HB1  1 
ATOM   104  H HB2  . ALA A 1 7  ? -0.101  6.472   0.596   1.00 5.63  ? 7   ALA A HB2  1 
ATOM   105  H HB3  . ALA A 1 7  ? 1.343   6.433   1.205   1.00 5.63  ? 7   ALA A HB3  1 
ATOM   106  N N    . ASN A 1 8  ? 0.840   7.003   -2.496  1.00 3.57  ? 8   ASN A N    1 
ATOM   107  C CA   . ASN A 1 8  ? 1.012   8.163   -3.348  1.00 3.98  ? 8   ASN A CA   1 
ATOM   108  C C    . ASN A 1 8  ? 0.173   9.385   -2.893  1.00 4.88  ? 8   ASN A C    1 
ATOM   109  O O    . ASN A 1 8  ? 0.285   10.421  -3.526  1.00 7.06  ? 8   ASN A O    1 
ATOM   110  C CB   . ASN A 1 8  ? 0.603   7.773   -4.790  1.00 4.64  ? 8   ASN A CB   1 
ATOM   111  C CG   . ASN A 1 8  ? 0.988   8.809   -5.806  1.00 5.50  ? 8   ASN A CG   1 
ATOM   112  O OD1  . ASN A 1 8  ? 2.148   9.176   -5.905  1.00 7.17  ? 8   ASN A OD1  1 
ATOM   113  N ND2  . ASN A 1 8  ? -0.006  9.164   -6.635  1.00 6.05  ? 8   ASN A ND2  1 
ATOM   114  H H    . ASN A 1 8  ? 0.206   6.452   -2.678  1.00 4.28  ? 8   ASN A H    1 
ATOM   115  H HA   . ASN A 1 8  ? 1.959   8.415   -3.348  1.00 4.77  ? 8   ASN A HA   1 
ATOM   116  H HB2  . ASN A 1 8  ? 1.026   6.932   -5.021  1.00 5.57  ? 8   ASN A HB2  1 
ATOM   117  H HB3  . ASN A 1 8  ? -0.357  7.641   -4.821  1.00 5.57  ? 8   ASN A HB3  1 
ATOM   118  H HD21 . ASN A 1 8  ? 0.153   9.686   -7.299  1.00 7.26  ? 8   ASN A HD21 1 
ATOM   119  H HD22 . ASN A 1 8  ? -0.802  8.866   -6.504  1.00 7.26  ? 8   ASN A HD22 1 
ATOM   120  N N    . GLN A 1 9  ? -0.594  9.198   -1.861  1.00 5.12  ? 9   GLN A N    1 
ATOM   121  C CA   . GLN A 1 9  ? -1.369  10.251  -1.208  1.00 5.74  ? 9   GLN A CA   1 
ATOM   122  C C    . GLN A 1 9  ? -1.743  9.673   0.152   1.00 4.70  ? 9   GLN A C    1 
ATOM   123  O O    . GLN A 1 9  ? -1.640  8.478   0.377   1.00 5.22  ? 9   GLN A O    1 
ATOM   124  C CB   . GLN A 1 9  ? -2.561  10.686  -2.052  1.00 7.21  ? 9   GLN A CB   1 
ATOM   125  C CG   . GLN A 1 9  ? -3.523  9.548   -2.330  1.00 7.89  ? 9   GLN A CG   1 
ATOM   126  C CD   . GLN A 1 9  ? -4.577  9.882   -3.390  1.00 9.12  ? 9   GLN A CD   1 
ATOM   127  O OE1  . GLN A 1 9  ? -5.699  9.487   -3.206  1.00 8.99  ? 9   GLN A OE1  1 
ATOM   128  N NE2  . GLN A 1 9  ? -4.242  10.436  -4.487  1.00 12.35 ? 9   GLN A NE2  1 
ATOM   129  H H    . GLN A 1 9  ? -0.649  8.401   -1.541  1.00 6.14  ? 9   GLN A H    1 
ATOM   130  H HA   . GLN A 1 9  ? -0.786  11.027  -1.069  1.00 6.88  ? 9   GLN A HA   1 
ATOM   131  H HB2  . GLN A 1 9  ? -3.036  11.395  -1.589  1.00 8.65  ? 9   GLN A HB2  1 
ATOM   132  H HB3  . GLN A 1 9  ? -2.241  11.044  -2.894  1.00 8.65  ? 9   GLN A HB3  1 
ATOM   133  H HG2  . GLN A 1 9  ? -3.017  8.775   -2.625  1.00 9.47  ? 9   GLN A HG2  1 
ATOM   134  H HG3  . GLN A 1 9  ? -3.973  9.309   -1.506  1.00 9.47  ? 9   GLN A HG3  1 
ATOM   135  H HE21 . GLN A 1 9  ? -4.823  10.534  -5.114  1.00 14.82 ? 9   GLN A HE21 1 
ATOM   136  H HE22 . GLN A 1 9  ? -3.436  10.713  -4.601  1.00 14.82 ? 9   GLN A HE22 1 
ATOM   137  N N    . LEU A 1 10 ? -2.219  10.537  1.069   1.00 4.74  ? 10  LEU A N    1 
ATOM   138  C CA   . LEU A 1 10 ? -2.793  10.030  2.323   1.00 4.35  ? 10  LEU A CA   1 
ATOM   139  C C    . LEU A 1 10 ? -3.956  9.113   1.949   1.00 4.15  ? 10  LEU A C    1 
ATOM   140  O O    . LEU A 1 10 ? -4.845  9.518   1.179   1.00 4.79  ? 10  LEU A O    1 
ATOM   141  C CB   . LEU A 1 10 ? -3.244  11.217  3.195   1.00 5.37  ? 10  LEU A CB   1 
ATOM   142  C CG   . LEU A 1 10 ? -3.959  10.967  4.523   1.00 5.49  ? 10  LEU A CG   1 
ATOM   143  C CD1  . LEU A 1 10 ? -5.397  10.499  4.368   1.00 5.87  ? 10  LEU A CD1  1 
ATOM   144  C CD2  . LEU A 1 10 ? -3.209  10.059  5.467   1.00 5.93  ? 10  LEU A CD2  1 
ATOM   145  H H    . LEU A 1 10 ? -2.187  11.383  0.922   1.00 5.68  ? 10  LEU A H    1 
ATOM   146  H HA   . LEU A 1 10 ? -2.113  9.514   2.805   1.00 5.22  ? 10  LEU A HA   1 
ATOM   147  H HB2  . LEU A 1 10 ? -2.457  11.749  3.386   1.00 6.44  ? 10  LEU A HB2  1 
ATOM   148  H HB3  . LEU A 1 10 ? -3.830  11.766  2.650   1.00 6.44  ? 10  LEU A HB3  1 
ATOM   149  H HG   . LEU A 1 10 ? -4.007  11.838  4.969   1.00 6.59  ? 10  LEU A HG   1 
ATOM   150  H HD11 . LEU A 1 10 ? -5.863  11.088  3.770   1.00 8.81  ? 10  LEU A HD11 1 
ATOM   151  H HD12 . LEU A 1 10 ? -5.830  10.507  5.225   1.00 8.81  ? 10  LEU A HD12 1 
ATOM   152  H HD13 . LEU A 1 10 ? -5.407  9.608   4.013   1.00 8.81  ? 10  LEU A HD13 1 
ATOM   153  H HD21 . LEU A 1 10 ? -2.308  10.372  5.564   1.00 8.90  ? 10  LEU A HD21 1 
ATOM   154  H HD22 . LEU A 1 10 ? -3.202  9.167   5.114   1.00 8.90  ? 10  LEU A HD22 1 
ATOM   155  H HD23 . LEU A 1 10 ? -3.643  10.061  6.324   1.00 8.90  ? 10  LEU A HD23 1 
ATOM   156  N N    . ILE A 1 11 ? -3.960  7.907   2.539   1.00 3.62  ? 11  ILE A N    1 
ATOM   157  C CA   . ILE A 1 11 ? -5.039  6.941   2.352   1.00 3.48  ? 11  ILE A CA   1 
ATOM   158  C C    . ILE A 1 11 ? -5.782  6.867   3.694   1.00 3.65  ? 11  ILE A C    1 
ATOM   159  O O    . ILE A 1 11 ? -5.200  6.396   4.683   1.00 4.01  ? 11  ILE A O    1 
ATOM   160  C CB   . ILE A 1 11 ? -4.515  5.563   1.952   1.00 3.68  ? 11  ILE A CB   1 
ATOM   161  C CG1  . ILE A 1 11 ? -3.605  5.670   0.717   1.00 4.34  ? 11  ILE A CG1  1 
ATOM   162  C CG2  . ILE A 1 11 ? -5.704  4.635   1.726   1.00 4.23  ? 11  ILE A CG2  1 
ATOM   163  C CD1  . ILE A 1 11 ? -2.835  4.417   0.409   1.00 4.69  ? 11  ILE A CD1  1 
ATOM   164  H H    . ILE A 1 11 ? -3.301  7.695   3.048   1.00 4.34  ? 11  ILE A H    1 
ATOM   165  H HA   . ILE A 1 11 ? -5.650  7.268   1.660   1.00 4.18  ? 11  ILE A HA   1 
ATOM   166  H HB   . ILE A 1 11 ? -3.985  5.208   2.696   1.00 4.42  ? 11  ILE A HB   1 
ATOM   167  H HG12 . ILE A 1 11 ? -4.151  5.897   -0.052  1.00 5.21  ? 11  ILE A HG12 1 
ATOM   168  H HG13 . ILE A 1 11 ? -2.976  6.395   0.856   1.00 5.21  ? 11  ILE A HG13 1 
ATOM   169  H HG21 . ILE A 1 11 ? -6.245  4.608   2.518   1.00 6.35  ? 11  ILE A HG21 1 
ATOM   170  H HG22 . ILE A 1 11 ? -5.386  3.752   1.526   1.00 6.35  ? 11  ILE A HG22 1 
ATOM   171  H HG23 . ILE A 1 11 ? -6.228  4.960   0.990   1.00 6.35  ? 11  ILE A HG23 1 
ATOM   172  H HD11 . ILE A 1 11 ? -2.291  4.561   -0.369  1.00 7.03  ? 11  ILE A HD11 1 
ATOM   173  H HD12 . ILE A 1 11 ? -3.449  3.697   0.242   1.00 7.03  ? 11  ILE A HD12 1 
ATOM   174  H HD13 . ILE A 1 11 ? -2.275  4.194   1.155   1.00 7.03  ? 11  ILE A HD13 1 
ATOM   175  N N    . PRO A 1 12 ? -7.025  7.348   3.791   1.00 3.84  ? 12  PRO A N    1 
ATOM   176  C CA   . PRO A 1 12 ? -7.708  7.364   5.094   1.00 4.10  ? 12  PRO A CA   1 
ATOM   177  C C    . PRO A 1 12 ? -7.983  5.977   5.611   1.00 3.79  ? 12  PRO A C    1 
ATOM   178  O O    . PRO A 1 12 ? -8.176  5.007   4.847   1.00 3.98  ? 12  PRO A O    1 
ATOM   179  C CB   . PRO A 1 12 ? -9.028  8.101   4.798   1.00 4.79  ? 12  PRO A CB   1 
ATOM   180  C CG   . PRO A 1 12 ? -8.724  8.960   3.580   1.00 5.29  ? 12  PRO A CG   1 
ATOM   181  C CD   . PRO A 1 12 ? -7.777  8.095   2.766   1.00 4.59  ? 12  PRO A CD   1 
ATOM   182  H HA   . PRO A 1 12 ? -7.179  7.867   5.747   1.00 4.92  ? 12  PRO A HA   1 
ATOM   183  H HB2  . PRO A 1 12 ? -9.740  7.472   4.606   1.00 5.75  ? 12  PRO A HB2  1 
ATOM   184  H HB3  . PRO A 1 12 ? -9.291  8.653   5.552   1.00 5.75  ? 12  PRO A HB3  1 
ATOM   185  H HG2  . PRO A 1 12 ? -9.532  9.157   3.082   1.00 6.35  ? 12  PRO A HG2  1 
ATOM   186  H HG3  . PRO A 1 12 ? -8.301  9.794   3.838   1.00 6.35  ? 12  PRO A HG3  1 
ATOM   187  H HD2  . PRO A 1 12 ? -8.267  7.492   2.185   1.00 5.51  ? 12  PRO A HD2  1 
ATOM   188  H HD3  . PRO A 1 12 ? -7.183  8.640   2.227   1.00 5.51  ? 12  PRO A HD3  1 
ATOM   189  N N    . ILE A 1 13 ? -8.125  5.884   6.932   1.00 4.17  ? 13  ILE A N    1 
ATOM   190  C CA   . ILE A 1 13 ? -8.551  4.650   7.555   1.00 4.12  ? 13  ILE A CA   1 
ATOM   191  C C    . ILE A 1 13 ? -9.835  4.157   6.878   1.00 3.86  ? 13  ILE A C    1 
ATOM   192  O O    . ILE A 1 13 ? -10.769 4.921   6.633   1.00 4.33  ? 13  ILE A O    1 
ATOM   193  C CB   . ILE A 1 13 ? -8.736  4.853   9.070   1.00 4.55  ? 13  ILE A CB   1 
ATOM   194  C CG1  . ILE A 1 13 ? -8.942  3.510   9.749   1.00 5.40  ? 13  ILE A CG1  1 
ATOM   195  C CG2  . ILE A 1 13 ? -9.841  5.847   9.431   1.00 5.23  ? 13  ILE A CG2  1 
ATOM   196  C CD1  . ILE A 1 13 ? -8.731  3.589   11.282  1.00 6.95  ? 13  ILE A CD1  1 
ATOM   197  H H    . ILE A 1 13 ? -7.959  6.570   7.423   1.00 5.00  ? 13  ILE A H    1 
ATOM   198  H HA   . ILE A 1 13 ? -7.852  3.976   7.417   1.00 4.94  ? 13  ILE A HA   1 
ATOM   199  H HB   . ILE A 1 13 ? -7.895  5.221   9.413   1.00 5.46  ? 13  ILE A HB   1 
ATOM   200  H HG12 . ILE A 1 13 ? -9.843  3.197   9.568   1.00 6.48  ? 13  ILE A HG12 1 
ATOM   201  H HG13 . ILE A 1 13 ? -8.323  2.864   9.374   1.00 6.48  ? 13  ILE A HG13 1 
ATOM   202  H HG21 . ILE A 1 13 ? -9.675  6.684   8.991   1.00 7.84  ? 13  ILE A HG21 1 
ATOM   203  H HG22 . ILE A 1 13 ? -9.852  5.982   10.382  1.00 7.84  ? 13  ILE A HG22 1 
ATOM   204  H HG23 . ILE A 1 13 ? -10.690 5.499   9.147   1.00 7.84  ? 13  ILE A HG23 1 
ATOM   205  H HD11 . ILE A 1 13 ? -8.880  2.724   11.672  1.00 10.42 ? 13  ILE A HD11 1 
ATOM   206  H HD12 . ILE A 1 13 ? -9.348  4.221   11.659  1.00 10.42 ? 13  ILE A HD12 1 
ATOM   207  H HD13 . ILE A 1 13 ? -7.832  3.872   11.467  1.00 10.42 ? 13  ILE A HD13 1 
ATOM   208  N N    . ASN A 1 14 ? -9.877  2.837   6.589   1.00 3.80  ? 14  ASN A N    1 
ATOM   209  C CA   . ASN A 1 14 ? -11.028 2.143   6.017   1.00 4.29  ? 14  ASN A CA   1 
ATOM   210  C C    . ASN A 1 14 ? -11.273 2.453   4.533   1.00 4.81  ? 14  ASN A C    1 
ATOM   211  O O    . ASN A 1 14 ? -12.240 1.963   3.969   1.00 7.77  ? 14  ASN A O    1 
ATOM   212  C CB   . ASN A 1 14 ? -12.308 2.333   6.826   1.00 5.06  ? 14  ASN A CB   1 
ATOM   213  C CG   . ASN A 1 14 ? -12.125 1.812   8.242   1.00 5.56  ? 14  ASN A CG   1 
ATOM   214  O OD1  . ASN A 1 14 ? -11.521 0.758   8.449   1.00 6.79  ? 14  ASN A OD1  1 
ATOM   215  N ND2  . ASN A 1 14 ? -12.632 2.539   9.238   1.00 6.53  ? 14  ASN A ND2  1 
ATOM   216  H H    . ASN A 1 14 ? -9.173  2.371   6.754   1.00 4.57  ? 14  ASN A H    1 
ATOM   217  H HA   . ASN A 1 14 ? -10.818 1.185   6.064   1.00 5.15  ? 14  ASN A HA   1 
ATOM   218  H HB2  . ASN A 1 14 ? -12.538 3.275   6.853   1.00 6.07  ? 14  ASN A HB2  1 
ATOM   219  H HB3  . ASN A 1 14 ? -13.037 1.858   6.397   1.00 6.07  ? 14  ASN A HB3  1 
ATOM   220  H HD21 . ASN A 1 14 ? -12.541 2.278   10.052  1.00 7.83  ? 14  ASN A HD21 1 
ATOM   221  H HD22 . ASN A 1 14 ? -13.050 3.272   9.066   1.00 7.83  ? 14  ASN A HD22 1 
ATOM   222  N N    . THR A 1 15 ? -10.357 3.154   3.874   1.00 4.24  ? 15  THR A N    1 
ATOM   223  C CA   . THR A 1 15 ? -10.529 3.402   2.450   1.00 4.02  ? 15  THR A CA   1 
ATOM   224  C C    . THR A 1 15 ? -10.119 2.190   1.621   1.00 3.99  ? 15  THR A C    1 
ATOM   225  O O    . THR A 1 15 ? -9.116  1.532   1.885   1.00 4.63  ? 15  THR A O    1 
ATOM   226  C CB   . THR A 1 15 ? -9.740  4.685   2.060   1.00 5.18  ? 15  THR A CB   1 
ATOM   227  O OG1  . THR A 1 15 ? -10.547 5.865   2.489   1.00 6.57  ? 15  THR A OG1  1 
ATOM   228  C CG2  . THR A 1 15 ? -9.523  4.813   0.569   1.00 5.58  ? 15  THR A CG2  1 
ATOM   229  H H    . THR A 1 15 ? -9.667  3.460   4.287   1.00 5.08  ? 15  THR A H    1 
ATOM   230  H HA   . THR A 1 15 ? -11.480 3.572   2.287   1.00 4.83  ? 15  THR A HA   1 
ATOM   231  H HB   . THR A 1 15 ? -8.875  4.692   2.520   1.00 6.22  ? 15  THR A HB   1 
ATOM   232  H HG1  . THR A 1 15 ? -10.707 6.338   1.838   1.00 9.86  ? 15  THR A HG1  1 
ATOM   233  H HG21 . THR A 1 15 ? -9.033  5.618   0.386   1.00 8.37  ? 15  THR A HG21 1 
ATOM   234  H HG22 . THR A 1 15 ? -10.373 4.847   0.124   1.00 8.37  ? 15  THR A HG22 1 
ATOM   235  H HG23 . THR A 1 15 ? -9.026  4.056   0.251   1.00 8.37  ? 15  THR A HG23 1 
ATOM   236  N N    . ALA A 1 16 ? -10.926 1.927   0.570   1.00 4.10  ? 16  ALA A N    1 
ATOM   237  C CA   . ALA A 1 16 ? -10.617 0.907   -0.421  1.00 4.28  ? 16  ALA A CA   1 
ATOM   238  C C    . ALA A 1 16 ? -9.543  1.469   -1.379  1.00 4.26  ? 16  ALA A C    1 
ATOM   239  O O    . ALA A 1 16 ? -9.676  2.563   -1.950  1.00 5.13  ? 16  ALA A O    1 
ATOM   240  C CB   . ALA A 1 16 ? -11.874 0.538   -1.204  1.00 5.64  ? 16  ALA A CB   1 
ATOM   241  H H    . ALA A 1 16 ? -11.652 2.380   0.483   1.00 4.93  ? 16  ALA A H    1 
ATOM   242  H HA   . ALA A 1 16 ? -10.267 0.110   0.029   1.00 5.14  ? 16  ALA A HA   1 
ATOM   243  H HB1  . ALA A 1 16 ? -12.538 0.194   -0.601  1.00 8.46  ? 16  ALA A HB1  1 
ATOM   244  H HB2  . ALA A 1 16 ? -11.660 -0.130  -1.858  1.00 8.46  ? 16  ALA A HB2  1 
ATOM   245  H HB3  . ALA A 1 16 ? -12.218 1.319   -1.644  1.00 8.46  ? 16  ALA A HB3  1 
ATOM   246  N N    . LEU A 1 17 ? -8.493  0.684   -1.568  1.00 4.21  ? 17  LEU A N    1 
ATOM   247  C CA   . LEU A 1 17 ? -7.381  1.135   -2.398  1.00 4.13  ? 17  LEU A CA   1 
ATOM   248  C C    . LEU A 1 17 ? -7.784  1.267   -3.850  1.00 4.44  ? 17  LEU A C    1 
ATOM   249  O O    . LEU A 1 17 ? -8.476  0.404   -4.433  1.00 5.15  ? 17  LEU A O    1 
ATOM   250  C CB   . LEU A 1 17 ? -6.240  0.096   -2.270  1.00 4.22  ? 17  LEU A CB   1 
ATOM   251  C CG   . LEU A 1 17 ? -5.568  0.105   -0.877  1.00 4.12  ? 17  LEU A CG   1 
ATOM   252  C CD1  . LEU A 1 17 ? -4.748  -1.156  -0.707  1.00 4.64  ? 17  LEU A CD1  1 
ATOM   253  C CD2  . LEU A 1 17 ? -4.681  1.343   -0.709  1.00 4.95  ? 17  LEU A CD2  1 
ATOM   254  H H    . LEU A 1 17 ? -8.467  -0.093  -1.201  1.00 5.05  ? 17  LEU A H    1 
ATOM   255  H HA   . LEU A 1 17 ? -7.066  2.003   -2.071  1.00 4.96  ? 17  LEU A HA   1 
ATOM   256  H HB2  . LEU A 1 17 ? -6.598  -0.789  -2.442  1.00 5.07  ? 17  LEU A HB2  1 
ATOM   257  H HB3  . LEU A 1 17 ? -5.568  0.280   -2.945  1.00 5.07  ? 17  LEU A HB3  1 
ATOM   258  H HG   . LEU A 1 17 ? -6.267  0.123   -0.189  1.00 4.94  ? 17  LEU A HG   1 
ATOM   259  H HD11 . LEU A 1 17 ? -5.319  -1.922  -0.796  1.00 6.96  ? 17  LEU A HD11 1 
ATOM   260  H HD12 . LEU A 1 17 ? -4.342  -1.159  0.163   1.00 6.96  ? 17  LEU A HD12 1 
ATOM   261  H HD13 . LEU A 1 17 ? -4.064  -1.185  -1.379  1.00 6.96  ? 17  LEU A HD13 1 
ATOM   262  H HD21 . LEU A 1 17 ? -5.213  2.135   -0.820  1.00 7.42  ? 17  LEU A HD21 1 
ATOM   263  H HD22 . LEU A 1 17 ? -3.986  1.331   -1.371  1.00 7.42  ? 17  LEU A HD22 1 
ATOM   264  H HD23 . LEU A 1 17 ? -4.290  1.341   0.167   1.00 7.42  ? 17  LEU A HD23 1 
ATOM   265  N N    . THR A 1 18 ? -7.296  2.356   -4.490  1.00 4.57  ? 18  THR A N    1 
ATOM   266  C CA   . THR A 1 18 ? -7.419  2.550   -5.910  1.00 4.76  ? 18  THR A CA   1 
ATOM   267  C C    . THR A 1 18 ? -6.001  2.752   -6.471  1.00 4.60  ? 18  THR A C    1 
ATOM   268  O O    . THR A 1 18 ? -5.039  3.029   -5.766  1.00 4.40  ? 18  THR A O    1 
ATOM   269  C CB   . THR A 1 18 ? -8.318  3.770   -6.225  1.00 5.62  ? 18  THR A CB   1 
ATOM   270  O OG1  . THR A 1 18 ? -7.586  4.906   -5.753  1.00 6.08  ? 18  THR A OG1  1 
ATOM   271  C CG2  . THR A 1 18 ? -9.673  3.647   -5.583  1.00 7.48  ? 18  THR A CG2  1 
ATOM   272  H H    . THR A 1 18 ? -6.896  2.960   -4.026  1.00 5.48  ? 18  THR A H    1 
ATOM   273  H HA   . THR A 1 18 ? -7.813  1.747   -6.311  1.00 5.71  ? 18  THR A HA   1 
ATOM   274  H HB   . THR A 1 18 ? -8.429  3.842   -7.196  1.00 6.75  ? 18  THR A HB   1 
ATOM   275  H HG1  . THR A 1 18 ? -6.852  4.928   -6.117  1.00 9.13  ? 18  THR A HG1  1 
ATOM   276  H HG21 . THR A 1 18 ? -10.198 4.423   -5.794  1.00 11.22 ? 18  THR A HG21 1 
ATOM   277  H HG22 . THR A 1 18 ? -9.570  3.579   -4.631  1.00 11.22 ? 18  THR A HG22 1 
ATOM   278  H HG23 . THR A 1 18 ? -10.114 2.862   -5.914  1.00 11.22 ? 18  THR A HG23 1 
ATOM   279  N N    . LEU A 1 19 ? -5.905  2.677   -7.816  1.00 5.15  ? 19  LEU A N    1 
ATOM   280  C CA   . LEU A 1 19 ? -4.597  2.741   -8.434  1.00 4.83  ? 19  LEU A CA   1 
ATOM   281  C C    . LEU A 1 19 ? -3.885  4.053   -8.178  1.00 4.82  ? 19  LEU A C    1 
ATOM   282  O O    . LEU A 1 19 ? -2.647  4.056   -8.033  1.00 5.18  ? 19  LEU A O    1 
ATOM   283  C CB   . LEU A 1 19 ? -4.709  2.453   -9.942  1.00 5.60  ? 19  LEU A CB   1 
ATOM   284  C CG   . LEU A 1 19 ? -5.008  0.998   -10.303 1.00 6.04  ? 19  LEU A CG   1 
ATOM   285  C CD1  . LEU A 1 19 ? -5.296  0.875   -11.801 1.00 7.36  ? 19  LEU A CD1  1 
ATOM   286  C CD2  . LEU A 1 19 ? -3.841  0.079   -9.903  1.00 7.22  ? 19  LEU A CD2  1 
ATOM   287  H H    . LEU A 1 19 ? -6.611  2.590   -8.299  1.00 6.19  ? 19  LEU A H    1 
ATOM   288  H HA   . LEU A 1 19 ? -4.051  2.029   -8.039  1.00 5.80  ? 19  LEU A HA   1 
ATOM   289  H HB2  . LEU A 1 19 ? -5.411  3.013   -10.310 1.00 6.72  ? 19  LEU A HB2  1 
ATOM   290  H HB3  . LEU A 1 19 ? -3.877  2.710   -10.367 1.00 6.72  ? 19  LEU A HB3  1 
ATOM   291  H HG   . LEU A 1 19 ? -5.807  0.715   -9.811  1.00 7.25  ? 19  LEU A HG   1 
ATOM   292  H HD11 . LEU A 1 19 ? -6.009  1.473   -12.039 1.00 11.04 ? 19  LEU A HD11 1 
ATOM   293  H HD12 . LEU A 1 19 ? -5.553  -0.026  -12.005 1.00 11.04 ? 19  LEU A HD12 1 
ATOM   294  H HD13 . LEU A 1 19 ? -4.508  1.105   -12.298 1.00 11.04 ? 19  LEU A HD13 1 
ATOM   295  H HD21 . LEU A 1 19 ? -3.666  0.174   -8.964  1.00 10.83 ? 19  LEU A HD21 1 
ATOM   296  H HD22 . LEU A 1 19 ? -3.058  0.321   -10.401 1.00 10.83 ? 19  LEU A HD22 1 
ATOM   297  H HD23 . LEU A 1 19 ? -4.073  -0.833  -10.095 1.00 10.83 ? 19  LEU A HD23 1 
ATOM   298  N N    . ILE A 1 20 ? -4.596  5.195   -8.122  1.00 5.11  ? 20  ILE A N    1 
ATOM   299  C CA   . ILE A 1 20 ? -3.919  6.478   -7.927  1.00 5.24  ? 20  ILE A CA   1 
ATOM   300  C C    . ILE A 1 20 ? -3.236  6.557   -6.584  1.00 4.94  ? 20  ILE A C    1 
ATOM   301  O O    . ILE A 1 20 ? -2.353  7.387   -6.364  1.00 5.92  ? 20  ILE A O    1 
ATOM   302  C CB   . ILE A 1 20 ? -4.903  7.658   -8.100  1.00 6.40  ? 20  ILE A CB   1 
ATOM   303  C CG1  . ILE A 1 20 ? -4.166  9.000   -8.313  1.00 9.33  ? 20  ILE A CG1  1 
ATOM   304  C CG2  . ILE A 1 20 ? -5.910  7.711   -6.962  1.00 7.06  ? 20  ILE A CG2  1 
ATOM   305  C CD1  . ILE A 1 20 ? -5.096  10.156  -8.668  1.00 12.70 ? 20  ILE A CD1  1 
ATOM   306  H H    . ILE A 1 20 ? -5.452  5.172   -8.201  1.00 6.13  ? 20  ILE A H    1 
ATOM   307  H HA   . ILE A 1 20 ? -3.229  6.560   -8.618  1.00 6.28  ? 20  ILE A HA   1 
ATOM   308  H HB   . ILE A 1 20 ? -5.413  7.483   -8.919  1.00 7.68  ? 20  ILE A HB   1 
ATOM   309  H HG12 . ILE A 1 20 ? -3.683  9.224   -7.502  1.00 11.20 ? 20  ILE A HG12 1 
ATOM   310  H HG13 . ILE A 1 20 ? -3.516  8.891   -9.025  1.00 11.20 ? 20  ILE A HG13 1 
ATOM   311  H HG21 . ILE A 1 20 ? -6.357  6.865   -6.889  1.00 10.59 ? 20  ILE A HG21 1 
ATOM   312  H HG22 . ILE A 1 20 ? -6.555  8.400   -7.137  1.00 10.59 ? 20  ILE A HG22 1 
ATOM   313  H HG23 . ILE A 1 20 ? -5.454  7.904   -6.139  1.00 10.59 ? 20  ILE A HG23 1 
ATOM   314  H HD11 . ILE A 1 20 ? -4.581  10.958  -8.777  1.00 19.04 ? 20  ILE A HD11 1 
ATOM   315  H HD12 . ILE A 1 20 ? -5.736  10.279  -7.964  1.00 19.04 ? 20  ILE A HD12 1 
ATOM   316  H HD13 . ILE A 1 20 ? -5.554  9.956   -9.487  1.00 19.04 ? 20  ILE A HD13 1 
ATOM   317  N N    . MET A 1 21 ? -3.649  5.674   -5.645  1.00 4.31  ? 21  MET A N    1 
ATOM   318  C CA   . MET A 1 21 ? -3.104  5.719   -4.298  1.00 4.19  ? 21  MET A CA   1 
ATOM   319  C C    . MET A 1 21 ? -1.760  5.006   -4.156  1.00 3.82  ? 21  MET A C    1 
ATOM   320  O O    . MET A 1 21 ? -1.144  5.107   -3.068  1.00 4.33  ? 21  MET A O    1 
ATOM   321  C CB   . MET A 1 21 ? -4.075  5.060   -3.318  1.00 4.15  ? 21  MET A CB   1 
ATOM   322  C CG   . MET A 1 21 ? -5.407  5.817   -3.218  1.00 4.71  ? 21  MET A CG   1 
ATOM   323  S SD   . MET A 1 21 ? -6.550  4.854   -2.210  1.00 4.71  ? 21  MET A SD   1 
ATOM   324  C CE   . MET A 1 21 ? -8.046  5.817   -2.443  1.00 5.66  ? 21  MET A CE   1 
ATOM   325  H H    . MET A 1 21 ? -4.239  5.081   -5.846  1.00 5.17  ? 21  MET A H    1 
ATOM   326  H HA   . MET A 1 21 ? -2.987  6.657   -4.040  1.00 5.03  ? 21  MET A HA   1 
ATOM   327  H HB2  . MET A 1 21 ? -4.247  4.151   -3.604  1.00 4.98  ? 21  MET A HB2  1 
ATOM   328  H HB3  . MET A 1 21 ? -3.665  5.023   -2.439  1.00 4.98  ? 21  MET A HB3  1 
ATOM   329  H HG2  . MET A 1 21 ? -5.264  6.687   -2.815  1.00 5.65  ? 21  MET A HG2  1 
ATOM   330  H HG3  . MET A 1 21 ? -5.778  5.949   -4.104  1.00 5.65  ? 21  MET A HG3  1 
ATOM   331  H HE1  . MET A 1 21 ? -8.764  5.417   -1.946  1.00 8.49  ? 21  MET A HE1  1 
ATOM   332  H HE2  . MET A 1 21 ? -8.274  5.836   -3.375  1.00 8.49  ? 21  MET A HE2  1 
ATOM   333  H HE3  . MET A 1 21 ? -7.902  6.713   -2.131  1.00 8.49  ? 21  MET A HE3  1 
ATOM   334  N N    . MET A 1 22 ? -1.341  4.227   -5.150  1.00 3.71  ? 22  MET A N    1 
ATOM   335  C CA   . MET A 1 22 ? -0.242  3.282   -4.951  1.00 3.74  ? 22  MET A CA   1 
ATOM   336  C C    . MET A 1 22 ? 0.882   3.524   -5.958  1.00 3.71  ? 22  MET A C    1 
ATOM   337  O O    . MET A 1 22 ? 0.771   3.147   -7.132  1.00 5.48  ? 22  MET A O    1 
ATOM   338  C CB   . MET A 1 22 ? -0.747  1.833   -5.090  1.00 4.14  ? 22  MET A CB   1 
ATOM   339  C CG   . MET A 1 22 ? -1.689  1.456   -3.957  1.00 4.62  ? 22  MET A CG   1 
ATOM   340  S SD   . MET A 1 22 ? -2.283  -0.253  -4.055  1.00 4.67  ? 22  MET A SD   1 
ATOM   341  C CE   . MET A 1 22 ? -3.551  -0.134  -5.307  1.00 5.25  ? 22  MET A CE   1 
ATOM   342  H H    . MET A 1 22 ? -1.722  4.279   -5.920  1.00 4.45  ? 22  MET A H    1 
ATOM   343  H HA   . MET A 1 22 ? 0.116   3.404   -4.047  1.00 4.49  ? 22  MET A HA   1 
ATOM   344  H HB2  . MET A 1 22 ? -1.208  1.734   -5.937  1.00 4.97  ? 22  MET A HB2  1 
ATOM   345  H HB3  . MET A 1 22 ? 0.012   1.228   -5.089  1.00 4.97  ? 22  MET A HB3  1 
ATOM   346  H HG2  . MET A 1 22 ? -1.230  1.580   -3.112  1.00 5.55  ? 22  MET A HG2  1 
ATOM   347  H HG3  . MET A 1 22 ? -2.452  2.055   -3.971  1.00 5.55  ? 22  MET A HG3  1 
ATOM   348  H HE1  . MET A 1 22 ? -3.943  -0.998  -5.449  1.00 7.87  ? 22  MET A HE1  1 
ATOM   349  H HE2  . MET A 1 22 ? -3.162  0.181   -6.127  1.00 7.87  ? 22  MET A HE2  1 
ATOM   350  H HE3  . MET A 1 22 ? -4.229  0.482   -5.017  1.00 7.87  ? 22  MET A HE3  1 
ATOM   351  N N    . LYS A 1 23 ? 1.964   4.108   -5.477  1.00 4.19  ? 23  LYS A N    1 
ATOM   352  C CA   . LYS A 1 23 ? 3.183   4.193   -6.272  1.00 4.06  ? 23  LYS A CA   1 
ATOM   353  C C    . LYS A 1 23 ? 4.097   3.029   -5.842  1.00 3.97  ? 23  LYS A C    1 
ATOM   354  O O    . LYS A 1 23 ? 3.783   2.266   -4.934  1.00 4.49  ? 23  LYS A O    1 
ATOM   355  C CB   . LYS A 1 23 ? 3.839   5.583   -6.169  1.00 4.30  ? 23  LYS A CB   1 
ATOM   356  C CG   . LYS A 1 23 ? 4.284   6.016   -4.756  1.00 4.87  ? 23  LYS A CG   1 
ATOM   357  C CD   . LYS A 1 23 ? 4.926   7.392   -4.753  1.00 5.86  ? 23  LYS A CD   1 
ATOM   358  C CE   . LYS A 1 23 ? 5.299   7.863   -3.329  1.00 5.97  ? 23  LYS A CE   1 
ATOM   359  N NZ   . LYS A 1 23 ? 5.891   9.218   -3.371  1.00 10.45 ? 23  LYS A NZ   1 
ATOM   360  H H    . LYS A 1 23 ? 1.949   4.441   -4.684  1.00 5.02  ? 23  LYS A H    1 
ATOM   361  H HA   . LYS A 1 23 ? 2.939   4.048   -7.211  1.00 4.87  ? 23  LYS A HA   1 
ATOM   362  H HB2  . LYS A 1 23 ? 4.614   5.599   -6.750  1.00 5.16  ? 23  LYS A HB2  1 
ATOM   363  H HB3  . LYS A 1 23 ? 3.211   6.242   -6.505  1.00 5.16  ? 23  LYS A HB3  1 
ATOM   364  H HG2  . LYS A 1 23 ? 3.514   6.022   -4.167  1.00 5.84  ? 23  LYS A HG2  1 
ATOM   365  H HG3  . LYS A 1 23 ? 4.919   5.369   -4.410  1.00 5.84  ? 23  LYS A HG3  1 
ATOM   366  H HD2  . LYS A 1 23 ? 5.727   7.371   -5.301  1.00 7.03  ? 23  LYS A HD2  1 
ATOM   367  H HD3  . LYS A 1 23 ? 4.311   8.030   -5.148  1.00 7.03  ? 23  LYS A HD3  1 
ATOM   368  H HE2  . LYS A 1 23 ? 4.504   7.874   -2.772  1.00 7.16  ? 23  LYS A HE2  1 
ATOM   369  H HE3  . LYS A 1 23 ? 5.934   7.242   -2.937  1.00 7.16  ? 23  LYS A HE3  1 
ATOM   370  H HZ1  . LYS A 1 23 ? 6.103   9.475   -2.545  1.00 15.67 ? 23  LYS A HZ1  1 
ATOM   371  H HZ2  . LYS A 1 23 ? 5.304   9.788   -3.719  1.00 15.67 ? 23  LYS A HZ2  1 
ATOM   372  H HZ3  . LYS A 1 23 ? 6.625   9.204   -3.874  1.00 15.67 ? 23  LYS A HZ3  1 
ATOM   373  N N    . ALA A 1 24 ? 5.222   2.894   -6.548  1.00 5.30  ? 24  ALA A N    1 
ATOM   374  C CA   . ALA A 1 24 ? 6.136   1.805   -6.332  1.00 5.03  ? 24  ALA A CA   1 
ATOM   375  C C    . ALA A 1 24 ? 7.530   2.372   -6.243  1.00 4.27  ? 24  ALA A C    1 
ATOM   376  O O    . ALA A 1 24 ? 7.980   3.064   -7.169  1.00 4.98  ? 24  ALA A O    1 
ATOM   377  C CB   . ALA A 1 24 ? 6.059   0.799   -7.487  1.00 6.94  ? 24  ALA A CB   1 
ATOM   378  H H    . ALA A 1 24 ? 5.405   3.478   -7.153  1.00 6.36  ? 24  ALA A H    1 
ATOM   379  H HA   . ALA A 1 24 ? 5.913   1.354   -5.491  1.00 6.04  ? 24  ALA A HA   1 
ATOM   380  H HB1  . ALA A 1 24 ? 5.170   0.443   -7.541  1.00 10.41 ? 24  ALA A HB1  1 
ATOM   381  H HB2  . ALA A 1 24 ? 6.681   0.085   -7.330  1.00 10.41 ? 24  ALA A HB2  1 
ATOM   382  H HB3  . ALA A 1 24 ? 6.279   1.240   -8.310  1.00 10.41 ? 24  ALA A HB3  1 
ATOM   383  N N    . GLU A 1 25 ? 8.235   2.062   -5.160  1.00 4.46  ? 25  GLU A N    1 
ATOM   384  C CA   . GLU A 1 25 ? 9.572   2.621   -4.948  1.00 4.05  ? 25  GLU A CA   1 
ATOM   385  C C    . GLU A 1 25 ? 10.441  1.625   -4.209  1.00 3.92  ? 25  GLU A C    1 
ATOM   386  O O    . GLU A 1 25 ? 9.930   0.869   -3.382  1.00 4.03  ? 25  GLU A O    1 
ATOM   387  C CB   . GLU A 1 25 ? 9.571   3.932   -4.110  1.00 5.58  ? 25  GLU A CB   1 
ATOM   388  C CG   . GLU A 1 25 ? 8.864   5.104   -4.761  1.00 6.70  ? 25  GLU A CG   1 
ATOM   389  C CD   A GLU A 1 25 ? 9.068   6.300   -3.815  0.47 7.87  ? 25  GLU A CD   1 
ATOM   390  C CD   B GLU A 1 25 ? 8.644   6.270   -3.831  0.53 8.00  ? 25  GLU A CD   1 
ATOM   391  O OE1  A GLU A 1 25 ? 9.932   7.204   -4.005  0.47 9.47  ? 25  GLU A OE1  1 
ATOM   392  O OE1  B GLU A 1 25 ? 8.389   7.352   -4.397  0.53 8.34  ? 25  GLU A OE1  1 
ATOM   393  O OE2  A GLU A 1 25 ? 8.320   6.237   -2.787  0.47 7.81  ? 25  GLU A OE2  1 
ATOM   394  O OE2  B GLU A 1 25 ? 8.719   6.008   -2.581  0.53 7.48  ? 25  GLU A OE2  1 
ATOM   395  H H    . GLU A 1 25 ? 7.900   1.528   -4.575  1.00 5.35  ? 25  GLU A H    1 
ATOM   396  H HA   . GLU A 1 25 ? 9.978   2.807   -5.821  1.00 4.86  ? 25  GLU A HA   1 
ATOM   397  H HB2  . GLU A 1 25 ? 9.147   3.751   -3.256  1.00 6.69  ? 25  GLU A HB2  1 
ATOM   398  H HB3  . GLU A 1 25 ? 10.490  4.185   -3.931  1.00 6.69  ? 25  GLU A HB3  1 
ATOM   399  H HG2  . GLU A 1 25 ? 9.247   5.292   -5.633  1.00 8.04  ? 25  GLU A HG2  1 
ATOM   400  H HG3  . GLU A 1 25 ? 7.919   4.915   -4.871  1.00 8.04  ? 25  GLU A HG3  1 
ATOM   401  N N    . VAL A 1 26 ? 11.745  1.710   -4.431  1.00 4.51  ? 26  VAL A N    1 
ATOM   402  C CA   . VAL A 1 26 ? 12.714  0.950   -3.654  1.00 4.35  ? 26  VAL A CA   1 
ATOM   403  C C    . VAL A 1 26 ? 12.944  1.694   -2.330  1.00 4.53  ? 26  VAL A C    1 
ATOM   404  O O    . VAL A 1 26 ? 13.460  2.810   -2.276  1.00 6.63  ? 26  VAL A O    1 
ATOM   405  C CB   . VAL A 1 26 ? 14.010  0.770   -4.454  1.00 6.28  ? 26  VAL A CB   1 
ATOM   406  C CG1  . VAL A 1 26 ? 15.049  0.070   -3.580  1.00 8.38  ? 26  VAL A CG1  1 
ATOM   407  C CG2  . VAL A 1 26 ? 13.758  0.009   -5.746  1.00 7.99  ? 26  VAL A CG2  1 
ATOM   408  H H    . VAL A 1 26 ? 12.028  2.231   -5.054  1.00 5.41  ? 26  VAL A H    1 
ATOM   409  H HA   . VAL A 1 26 ? 12.337  0.067   -3.459  1.00 5.22  ? 26  VAL A HA   1 
ATOM   410  H HB   . VAL A 1 26 ? 14.353  1.658   -4.685  1.00 7.54  ? 26  VAL A HB   1 
ATOM   411  H HG11 . VAL A 1 26 ? 15.181  0.574   -2.774  1.00 12.57 ? 26  VAL A HG11 1 
ATOM   412  H HG12 . VAL A 1 26 ? 15.880  0.009   -4.058  1.00 12.57 ? 26  VAL A HG12 1 
ATOM   413  H HG13 . VAL A 1 26 ? 14.740  -0.812  -3.360  1.00 12.57 ? 26  VAL A HG13 1 
ATOM   414  H HG21 . VAL A 1 26 ? 13.099  0.473   -6.267  1.00 11.99 ? 26  VAL A HG21 1 
ATOM   415  H HG22 . VAL A 1 26 ? 13.439  -0.874  -5.541  1.00 11.99 ? 26  VAL A HG22 1 
ATOM   416  H HG23 . VAL A 1 26 ? 14.575  -0.054  -6.245  1.00 11.99 ? 26  VAL A HG23 1 
ATOM   417  N N    . VAL A 1 27 ? 12.510  1.046   -1.253  1.00 4.09  ? 27  VAL A N    1 
ATOM   418  C CA   . VAL A 1 27 ? 12.530  1.576   0.098   1.00 4.04  ? 27  VAL A CA   1 
ATOM   419  C C    . VAL A 1 27 ? 13.028  0.508   1.061   1.00 3.81  ? 27  VAL A C    1 
ATOM   420  O O    . VAL A 1 27 ? 13.063  -0.680  0.732   1.00 4.70  ? 27  VAL A O    1 
ATOM   421  C CB   . VAL A 1 27 ? 11.130  2.087   0.511   1.00 4.32  ? 27  VAL A CB   1 
ATOM   422  C CG1  . VAL A 1 27 ? 10.701  3.326   -0.271  1.00 5.54  ? 27  VAL A CG1  1 
ATOM   423  C CG2  . VAL A 1 27 ? 10.075  0.983   0.370   1.00 4.82  ? 27  VAL A CG2  1 
ATOM   424  H H    . VAL A 1 27 ? 12.195  0.253   -1.366  1.00 4.91  ? 27  VAL A H    1 
ATOM   425  H HA   . VAL A 1 27 ? 13.154  2.330   0.125   1.00 4.85  ? 27  VAL A HA   1 
ATOM   426  H HB   . VAL A 1 27 ? 11.174  2.335   1.458   1.00 5.19  ? 27  VAL A HB   1 
ATOM   427  H HG11 . VAL A 1 27 ? 11.366  4.010   -0.176  1.00 8.31  ? 27  VAL A HG11 1 
ATOM   428  H HG12 . VAL A 1 27 ? 9.862   3.645   0.070   1.00 8.31  ? 27  VAL A HG12 1 
ATOM   429  H HG13 . VAL A 1 27 ? 10.604  3.100   -1.198  1.00 8.31  ? 27  VAL A HG13 1 
ATOM   430  H HG21 . VAL A 1 27 ? 10.348  0.213   0.872   1.00 7.23  ? 27  VAL A HG21 1 
ATOM   431  H HG22 . VAL A 1 27 ? 9.983   0.746   -0.556  1.00 7.23  ? 27  VAL A HG22 1 
ATOM   432  H HG23 . VAL A 1 27 ? 9.233   1.301   0.704   1.00 7.23  ? 27  VAL A HG23 1 
ATOM   433  N N    . THR A 1 28 ? 13.363  0.968   2.270   1.00 3.67  ? 28  THR A N    1 
ATOM   434  C CA   . THR A 1 28 ? 13.710  0.056   3.349   1.00 3.78  ? 28  THR A CA   1 
ATOM   435  C C    . THR A 1 28 ? 13.012  0.537   4.620   1.00 3.63  ? 28  THR A C    1 
ATOM   436  O O    . THR A 1 28 ? 13.011  1.747   4.901   1.00 4.10  ? 28  THR A O    1 
ATOM   437  C CB   . THR A 1 28 ? 15.217  -0.052  3.579   1.00 4.19  ? 28  THR A CB   1 
ATOM   438  O OG1  . THR A 1 28 ? 15.783  1.237   3.840   1.00 4.27  ? 28  THR A OG1  1 
ATOM   439  C CG2  . THR A 1 28 ? 15.936  -0.694  2.394   1.00 5.21  ? 28  THR A CG2  1 
ATOM   440  H H    . THR A 1 28 ? 13.375  1.817   2.412   1.00 4.40  ? 28  THR A H    1 
ATOM   441  H HA   . THR A 1 28 ? 13.367  -0.834  3.124   1.00 4.54  ? 28  THR A HA   1 
ATOM   442  H HB   . THR A 1 28 ? 15.365  -0.614  4.367   1.00 5.03  ? 28  THR A HB   1 
ATOM   443  H HG1  . THR A 1 28 ? 15.400  1.579   4.480   1.00 6.41  ? 28  THR A HG1  1 
ATOM   444  H HG21 . THR A 1 28 ? 16.878  -0.730  2.574   1.00 7.81  ? 28  THR A HG21 1 
ATOM   445  H HG22 . THR A 1 28 ? 15.781  -0.171  1.605   1.00 7.81  ? 28  THR A HG22 1 
ATOM   446  H HG23 . THR A 1 28 ? 15.601  -1.584  2.262   1.00 7.81  ? 28  THR A HG23 1 
ATOM   447  N N    . PRO A 1 29 ? 12.423  -0.388  5.389   1.00 3.53  ? 29  PRO A N    1 
ATOM   448  C CA   . PRO A 1 29 ? 12.309  -1.821  5.129   1.00 3.65  ? 29  PRO A CA   1 
ATOM   449  C C    . PRO A 1 29 ? 11.356  -2.116  3.965   1.00 3.56  ? 29  PRO A C    1 
ATOM   450  O O    . PRO A 1 29 ? 10.650  -1.267  3.433   1.00 5.32  ? 29  PRO A O    1 
ATOM   451  C CB   . PRO A 1 29 ? 11.800  -2.395  6.449   1.00 4.74  ? 29  PRO A CB   1 
ATOM   452  C CG   . PRO A 1 29 ? 10.964  -1.250  7.023   1.00 4.83  ? 29  PRO A CG   1 
ATOM   453  C CD   . PRO A 1 29 ? 11.805  -0.016  6.668   1.00 4.02  ? 29  PRO A CD   1 
ATOM   454  H HA   . PRO A 1 29 ? 13.195  -2.190  4.929   1.00 4.38  ? 29  PRO A HA   1 
ATOM   455  H HB2  . PRO A 1 29 ? 11.257  -3.185  6.302   1.00 5.69  ? 29  PRO A HB2  1 
ATOM   456  H HB3  . PRO A 1 29 ? 12.536  -2.621  7.040   1.00 5.69  ? 29  PRO A HB3  1 
ATOM   457  H HG2  . PRO A 1 29 ? 10.089  -1.211  6.607   1.00 5.79  ? 29  PRO A HG2  1 
ATOM   458  H HG3  . PRO A 1 29 ? 10.858  -1.339  7.983   1.00 5.79  ? 29  PRO A HG3  1 
ATOM   459  H HD2  . PRO A 1 29 ? 11.247  0.772   6.571   1.00 4.83  ? 29  PRO A HD2  1 
ATOM   460  H HD3  . PRO A 1 29 ? 12.478  0.155   7.345   1.00 4.83  ? 29  PRO A HD3  1 
ATOM   461  N N    . MET A 1 30 ? 11.325  -3.390  3.584   1.00 4.82  ? 30  MET A N    1 
ATOM   462  C CA   . MET A 1 30 ? 10.516  -3.854  2.474   1.00 3.92  ? 30  MET A CA   1 
ATOM   463  C C    . MET A 1 30 ? 9.057   -3.893  2.858   1.00 3.81  ? 30  MET A C    1 
ATOM   464  O O    . MET A 1 30 ? 8.698   -4.338  3.951   1.00 4.84  ? 30  MET A O    1 
ATOM   465  C CB   . MET A 1 30 ? 10.973  -5.286  2.113   1.00 4.57  ? 30  MET A CB   1 
ATOM   466  C CG   . MET A 1 30 ? 10.262  -5.861  0.903   1.00 4.88  ? 30  MET A CG   1 
ATOM   467  S SD   . MET A 1 30 ? 10.863  -5.048  -0.591  1.00 5.54  ? 30  MET A SD   1 
ATOM   468  C CE   A MET A 1 30 ? 9.520   -5.504  -1.689  0.80 5.92  ? 30  MET A CE   1 
ATOM   469  C CE   B MET A 1 30 ? 12.411  -5.839  -0.781  0.20 14.35 ? 30  MET A CE   1 
ATOM   470  H H    . MET A 1 30 ? 11.804  -3.961  4.012   1.00 5.78  ? 30  MET A H    1 
ATOM   471  H HA   . MET A 1 30 ? 10.641  -3.263  1.702   1.00 4.70  ? 30  MET A HA   1 
ATOM   472  H HB2  . MET A 1 30 ? 11.927  -5.277  1.942   1.00 5.48  ? 30  MET A HB2  1 
ATOM   473  H HB3  . MET A 1 30 ? 10.816  -5.866  2.875   1.00 5.48  ? 30  MET A HB3  1 
ATOM   474  H HG2  . MET A 1 30 ? 10.429  -6.816  0.848   1.00 5.86  ? 30  MET A HG2  1 
ATOM   475  H HG3  . MET A 1 30 ? 9.305   -5.725  0.989   1.00 5.86  ? 30  MET A HG3  1 
ATOM   476  H HE1  A MET A 1 30 ? 9.682   -5.139  -2.561  0.80 8.88  ? 30  MET A HE1  1 
ATOM   477  H HE1  B MET A 1 30 ? 12.835  -5.524  -1.583  0.20 21.52 ? 30  MET A HE1  1 
ATOM   478  H HE2  A MET A 1 30 ? 8.694   -5.156  -1.345  0.80 8.88  ? 30  MET A HE2  1 
ATOM   479  H HE2  B MET A 1 30 ? 12.280  -6.788  -0.841  0.20 21.52 ? 30  MET A HE2  1 
ATOM   480  H HE3  A MET A 1 30 ? 9.465   -6.461  -1.746  0.80 8.88  ? 30  MET A HE3  1 
ATOM   481  H HE3  B MET A 1 30 ? 12.968  -5.640  -0.025  0.20 21.52 ? 30  MET A HE3  1 
ATOM   482  N N    . GLY A 1 31 ? 8.206   -3.428  1.948   1.00 3.74  ? 31  GLY A N    1 
ATOM   483  C CA   . GLY A 1 31 ? 6.782   -3.550  2.108   1.00 4.22  ? 31  GLY A CA   1 
ATOM   484  C C    . GLY A 1 31 ? 6.184   -4.617  1.207   1.00 3.46  ? 31  GLY A C    1 
ATOM   485  O O    . GLY A 1 31 ? 6.895   -5.511  0.705   1.00 3.89  ? 31  GLY A O    1 
ATOM   486  H H    . GLY A 1 31 ? 8.516   -3.044  1.244   1.00 4.48  ? 31  GLY A H    1 
ATOM   487  H HA2  . GLY A 1 31 ? 6.584   -3.767  3.032   1.00 5.06  ? 31  GLY A HA2  1 
ATOM   488  H HA3  . GLY A 1 31 ? 6.367   -2.696  1.907   1.00 5.06  ? 31  GLY A HA3  1 
ATOM   489  N N    . ILE A 1 32 ? 4.873   -4.544  0.994   1.00 3.51  ? 32  ILE A N    1 
ATOM   490  C CA   . ILE A 1 32 ? 4.258   -5.430  0.024   1.00 3.38  ? 32  ILE A CA   1 
ATOM   491  C C    . ILE A 1 32 ? 4.978   -5.227  -1.319  1.00 3.44  ? 32  ILE A C    1 
ATOM   492  O O    . ILE A 1 32 ? 5.174   -4.081  -1.748  1.00 3.63  ? 32  ILE A O    1 
ATOM   493  C CB   . ILE A 1 32 ? 2.759   -5.110  -0.102  1.00 3.57  ? 32  ILE A CB   1 
ATOM   494  C CG1  . ILE A 1 32 ? 2.039   -5.397  1.215   1.00 4.18  ? 32  ILE A CG1  1 
ATOM   495  C CG2  . ILE A 1 32 ? 2.168   -5.928  -1.250  1.00 4.59  ? 32  ILE A CG2  1 
ATOM   496  C CD1  . ILE A 1 32 ? 0.581   -4.953  1.234   1.00 4.77  ? 32  ILE A CD1  1 
ATOM   497  H H    . ILE A 1 32 ? 4.394   -3.976  1.427   1.00 4.21  ? 32  ILE A H    1 
ATOM   498  H HA   . ILE A 1 32 ? 4.369   -6.360  0.315   1.00 4.06  ? 32  ILE A HA   1 
ATOM   499  H HB   . ILE A 1 32 ? 2.659   -4.158  -0.313  1.00 4.29  ? 32  ILE A HB   1 
ATOM   500  H HG12 . ILE A 1 32 ? 2.078   -6.350  1.391   1.00 5.02  ? 32  ILE A HG12 1 
ATOM   501  H HG13 . ILE A 1 32 ? 2.512   -4.946  1.933   1.00 5.02  ? 32  ILE A HG13 1 
ATOM   502  H HG21 . ILE A 1 32 ? 2.656   -5.747  -2.056  1.00 6.89  ? 32  ILE A HG21 1 
ATOM   503  H HG22 . ILE A 1 32 ? 1.246   -5.688  -1.372  1.00 6.89  ? 32  ILE A HG22 1 
ATOM   504  H HG23 . ILE A 1 32 ? 2.231   -6.864  -1.042  1.00 6.89  ? 32  ILE A HG23 1 
ATOM   505  H HD11 . ILE A 1 32 ? 0.202   -5.139  2.096   1.00 7.16  ? 32  ILE A HD11 1 
ATOM   506  H HD12 . ILE A 1 32 ? 0.093   -5.431  0.560   1.00 7.16  ? 32  ILE A HD12 1 
ATOM   507  H HD13 . ILE A 1 32 ? 0.532   -4.012  1.059   1.00 7.16  ? 32  ILE A HD13 1 
ATOM   508  N N    . PRO A 1 33 ? 5.358   -6.295  -2.030  1.00 3.75  ? 33  PRO A N    1 
ATOM   509  C CA   . PRO A 1 33 ? 6.021   -6.103  -3.304  1.00 4.43  ? 33  PRO A CA   1 
ATOM   510  C C    . PRO A 1 33 ? 5.149   -5.342  -4.297  1.00 3.94  ? 33  PRO A C    1 
ATOM   511  O O    . PRO A 1 33 ? 3.944   -5.551  -4.395  1.00 4.50  ? 33  PRO A O    1 
ATOM   512  C CB   . PRO A 1 33 ? 6.305   -7.548  -3.795  1.00 6.13  ? 33  PRO A CB   1 
ATOM   513  C CG   . PRO A 1 33 ? 6.458   -8.320  -2.467  1.00 6.43  ? 33  PRO A CG   1 
ATOM   514  C CD   . PRO A 1 33 ? 5.352   -7.711  -1.609  1.00 4.84  ? 33  PRO A CD   1 
ATOM   515  H HA   . PRO A 1 33 ? 6.867   -5.624  -3.169  1.00 5.32  ? 33  PRO A HA   1 
ATOM   516  H HB2  . PRO A 1 33 ? 5.568   -7.893  -4.322  1.00 7.35  ? 33  PRO A HB2  1 
ATOM   517  H HB3  . PRO A 1 33 ? 7.120   -7.589  -4.321  1.00 7.35  ? 33  PRO A HB3  1 
ATOM   518  H HG2  . PRO A 1 33 ? 6.320   -9.271  -2.596  1.00 7.72  ? 33  PRO A HG2  1 
ATOM   519  H HG3  . PRO A 1 33 ? 7.331   -8.174  -2.072  1.00 7.72  ? 33  PRO A HG3  1 
ATOM   520  H HD2  . PRO A 1 33 ? 4.496   -8.129  -1.791  1.00 5.80  ? 33  PRO A HD2  1 
ATOM   521  H HD3  . PRO A 1 33 ? 5.554   -7.798  -0.664  1.00 5.80  ? 33  PRO A HD3  1 
ATOM   522  N N    . ALA A 1 34 ? 5.824   -4.503  -5.108  1.00 4.36  ? 34  ALA A N    1 
ATOM   523  C CA   . ALA A 1 34 ? 5.103   -3.658  -6.058  1.00 4.68  ? 34  ALA A CA   1 
ATOM   524  C C    . ALA A 1 34 ? 4.223   -4.437  -7.025  1.00 4.72  ? 34  ALA A C    1 
ATOM   525  O O    . ALA A 1 34 ? 3.214   -3.881  -7.480  1.00 5.19  ? 34  ALA A O    1 
ATOM   526  C CB   . ALA A 1 34 ? 6.115   -2.799  -6.830  1.00 7.22  ? 34  ALA A CB   1 
ATOM   527  H H    . ALA A 1 34 ? 6.682   -4.466  -5.068  1.00 5.24  ? 34  ALA A H    1 
ATOM   528  H HA   . ALA A 1 34 ? 4.526   -3.054  -5.545  1.00 5.62  ? 34  ALA A HA   1 
ATOM   529  H HB1  . ALA A 1 34 ? 6.664   -2.316  -6.208  1.00 10.83 ? 34  ALA A HB1  1 
ATOM   530  H HB2  . ALA A 1 34 ? 5.644   -2.178  -7.392  1.00 10.83 ? 34  ALA A HB2  1 
ATOM   531  H HB3  . ALA A 1 34 ? 6.668   -3.366  -7.372  1.00 10.83 ? 34  ALA A HB3  1 
ATOM   532  N N    . GLU A 1 35 ? 4.605   -5.666  -7.381  1.00 5.17  ? 35  GLU A N    1 
ATOM   533  C CA   . GLU A 1 35 ? 3.804   -6.413  -8.327  1.00 7.21  ? 35  GLU A CA   1 
ATOM   534  C C    . GLU A 1 35 ? 2.379   -6.633  -7.815  1.00 5.65  ? 35  GLU A C    1 
ATOM   535  O O    . GLU A 1 35 ? 1.504   -6.966  -8.616  1.00 6.82  ? 35  GLU A O    1 
ATOM   536  C CB   . GLU A 1 35 ? 4.425   -7.790  -8.599  1.00 11.74 ? 35  GLU A CB   1 
ATOM   537  C CG   . GLU A 1 35 ? 5.866   -7.968  -9.018  1.00 15.12 ? 35  GLU A CG   1 
ATOM   538  C CD   . GLU A 1 35 ? 7.090   -7.549  -8.284  1.00 19.09 ? 35  GLU A CD   1 
ATOM   539  O OE1  . GLU A 1 35 ? 8.217   -7.775  -8.827  1.00 28.05 ? 35  GLU A OE1  1 
ATOM   540  O OE2  . GLU A 1 35 ? 7.133   -6.978  -7.185  1.00 10.36 ? 35  GLU A OE2  1 
ATOM   541  H H    . GLU A 1 35 ? 5.320   -6.010  -7.050  1.00 6.20  ? 35  GLU A H    1 
ATOM   542  H HA   . GLU A 1 35 ? 3.762   -5.914  -9.170  1.00 8.65  ? 35  GLU A HA   1 
ATOM   543  H HB2  . GLU A 1 35 ? 4.303   -8.314  -7.792  1.00 14.08 ? 35  GLU A HB2  1 
ATOM   544  H HB3  . GLU A 1 35 ? 3.884   -8.209  -9.286  1.00 14.08 ? 35  GLU A HB3  1 
ATOM   545  H HG2  . GLU A 1 35 ? 5.973   -8.920  -9.170  1.00 18.15 ? 35  GLU A HG2  1 
ATOM   546  H HG3  . GLU A 1 35 ? 5.934   -7.548  -9.889  1.00 18.15 ? 35  GLU A HG3  1 
ATOM   547  N N    . GLU A 1 36 ? 2.139   -6.519  -6.491  1.00 4.97  ? 36  GLU A N    1 
ATOM   548  C CA   . GLU A 1 36 ? 0.817   -6.750  -5.958  1.00 4.88  ? 36  GLU A CA   1 
ATOM   549  C C    . GLU A 1 36 ? -0.148  -5.585  -6.172  1.00 4.42  ? 36  GLU A C    1 
ATOM   550  O O    . GLU A 1 36 ? -1.324  -5.758  -5.888  1.00 5.18  ? 36  GLU A O    1 
ATOM   551  C CB   . GLU A 1 36 ? 0.919   -7.072  -4.470  1.00 5.74  ? 36  GLU A CB   1 
ATOM   552  C CG   . GLU A 1 36 ? 1.749   -8.282  -4.114  1.00 7.50  ? 36  GLU A CG   1 
ATOM   553  C CD   . GLU A 1 36 ? 1.306   -9.593  -4.695  1.00 17.12 ? 36  GLU A CD   1 
ATOM   554  O OE1  . GLU A 1 36 ? 0.159   -9.874  -5.028  1.00 17.08 ? 36  GLU A OE1  1 
ATOM   555  O OE2  . GLU A 1 36 ? 2.207   -10.473 -4.814  1.00 27.44 ? 36  GLU A OE2  1 
ATOM   556  H H    . GLU A 1 36 ? 2.781   -6.306  -5.960  1.00 5.97  ? 36  GLU A H    1 
ATOM   557  H HA   . GLU A 1 36 ? 0.445   -7.536  -6.410  1.00 5.86  ? 36  GLU A HA   1 
ATOM   558  H HB2  . GLU A 1 36 ? 1.292   -6.302  -4.015  1.00 6.89  ? 36  GLU A HB2  1 
ATOM   559  H HB3  . GLU A 1 36 ? 0.021   -7.206  -4.124  1.00 6.89  ? 36  GLU A HB3  1 
ATOM   560  H HG2  . GLU A 1 36 ? 2.661   -8.117  -4.400  1.00 9.00  ? 36  GLU A HG2  1 
ATOM   561  H HG3  . GLU A 1 36 ? 1.759   -8.368  -3.148  1.00 9.00  ? 36  GLU A HG3  1 
ATOM   562  N N    . ILE A 1 37 ? 0.338   -4.427  -6.641  1.00 4.29  ? 37  ILE A N    1 
ATOM   563  C CA   . ILE A 1 37 ? -0.538  -3.268  -6.770  1.00 4.11  ? 37  ILE A CA   1 
ATOM   564  C C    . ILE A 1 37 ? -1.891  -3.588  -7.433  1.00 4.19  ? 37  ILE A C    1 
ATOM   565  O O    . ILE A 1 37 ? -2.937  -3.222  -6.881  1.00 4.59  ? 37  ILE A O    1 
ATOM   566  C CB   . ILE A 1 37 ? 0.197   -2.096  -7.438  1.00 4.07  ? 37  ILE A CB   1 
ATOM   567  C CG1  . ILE A 1 37 ? 1.173   -1.520  -6.411  1.00 4.32  ? 37  ILE A CG1  1 
ATOM   568  C CG2  . ILE A 1 37 ? -0.755  -1.021  -7.968  1.00 4.56  ? 37  ILE A CG2  1 
ATOM   569  C CD1  . ILE A 1 37 ? 2.155   -0.476  -6.953  1.00 5.31  ? 37  ILE A CD1  1 
ATOM   570  H H    . ILE A 1 37 ? 1.166   -4.368  -6.866  1.00 5.15  ? 37  ILE A H    1 
ATOM   571  H HA   . ILE A 1 37 ? -0.743  -2.977  -5.857  1.00 4.94  ? 37  ILE A HA   1 
ATOM   572  H HB   . ILE A 1 37 ? 0.716   -2.447  -8.192  1.00 4.88  ? 37  ILE A HB   1 
ATOM   573  H HG12 . ILE A 1 37 ? 0.660   -1.115  -5.694  1.00 5.18  ? 37  ILE A HG12 1 
ATOM   574  H HG13 . ILE A 1 37 ? 1.683   -2.252  -6.029  1.00 5.18  ? 37  ILE A HG13 1 
ATOM   575  H HG21 . ILE A 1 37 ? -1.365  -1.415  -8.596  1.00 6.84  ? 37  ILE A HG21 1 
ATOM   576  H HG22 . ILE A 1 37 ? -0.248  -0.331  -8.401  1.00 6.84  ? 37  ILE A HG22 1 
ATOM   577  H HG23 . ILE A 1 37 ? -1.250  -0.644  -7.236  1.00 6.84  ? 37  ILE A HG23 1 
ATOM   578  H HD11 . ILE A 1 37 ? 2.731   -0.181  -6.245  1.00 7.97  ? 37  ILE A HD11 1 
ATOM   579  H HD12 . ILE A 1 37 ? 1.665   0.273   -7.302  1.00 7.97  ? 37  ILE A HD12 1 
ATOM   580  H HD13 . ILE A 1 37 ? 2.684   -0.867  -7.653  1.00 7.97  ? 37  ILE A HD13 1 
ATOM   581  N N    . PRO A 1 38 ? -1.951  -4.224  -8.616  1.00 4.35  ? 38  PRO A N    1 
ATOM   582  C CA   . PRO A 1 38 ? -3.270  -4.388  -9.240  1.00 4.53  ? 38  PRO A CA   1 
ATOM   583  C C    . PRO A 1 38 ? -4.182  -5.298  -8.421  1.00 5.01  ? 38  PRO A C    1 
ATOM   584  O O    . PRO A 1 38 ? -5.408  -5.170  -8.502  1.00 6.67  ? 38  PRO A O    1 
ATOM   585  C CB   . PRO A 1 38 ? -2.938  -4.978  -10.613 1.00 5.39  ? 38  PRO A CB   1 
ATOM   586  C CG   . PRO A 1 38 ? -1.556  -5.570  -10.483 1.00 5.16  ? 38  PRO A CG   1 
ATOM   587  C CD   . PRO A 1 38 ? -0.846  -4.643  -9.504  1.00 4.74  ? 38  PRO A CD   1 
ATOM   588  H HA   . PRO A 1 38 ? -3.694  -3.512  -9.351  1.00 5.44  ? 38  PRO A HA   1 
ATOM   589  H HB2  . PRO A 1 38 ? -3.581  -5.663  -10.853 1.00 6.46  ? 38  PRO A HB2  1 
ATOM   590  H HB3  . PRO A 1 38 ? -2.951  -4.286  -11.292 1.00 6.46  ? 38  PRO A HB3  1 
ATOM   591  H HG2  . PRO A 1 38 ? -1.598  -6.475  -10.136 1.00 6.20  ? 38  PRO A HG2  1 
ATOM   592  H HG3  . PRO A 1 38 ? -1.103  -5.582  -11.341 1.00 6.20  ? 38  PRO A HG3  1 
ATOM   593  H HD2  . PRO A 1 38 ? -0.156  -5.113  -9.010  1.00 5.69  ? 38  PRO A HD2  1 
ATOM   594  H HD3  . PRO A 1 38 ? -0.452  -3.884  -9.959  1.00 5.69  ? 38  PRO A HD3  1 
ATOM   595  N N    . LYS A 1 39 ? -3.603  -6.230  -7.645  1.00 5.12  ? 39  LYS A N    1 
ATOM   596  C CA   . LYS A 1 39 ? -4.361  -7.149  -6.809  1.00 6.11  ? 39  LYS A CA   1 
ATOM   597  C C    . LYS A 1 39 ? -4.870  -6.477  -5.531  1.00 5.94  ? 39  LYS A C    1 
ATOM   598  O O    . LYS A 1 39 ? -5.836  -6.930  -4.887  1.00 8.04  ? 39  LYS A O    1 
ATOM   599  C CB   . LYS A 1 39 ? -3.499  -8.357  -6.469  1.00 6.96  ? 39  LYS A CB   1 
ATOM   600  C CG   . LYS A 1 39 ? -3.231  -9.190  -7.705  1.00 9.24  ? 39  LYS A CG   1 
ATOM   601  C CD   . LYS A 1 39 ? -2.132  -10.194 -7.499  1.00 9.12  ? 39  LYS A CD   1 
ATOM   602  C CE   . LYS A 1 39 ? -2.461  -11.203 -6.412  1.00 11.36 ? 39  LYS A CE   1 
ATOM   603  N NZ   . LYS A 1 39 ? -1.209  -12.007 -6.195  1.00 12.48 ? 39  LYS A NZ   1 
ATOM   604  H H    . LYS A 1 39 ? -2.746  -6.286  -7.644  1.00 6.15  ? 39  LYS A H    1 
ATOM   605  H HA   . LYS A 1 39 ? -5.136  -7.460  -7.320  1.00 7.34  ? 39  LYS A HA   1 
ATOM   606  H HB2  . LYS A 1 39 ? -2.657  -8.059  -6.091  1.00 8.35  ? 39  LYS A HB2  1 
ATOM   607  H HB3  . LYS A 1 39 ? -3.951  -8.902  -5.804  1.00 8.35  ? 39  LYS A HB3  1 
ATOM   608  H HG2  . LYS A 1 39 ? -4.044  -9.656  -7.956  1.00 11.09 ? 39  LYS A HG2  1 
ATOM   609  H HG3  . LYS A 1 39 ? -2.988  -8.601  -8.437  1.00 11.09 ? 39  LYS A HG3  1 
ATOM   610  H HD2  . LYS A 1 39 ? -1.972  -10.666 -8.331  1.00 10.94 ? 39  LYS A HD2  1 
ATOM   611  H HD3  . LYS A 1 39 ? -1.316  -9.727  -7.261  1.00 10.94 ? 39  LYS A HD3  1 
ATOM   612  H HE2  . LYS A 1 39 ? -2.719  -10.749 -5.594  1.00 13.63 ? 39  LYS A HE2  1 
ATOM   613  H HE3  . LYS A 1 39 ? -3.190  -11.778 -6.691  1.00 13.63 ? 39  LYS A HE3  1 
ATOM   614  H HZ1  . LYS A 1 39 ? -1.357  -12.625 -5.572  1.00 18.73 ? 39  LYS A HZ1  1 
ATOM   615  H HZ2  . LYS A 1 39 ? -0.552  -11.468 -5.929  1.00 18.73 ? 39  LYS A HZ2  1 
ATOM   616  H HZ3  . LYS A 1 39 ? -0.975  -12.403 -6.957  1.00 18.73 ? 39  LYS A HZ3  1 
ATOM   617  N N    . LEU A 1 40 ? -4.185  -5.395  -5.097  1.00 4.64  ? 40  LEU A N    1 
ATOM   618  C CA   . LEU A 1 40 ? -4.592  -4.658  -3.904  1.00 4.47  ? 40  LEU A CA   1 
ATOM   619  C C    . LEU A 1 40 ? -5.810  -3.788  -4.157  1.00 4.65  ? 40  LEU A C    1 
ATOM   620  O O    . LEU A 1 40 ? -6.486  -3.382  -3.189  1.00 5.12  ? 40  LEU A O    1 
ATOM   621  C CB   . LEU A 1 40 ? -3.433  -3.780  -3.427  1.00 4.20  ? 40  LEU A CB   1 
ATOM   622  C CG   . LEU A 1 40 ? -2.347  -4.542  -2.660  1.00 4.64  ? 40  LEU A CG   1 
ATOM   623  C CD1  . LEU A 1 40 ? -1.086  -3.719  -2.623  1.00 5.10  ? 40  LEU A CD1  1 
ATOM   624  C CD2  . LEU A 1 40 ? -2.817  -4.863  -1.230  1.00 7.30  ? 40  LEU A CD2  1 
ATOM   625  H H    . LEU A 1 40 ? -3.492  -5.134  -5.535  1.00 5.56  ? 40  LEU A H    1 
ATOM   626  H HA   . LEU A 1 40 ? -4.810  -5.301  -3.197  1.00 5.37  ? 40  LEU A HA   1 
ATOM   627  H HB2  . LEU A 1 40 ? -3.028  -3.353  -4.199  1.00 5.04  ? 40  LEU A HB2  1 
ATOM   628  H HB3  . LEU A 1 40 ? -3.786  -3.080  -2.856  1.00 5.04  ? 40  LEU A HB3  1 
ATOM   629  H HG   . LEU A 1 40 ? -2.162  -5.384  -3.127  1.00 5.57  ? 40  LEU A HG   1 
ATOM   630  H HD11 . LEU A 1 40 ? -0.405  -4.200  -2.147  1.00 7.65  ? 40  LEU A HD11 1 
ATOM   631  H HD12 . LEU A 1 40 ? -1.261  -2.887  -2.178  1.00 7.65  ? 40  LEU A HD12 1 
ATOM   632  H HD13 . LEU A 1 40 ? -0.790  -3.546  -3.519  1.00 7.65  ? 40  LEU A HD13 1 
ATOM   633  H HD21 . LEU A 1 40 ? -3.616  -5.395  -1.267  1.00 10.94 ? 40  LEU A HD21 1 
ATOM   634  H HD22 . LEU A 1 40 ? -2.999  -4.044  -0.762  1.00 10.94 ? 40  LEU A HD22 1 
ATOM   635  H HD23 . LEU A 1 40 ? -2.130  -5.348  -0.768  1.00 10.94 ? 40  LEU A HD23 1 
ATOM   636  N N    . VAL A 1 41 ? -6.076  -3.426  -5.415  1.00 5.24  ? 41  VAL A N    1 
ATOM   637  C CA   . VAL A 1 41 ? -7.202  -2.558  -5.713  1.00 5.32  ? 41  VAL A CA   1 
ATOM   638  C C    . VAL A 1 41 ? -8.460  -3.181  -5.136  1.00 5.09  ? 41  VAL A C    1 
ATOM   639  O O    . VAL A 1 41 ? -8.761  -4.376  -5.327  1.00 5.98  ? 41  VAL A O    1 
ATOM   640  C CB   . VAL A 1 41 ? -7.337  -2.365  -7.236  1.00 6.61  ? 41  VAL A CB   1 
ATOM   641  C CG1  . VAL A 1 41 ? -8.573  -1.597  -7.590  1.00 7.77  ? 41  VAL A CG1  1 
ATOM   642  C CG2  . VAL A 1 41 ? -6.117  -1.644  -7.779  1.00 7.16  ? 41  VAL A CG2  1 
ATOM   643  H H    . VAL A 1 41 ? -5.576  -3.710  -6.054  1.00 6.28  ? 41  VAL A H    1 
ATOM   644  H HA   . VAL A 1 41 ? -7.054  -1.686  -5.291  1.00 6.38  ? 41  VAL A HA   1 
ATOM   645  H HB   . VAL A 1 41 ? -7.390  -3.248  -7.658  1.00 7.94  ? 41  VAL A HB   1 
ATOM   646  H HG11 . VAL A 1 41 ? -9.343  -2.051  -7.240  1.00 11.66 ? 41  VAL A HG11 1 
ATOM   647  H HG12 . VAL A 1 41 ? -8.646  -1.532  -8.544  1.00 11.66 ? 41  VAL A HG12 1 
ATOM   648  H HG13 . VAL A 1 41 ? -8.521  -0.716  -7.212  1.00 11.66 ? 41  VAL A HG13 1 
ATOM   649  H HG21 . VAL A 1 41 ? -5.326  -2.141  -7.556  1.00 10.74 ? 41  VAL A HG21 1 
ATOM   650  H HG22 . VAL A 1 41 ? -6.064  -0.767  -7.390  1.00 10.74 ? 41  VAL A HG22 1 
ATOM   651  H HG23 . VAL A 1 41 ? -6.188  -1.567  -8.733  1.00 10.74 ? 41  VAL A HG23 1 
ATOM   652  N N    . GLY A 1 42 ? -9.206  -2.348  -4.411  1.00 5.26  ? 42  GLY A N    1 
ATOM   653  C CA   . GLY A 1 42 ? -10.427 -2.719  -3.790  1.00 5.53  ? 42  GLY A CA   1 
ATOM   654  C C    . GLY A 1 42 ? -10.320 -3.117  -2.345  1.00 5.11  ? 42  GLY A C    1 
ATOM   655  O O    . GLY A 1 42 ? -11.306 -3.128  -1.608  1.00 6.70  ? 42  GLY A O    1 
ATOM   656  H H    . GLY A 1 42 ? -8.933  -1.539  -4.312  1.00 6.31  ? 42  GLY A H    1 
ATOM   657  H HA2  . GLY A 1 42 ? -11.044 -1.975  -3.858  1.00 6.64  ? 42  GLY A HA2  1 
ATOM   658  H HA3  . GLY A 1 42 ? -10.810 -3.461  -4.286  1.00 6.64  ? 42  GLY A HA3  1 
ATOM   659  N N    . MET A 1 43 ? -9.105  -3.491  -1.912  1.00 4.72  ? 43  MET A N    1 
ATOM   660  C CA   . MET A 1 43 ? -8.903  -3.928  -0.528  1.00 4.43  ? 43  MET A CA   1 
ATOM   661  C C    . MET A 1 43 ? -8.792  -2.672  0.360   1.00 4.18  ? 43  MET A C    1 
ATOM   662  O O    . MET A 1 43 ? -8.256  -1.652  -0.044  1.00 5.10  ? 43  MET A O    1 
ATOM   663  C CB   . MET A 1 43 ? -7.628  -4.775  -0.415  1.00 4.85  ? 43  MET A CB   1 
ATOM   664  C CG   . MET A 1 43 ? -7.721  -5.991  -1.348  1.00 5.43  ? 43  MET A CG   1 
ATOM   665  S SD   . MET A 1 43 ? -6.403  -7.169  -1.119  1.00 6.39  ? 43  MET A SD   1 
ATOM   666  C CE   A MET A 1 43 ? -6.937  -7.943  0.393   0.76 5.91  ? 43  MET A CE   1 
ATOM   667  C CE   B MET A 1 43 ? -6.929  -8.327  -2.236  0.24 6.31  ? 43  MET A CE   1 
ATOM   668  H H    . MET A 1 43 ? -8.438  -3.473  -2.453  1.00 5.66  ? 43  MET A H    1 
ATOM   669  H HA   . MET A 1 43 ? -9.673  -4.461  -0.241  1.00 5.31  ? 43  MET A HA   1 
ATOM   670  H HB2  . MET A 1 43 ? -6.857  -4.238  -0.654  1.00 5.82  ? 43  MET A HB2  1 
ATOM   671  H HB3  . MET A 1 43 ? -7.517  -5.075  0.501   1.00 5.82  ? 43  MET A HB3  1 
ATOM   672  H HG2  . MET A 1 43 ? -8.569  -6.437  -1.199  1.00 6.51  ? 43  MET A HG2  1 
ATOM   673  H HG3  . MET A 1 43 ? -7.708  -5.682  -2.267  1.00 6.51  ? 43  MET A HG3  1 
ATOM   674  H HE1  A MET A 1 43 ? -6.308  -8.624  0.644   0.76 8.86  ? 43  MET A HE1  1 
ATOM   675  H HE1  B MET A 1 43 ? -6.314  -9.064  -2.247  0.24 9.47  ? 43  MET A HE1  1 
ATOM   676  H HE2  A MET A 1 43 ? -7.802  -8.340  0.261   0.76 8.86  ? 43  MET A HE2  1 
ATOM   677  H HE2  B MET A 1 43 ? -6.969  -7.931  -3.110  0.24 9.47  ? 43  MET A HE2  1 
ATOM   678  H HE3  A MET A 1 43 ? -6.990  -7.284  1.089   0.76 8.86  ? 43  MET A HE3  1 
ATOM   679  H HE3  B MET A 1 43 ? -7.801  -8.640  -1.986  0.24 9.47  ? 43  MET A HE3  1 
ATOM   680  N N    . GLN A 1 44 ? -9.309  -2.788  1.576   1.00 4.57  ? 44  GLN A N    1 
ATOM   681  C CA   . GLN A 1 44 ? -9.291  -1.640  2.490   1.00 4.31  ? 44  GLN A CA   1 
ATOM   682  C C    . GLN A 1 44 ? -8.058  -1.645  3.376   1.00 3.92  ? 44  GLN A C    1 
ATOM   683  O O    . GLN A 1 44 ? -7.556  -2.705  3.784   1.00 5.23  ? 44  GLN A O    1 
ATOM   684  C CB   . GLN A 1 44 ? -10.517 -1.692  3.424   1.00 5.57  ? 44  GLN A CB   1 
ATOM   685  C CG   . GLN A 1 44 ? -11.809 -1.390  2.707   1.00 7.58  ? 44  GLN A CG   1 
ATOM   686  C CD   . GLN A 1 44 ? -13.009 -1.422  3.641   1.00 11.44 ? 44  GLN A CD   1 
ATOM   687  O OE1  . GLN A 1 44 ? -12.846 -1.275  4.856   1.00 14.04 ? 44  GLN A OE1  1 
ATOM   688  N NE2  . GLN A 1 44 ? -14.173 -1.543  3.055   1.00 20.33 ? 44  GLN A NE2  1 
ATOM   689  H H    . GLN A 1 44 ? -9.653  -3.535  1.828   1.00 5.48  ? 44  GLN A H    1 
ATOM   690  H HA   . GLN A 1 44 ? -9.314  -0.810  1.970   1.00 5.17  ? 44  GLN A HA   1 
ATOM   691  H HB2  . GLN A 1 44 ? -10.574 -2.576  3.821   1.00 6.68  ? 44  GLN A HB2  1 
ATOM   692  H HB3  . GLN A 1 44 ? -10.395 -1.051  4.141   1.00 6.68  ? 44  GLN A HB3  1 
ATOM   693  H HG2  . GLN A 1 44 ? -11.749 -0.513  2.297   1.00 9.10  ? 44  GLN A HG2  1 
ATOM   694  H HG3  . GLN A 1 44 ? -11.940 -2.040  1.998   1.00 9.10  ? 44  GLN A HG3  1 
ATOM   695  H HE21 . GLN A 1 44 ? -14.894 -1.522  3.523   1.00 24.40 ? 44  GLN A HE21 1 
ATOM   696  H HE22 . GLN A 1 44 ? -14.217 -1.644  2.201   1.00 24.40 ? 44  GLN A HE22 1 
ATOM   697  N N    . VAL A 1 45 ? -7.597  -0.431  3.712   1.00 3.85  ? 45  VAL A N    1 
ATOM   698  C CA   . VAL A 1 45 ? -6.599  -0.294  4.749   1.00 3.79  ? 45  VAL A CA   1 
ATOM   699  C C    . VAL A 1 45 ? -7.292  -0.199  6.122   1.00 3.66  ? 45  VAL A C    1 
ATOM   700  O O    . VAL A 1 45 ? -8.395  0.329   6.270   1.00 4.40  ? 45  VAL A O    1 
ATOM   701  C CB   . VAL A 1 45 ? -5.679  0.932   4.503   1.00 3.99  ? 45  VAL A CB   1 
ATOM   702  C CG1  . VAL A 1 45 ? -4.889  0.717   3.221   1.00 5.41  ? 45  VAL A CG1  1 
ATOM   703  C CG2  . VAL A 1 45 ? -6.430  2.252   4.481   1.00 4.39  ? 45  VAL A CG2  1 
ATOM   704  H H    . VAL A 1 45 ? -7.895  0.267   3.308   1.00 4.62  ? 45  VAL A H    1 
ATOM   705  H HA   . VAL A 1 45 ? -6.040  -1.099  4.743   1.00 4.55  ? 45  VAL A HA   1 
ATOM   706  H HB   . VAL A 1 45 ? -5.037  0.971   5.243   1.00 4.79  ? 45  VAL A HB   1 
ATOM   707  H HG11 . VAL A 1 45 ? -4.430  -0.125  3.264   1.00 8.11  ? 45  VAL A HG11 1 
ATOM   708  H HG12 . VAL A 1 45 ? -4.250  1.425   3.117   1.00 8.11  ? 45  VAL A HG12 1 
ATOM   709  H HG13 . VAL A 1 45 ? -5.489  0.716   2.471   1.00 8.11  ? 45  VAL A HG13 1 
ATOM   710  H HG21 . VAL A 1 45 ? -5.814  2.968   4.310   1.00 6.59  ? 45  VAL A HG21 1 
ATOM   711  H HG22 . VAL A 1 45 ? -6.855  2.393   5.330   1.00 6.59  ? 45  VAL A HG22 1 
ATOM   712  H HG23 . VAL A 1 45 ? -7.096  2.229   3.789   1.00 6.59  ? 45  VAL A HG23 1 
ATOM   713  N N    . ASN A 1 46 ? -6.589  -0.741  7.148   1.00 3.86  ? 46  ASN A N    1 
ATOM   714  C CA   . ASN A 1 46 ? -7.129  -0.760  8.494   1.00 4.07  ? 46  ASN A CA   1 
ATOM   715  C C    . ASN A 1 46 ? -6.639  0.391   9.358   1.00 4.50  ? 46  ASN A C    1 
ATOM   716  O O    . ASN A 1 46 ? -6.987  0.443   10.560  1.00 6.54  ? 46  ASN A O    1 
ATOM   717  C CB   . ASN A 1 46 ? -6.911  -2.094  9.188   1.00 4.67  ? 46  ASN A CB   1 
ATOM   718  C CG   . ASN A 1 46 ? -5.450  -2.400  9.388   1.00 5.07  ? 46  ASN A CG   1 
ATOM   719  O OD1  . ASN A 1 46 ? -4.591  -1.534  9.422   1.00 5.69  ? 46  ASN A OD1  1 
ATOM   720  N ND2  . ASN A 1 46 ? -5.184  -3.705  9.411   1.00 8.27  ? 46  ASN A ND2  1 
ATOM   721  H H    . ASN A 1 46 ? -5.812  -1.078  6.999   1.00 4.64  ? 46  ASN A H    1 
ATOM   722  H HA   . ASN A 1 46 ? -8.099  -0.649  8.406   1.00 4.88  ? 46  ASN A HA   1 
ATOM   723  H HB2  . ASN A 1 46 ? -7.354  -2.079  10.052  1.00 5.60  ? 46  ASN A HB2  1 
ATOM   724  H HB3  . ASN A 1 46 ? -7.315  -2.798  8.658   1.00 5.60  ? 46  ASN A HB3  1 
ATOM   725  H HD21 . ASN A 1 46 ? -4.370  -3.978  9.452   1.00 9.92  ? 46  ASN A HD21 1 
ATOM   726  H HD22 . ASN A 1 46 ? -5.828  -4.276  9.384   1.00 9.92  ? 46  ASN A HD22 1 
ATOM   727  N N    . ARG A 1 47 ? -5.926  1.317   8.778   1.00 4.51  ? 47  ARG A N    1 
ATOM   728  C CA   . ARG A 1 47 ? -5.387  2.468   9.458   1.00 4.25  ? 47  ARG A CA   1 
ATOM   729  C C    . ARG A 1 47 ? -5.089  3.501   8.380   1.00 4.24  ? 47  ARG A C    1 
ATOM   730  O O    . ARG A 1 47 ? -4.937  3.134   7.210   1.00 5.11  ? 47  ARG A O    1 
ATOM   731  C CB   . ARG A 1 47 ? -4.108  2.118   10.195  1.00 5.52  ? 47  ARG A CB   1 
ATOM   732  C CG   . ARG A 1 47 ? -2.993  1.743   9.209   1.00 6.57  ? 47  ARG A CG   1 
ATOM   733  C CD   . ARG A 1 47 ? -1.812  1.190   9.965   1.00 7.90  ? 47  ARG A CD   1 
ATOM   734  N NE   . ARG A 1 47 ? -2.003  -0.209  10.291  1.00 8.04  ? 47  ARG A NE   1 
ATOM   735  C CZ   . ARG A 1 47 ? -1.015  -0.949  10.838  1.00 7.63  ? 47  ARG A CZ   1 
ATOM   736  N NH1  . ARG A 1 47 ? -1.185  -2.225  11.094  1.00 10.45 ? 47  ARG A NH1  1 
ATOM   737  N NH2  . ARG A 1 47 ? 0.124   -0.337  11.107  1.00 9.99  ? 47  ARG A NH2  1 
ATOM   738  H H    . ARG A 1 47 ? -5.768  1.236   7.937   1.00 5.41  ? 47  ARG A H    1 
ATOM   739  H HA   . ARG A 1 47 ? -6.049  2.824   10.087  1.00 5.11  ? 47  ARG A HA   1 
ATOM   740  H HB2  . ARG A 1 47 ? -3.825  2.877   10.730  1.00 6.62  ? 47  ARG A HB2  1 
ATOM   741  H HB3  . ARG A 1 47 ? -4.273  1.374   10.795  1.00 6.62  ? 47  ARG A HB3  1 
ATOM   742  H HG2  . ARG A 1 47 ? -3.321  1.079   8.582   1.00 7.88  ? 47  ARG A HG2  1 
ATOM   743  H HG3  . ARG A 1 47 ? -2.723  2.528   8.706   1.00 7.88  ? 47  ARG A HG3  1 
ATOM   744  H HD2  . ARG A 1 47 ? -1.011  1.289   9.426   1.00 9.48  ? 47  ARG A HD2  1 
ATOM   745  H HD3  . ARG A 1 47 ? -1.687  1.697   10.782  1.00 9.48  ? 47  ARG A HD3  1 
ATOM   746  H HE   . ARG A 1 47 ? -2.765  -0.577  10.133  1.00 9.65  ? 47  ARG A HE   1 
ATOM   747  H HH11 . ARG A 1 47 ? -0.546  -2.682  11.445  1.00 12.55 ? 47  ARG A HH11 1 
ATOM   748  H HH12 . ARG A 1 47 ? -1.936  -2.604  10.911  1.00 12.55 ? 47  ARG A HH12 1 
ATOM   749  H HH21 . ARG A 1 47 ? 0.775   -0.774  11.458  1.00 11.98 ? 47  ARG A HH21 1 
ATOM   750  H HH22 . ARG A 1 47 ? 0.214   0.500   10.931  1.00 11.98 ? 47  ARG A HH22 1 
ATOM   751  N N    . ALA A 1 48 ? -4.968  4.762   8.784   1.00 4.00  ? 48  ALA A N    1 
ATOM   752  C CA   . ALA A 1 48 ? -4.541  5.749   7.805   1.00 4.12  ? 48  ALA A CA   1 
ATOM   753  C C    . ALA A 1 48 ? -3.094  5.477   7.380   1.00 4.04  ? 48  ALA A C    1 
ATOM   754  O O    . ALA A 1 48 ? -2.247  5.114   8.194   1.00 5.24  ? 48  ALA A O    1 
ATOM   755  C CB   . ALA A 1 48 ? -4.632  7.135   8.415   1.00 5.35  ? 48  ALA A CB   1 
ATOM   756  H H    . ALA A 1 48 ? -5.136  4.986   9.597   1.00 4.80  ? 48  ALA A H    1 
ATOM   757  H HA   . ALA A 1 48 ? -5.124  5.701   7.020   1.00 4.95  ? 48  ALA A HA   1 
ATOM   758  H HB1  . ALA A 1 48 ? -5.537  7.306   8.687   1.00 8.03  ? 48  ALA A HB1  1 
ATOM   759  H HB2  . ALA A 1 48 ? -4.364  7.789   7.764   1.00 8.03  ? 48  ALA A HB2  1 
ATOM   760  H HB3  . ALA A 1 48 ? -4.053  7.188   9.178   1.00 8.03  ? 48  ALA A HB3  1 
ATOM   761  N N    . VAL A 1 49 ? -2.836  5.701   6.108   1.00 3.79  ? 49  VAL A N    1 
ATOM   762  C CA   . VAL A 1 49 ? -1.516  5.485   5.522   1.00 3.77  ? 49  VAL A CA   1 
ATOM   763  C C    . VAL A 1 49 ? -1.057  6.812   4.924   1.00 3.62  ? 49  VAL A C    1 
ATOM   764  O O    . VAL A 1 49 ? -1.484  7.210   3.838   1.00 4.17  ? 49  VAL A O    1 
ATOM   765  C CB   . VAL A 1 49 ? -1.535  4.349   4.467   1.00 4.04  ? 49  VAL A CB   1 
ATOM   766  C CG1  . VAL A 1 49 ? -0.126  4.113   3.975   1.00 4.39  ? 49  VAL A CG1  1 
ATOM   767  C CG2  . VAL A 1 49 ? -2.168  3.083   5.051   1.00 5.33  ? 49  VAL A CG2  1 
ATOM   768  H H    . VAL A 1 49 ? -3.471  5.986   5.602   1.00 4.55  ? 49  VAL A H    1 
ATOM   769  H HA   . VAL A 1 49 ? -0.895  5.235   6.237   1.00 4.53  ? 49  VAL A HA   1 
ATOM   770  H HB   . VAL A 1 49 ? -2.079  4.643   3.708   1.00 4.84  ? 49  VAL A HB   1 
ATOM   771  H HG11 . VAL A 1 49 ? 0.232   4.930   3.623   1.00 6.58  ? 49  VAL A HG11 1 
ATOM   772  H HG12 . VAL A 1 49 ? -0.136  3.445   3.286   1.00 6.58  ? 49  VAL A HG12 1 
ATOM   773  H HG13 . VAL A 1 49 ? 0.422   3.812   4.704   1.00 6.58  ? 49  VAL A HG13 1 
ATOM   774  H HG21 . VAL A 1 49 ? -3.064  3.275   5.338   1.00 7.99  ? 49  VAL A HG21 1 
ATOM   775  H HG22 . VAL A 1 49 ? -1.650  2.782   5.800   1.00 7.99  ? 49  VAL A HG22 1 
ATOM   776  H HG23 . VAL A 1 49 ? -2.189  2.397   4.379   1.00 7.99  ? 49  VAL A HG23 1 
ATOM   777  N N    . PRO A 1 50 ? -0.197  7.561   5.643   1.00 3.54  ? 50  PRO A N    1 
ATOM   778  C CA   . PRO A 1 50 ? 0.251   8.864   5.133   1.00 3.79  ? 50  PRO A CA   1 
ATOM   779  C C    . PRO A 1 50 ? 0.987   8.735   3.790   1.00 3.53  ? 50  PRO A C    1 
ATOM   780  O O    . PRO A 1 50 ? 1.638   7.729   3.502   1.00 3.60  ? 50  PRO A O    1 
ATOM   781  C CB   . PRO A 1 50 ? 1.181   9.377   6.234   1.00 4.13  ? 50  PRO A CB   1 
ATOM   782  C CG   . PRO A 1 50 ? 0.626   8.717   7.492   1.00 4.57  ? 50  PRO A CG   1 
ATOM   783  C CD   . PRO A 1 50 ? 0.244   7.332   7.031   1.00 3.98  ? 50  PRO A CD   1 
ATOM   784  H HA   . PRO A 1 50 ? -0.515  9.467   5.036   1.00 4.55  ? 50  PRO A HA   1 
ATOM   785  H HB2  . PRO A 1 50 ? 2.098   9.104   6.072   1.00 4.96  ? 50  PRO A HB2  1 
ATOM   786  H HB3  . PRO A 1 50 ? 1.144   10.343  6.301   1.00 4.96  ? 50  PRO A HB3  1 
ATOM   787  H HG2  . PRO A 1 50 ? 1.299   8.679   8.190   1.00 5.48  ? 50  PRO A HG2  1 
ATOM   788  H HG3  . PRO A 1 50 ? -0.147  9.199   7.825   1.00 5.48  ? 50  PRO A HG3  1 
ATOM   789  H HD2  . PRO A 1 50 ? 1.003   6.729   7.063   1.00 4.78  ? 50  PRO A HD2  1 
ATOM   790  H HD3  . PRO A 1 50 ? -0.475  6.967   7.571   1.00 4.78  ? 50  PRO A HD3  1 
ATOM   791  N N    . LEU A 1 51 ? 0.947   9.823   3.019   1.00 3.90  ? 51  LEU A N    1 
ATOM   792  C CA   . LEU A 1 51 ? 1.765   9.927   1.805   1.00 3.91  ? 51  LEU A CA   1 
ATOM   793  C C    . LEU A 1 51 ? 3.208   9.497   2.121   1.00 3.62  ? 51  LEU A C    1 
ATOM   794  O O    . LEU A 1 51 ? 3.823   9.942   3.091   1.00 4.03  ? 51  LEU A O    1 
ATOM   795  C CB   . LEU A 1 51 ? 1.732   11.393  1.346   1.00 4.64  ? 51  LEU A CB   1 
ATOM   796  C CG   . LEU A 1 51 ? 2.725   11.757  0.237   1.00 5.91  ? 51  LEU A CG   1 
ATOM   797  C CD1  . LEU A 1 51 ? 2.464   11.056  -1.084  1.00 7.70  ? 51  LEU A CD1  1 
ATOM   798  C CD2  . LEU A 1 51 ? 2.732   13.284  0.055   1.00 6.33  ? 51  LEU A CD2  1 
ATOM   799  H H    . LEU A 1 51 ? 0.433   10.477  3.239   1.00 4.68  ? 51  LEU A H    1 
ATOM   800  H HA   . LEU A 1 51 ? 1.393   9.351   1.104   1.00 4.69  ? 51  LEU A HA   1 
ATOM   801  H HB2  . LEU A 1 51 ? 0.836   11.598  1.035   1.00 5.57  ? 51  LEU A HB2  1 
ATOM   802  H HB3  . LEU A 1 51 ? 1.909   11.959  2.114   1.00 5.57  ? 51  LEU A HB3  1 
ATOM   803  H HG   . LEU A 1 51 ? 3.619   11.492  0.540   1.00 7.09  ? 51  LEU A HG   1 
ATOM   804  H HD11 . LEU A 1 51 ? 2.475   10.106  -0.950  1.00 11.55 ? 51  LEU A HD11 1 
ATOM   805  H HD12 . LEU A 1 51 ? 3.146   11.297  -1.715  1.00 11.55 ? 51  LEU A HD12 1 
ATOM   806  H HD13 . LEU A 1 51 ? 1.607   11.322  -1.424  1.00 11.55 ? 51  LEU A HD13 1 
ATOM   807  H HD21 . LEU A 1 51 ? 2.913   13.705  0.898   1.00 9.49  ? 51  LEU A HD21 1 
ATOM   808  H HD22 . LEU A 1 51 ? 1.875   13.571  -0.270  1.00 9.49  ? 51  LEU A HD22 1 
ATOM   809  H HD23 . LEU A 1 51 ? 3.412   13.528  -0.577  1.00 9.49  ? 51  LEU A HD23 1 
ATOM   810  N N    . GLY A 1 52 ? 3.755   8.654   1.231   1.00 3.47  ? 52  GLY A N    1 
ATOM   811  C CA   . GLY A 1 52 ? 5.132   8.236   1.349   1.00 3.45  ? 52  GLY A CA   1 
ATOM   812  C C    . GLY A 1 52 ? 5.373   7.055   2.269   1.00 3.49  ? 52  GLY A C    1 
ATOM   813  O O    . GLY A 1 52 ? 6.521   6.590   2.378   1.00 4.50  ? 52  GLY A O    1 
ATOM   814  H H    . GLY A 1 52 ? 3.278   8.357   0.580   1.00 4.16  ? 52  GLY A H    1 
ATOM   815  H HA2  . GLY A 1 52 ? 5.461   8.010   0.464   1.00 4.15  ? 52  GLY A HA2  1 
ATOM   816  H HA3  . GLY A 1 52 ? 5.654   8.988   1.670   1.00 4.15  ? 52  GLY A HA3  1 
ATOM   817  N N    . THR A 1 53 ? 4.326   6.565   2.919   1.00 3.34  ? 53  THR A N    1 
ATOM   818  C CA   . THR A 1 53 ? 4.454   5.426   3.803   1.00 3.17  ? 53  THR A CA   1 
ATOM   819  C C    . THR A 1 53 ? 4.465   4.139   2.978   1.00 2.97  ? 53  THR A C    1 
ATOM   820  O O    . THR A 1 53 ? 3.661   3.964   2.068   1.00 3.89  ? 53  THR A O    1 
ATOM   821  C CB   . THR A 1 53 ? 3.250   5.375   4.757   1.00 3.93  ? 53  THR A CB   1 
ATOM   822  O OG1  . THR A 1 53 ? 3.180   6.623   5.458   1.00 5.21  ? 53  THR A OG1  1 
ATOM   823  C CG2  . THR A 1 53 ? 3.356   4.263   5.791   1.00 4.43  ? 53  THR A CG2  1 
ATOM   824  H H    . THR A 1 53 ? 3.556   6.932   2.812   1.00 4.01  ? 53  THR A H    1 
ATOM   825  H HA   . THR A 1 53 ? 5.284   5.497   4.319   1.00 3.80  ? 53  THR A HA   1 
ATOM   826  H HB   . THR A 1 53 ? 2.430   5.253   4.235   1.00 4.71  ? 53  THR A HB   1 
ATOM   827  H HG1  . THR A 1 53 ? 3.217   6.486   6.266   1.00 7.81  ? 53  THR A HG1  1 
ATOM   828  H HG21 . THR A 1 53 ? 2.588   4.287   6.366   1.00 6.64  ? 53  THR A HG21 1 
ATOM   829  H HG22 . THR A 1 53 ? 4.151   4.387   6.314   1.00 6.64  ? 53  THR A HG22 1 
ATOM   830  H HG23 . THR A 1 53 ? 3.395   3.415   5.345   1.00 6.64  ? 53  THR A HG23 1 
ATOM   831  N N    . THR A 1 54 ? 5.362   3.225   3.360   1.00 3.19  ? 54  THR A N    1 
ATOM   832  C CA   . THR A 1 54 ? 5.385   1.911   2.727   1.00 3.17  ? 54  THR A CA   1 
ATOM   833  C C    . THR A 1 54 ? 4.216   1.081   3.237   1.00 3.52  ? 54  THR A C    1 
ATOM   834  O O    . THR A 1 54 ? 3.995   0.959   4.445   1.00 4.90  ? 54  THR A O    1 
ATOM   835  C CB   . THR A 1 54 ? 6.710   1.227   3.054   1.00 3.68  ? 54  THR A CB   1 
ATOM   836  O OG1  . THR A 1 54 ? 7.748   2.064   2.553   1.00 4.07  ? 54  THR A OG1  1 
ATOM   837  C CG2  . THR A 1 54 ? 6.784   -0.143  2.428   1.00 4.68  ? 54  THR A CG2  1 
ATOM   838  H H    . THR A 1 54 ? 5.928   3.413   3.980   1.00 3.83  ? 54  THR A H    1 
ATOM   839  H HA   . THR A 1 54 ? 5.307   2.017   1.756   1.00 3.80  ? 54  THR A HA   1 
ATOM   840  H HB   . THR A 1 54 ? 6.801   1.144   4.026   1.00 4.41  ? 54  THR A HB   1 
ATOM   841  H HG1  . THR A 1 54 ? 7.701   2.802   2.910   1.00 6.10  ? 54  THR A HG1  1 
ATOM   842  H HG21 . THR A 1 54 ? 7.624   -0.551  2.653   1.00 7.03  ? 54  THR A HG21 1 
ATOM   843  H HG22 . THR A 1 54 ? 6.712   -0.063  1.474   1.00 7.03  ? 54  THR A HG22 1 
ATOM   844  H HG23 . THR A 1 54 ? 6.065   -0.686  2.759   1.00 7.03  ? 54  THR A HG23 1 
ATOM   845  N N    . LEU A 1 55 ? 3.452   0.511   2.290   1.00 3.26  ? 55  LEU A N    1 
ATOM   846  C CA   . LEU A 1 55 ? 2.302   -0.296  2.650   1.00 3.31  ? 55  LEU A CA   1 
ATOM   847  C C    . LEU A 1 55 ? 2.775   -1.704  3.025   1.00 3.35  ? 55  LEU A C    1 
ATOM   848  O O    . LEU A 1 55 ? 3.439   -2.369  2.237   1.00 4.36  ? 55  LEU A O    1 
ATOM   849  C CB   . LEU A 1 55 ? 1.327   -0.337  1.472   1.00 3.82  ? 55  LEU A CB   1 
ATOM   850  C CG   . LEU A 1 55 ? -0.029  -0.922  1.806   1.00 4.18  ? 55  LEU A CG   1 
ATOM   851  C CD1  . LEU A 1 55 ? -0.860  -0.021  2.711   1.00 5.22  ? 55  LEU A CD1  1 
ATOM   852  C CD2  . LEU A 1 55 ? -0.800  -1.226  0.512   1.00 5.15  ? 55  LEU A CD2  1 
ATOM   853  H H    . LEU A 1 55 ? 3.646   0.627   1.461   1.00 3.91  ? 55  LEU A H    1 
ATOM   854  H HA   . LEU A 1 55 ? 1.856   0.109   3.422   1.00 3.97  ? 55  LEU A HA   1 
ATOM   855  H HB2  . LEU A 1 55 ? 1.203   0.566   1.140   1.00 4.58  ? 55  LEU A HB2  1 
ATOM   856  H HB3  . LEU A 1 55 ? 1.723   -0.861  0.758   1.00 4.58  ? 55  LEU A HB3  1 
ATOM   857  H HG   . LEU A 1 55 ? 0.116   -1.770  2.276   1.00 5.01  ? 55  LEU A HG   1 
ATOM   858  H HD11 . LEU A 1 55 ? -1.707  -0.438  2.887   1.00 7.83  ? 55  LEU A HD11 1 
ATOM   859  H HD12 . LEU A 1 55 ? -1.003  0.823   2.277   1.00 7.83  ? 55  LEU A HD12 1 
ATOM   860  H HD13 . LEU A 1 55 ? -0.394  0.119   3.539   1.00 7.83  ? 55  LEU A HD13 1 
ATOM   861  H HD21 . LEU A 1 55 ? -1.656  -1.601  0.730   1.00 7.72  ? 55  LEU A HD21 1 
ATOM   862  H HD22 . LEU A 1 55 ? -0.302  -1.852  -0.018  1.00 7.72  ? 55  LEU A HD22 1 
ATOM   863  H HD23 . LEU A 1 55 ? -0.924  -0.414  0.016   1.00 7.72  ? 55  LEU A HD23 1 
ATOM   864  N N    . MET A 1 56 ? 2.398   -2.131  4.230   1.00 3.50  ? 56  MET A N    1 
ATOM   865  C CA   . MET A 1 56 ? 2.813   -3.404  4.784   1.00 3.56  ? 56  MET A CA   1 
ATOM   866  C C    . MET A 1 56 ? 1.607   -4.347  4.852   1.00 3.17  ? 56  MET A C    1 
ATOM   867  O O    . MET A 1 56 ? 0.445   -3.903  4.934   1.00 3.44  ? 56  MET A O    1 
ATOM   868  C CB   . MET A 1 56 ? 3.341   -3.171  6.218   1.00 4.19  ? 56  MET A CB   1 
ATOM   869  C CG   A MET A 1 56 ? 4.627   -2.336  6.301   0.69 3.99  ? 56  MET A CG   1 
ATOM   870  C CG   B MET A 1 56 ? 4.309   -1.992  6.274   0.32 5.15  ? 56  MET A CG   1 
ATOM   871  S SD   A MET A 1 56 ? 6.045   -3.248  5.656   0.69 4.40  ? 56  MET A SD   1 
ATOM   872  S SD   B MET A 1 56 ? 5.795   -2.427  5.347   0.32 5.78  ? 56  MET A SD   1 
ATOM   873  C CE   A MET A 1 56 ? 7.248   -1.902  5.677   0.69 4.78  ? 56  MET A CE   1 
ATOM   874  C CE   B MET A 1 56 ? 6.440   -3.779  6.327   0.32 8.49  ? 56  MET A CE   1 
ATOM   875  H H    . MET A 1 56 ? 1.884   -1.626  4.700   1.00 4.19  ? 56  MET A H    1 
ATOM   876  H HA   . MET A 1 56 ? 3.517   -3.798  4.228   1.00 4.27  ? 56  MET A HA   1 
ATOM   877  H HB2  . MET A 1 56 ? 2.650   -2.726  6.734   1.00 5.03  ? 56  MET A HB2  1 
ATOM   878  H HB3  . MET A 1 56 ? 3.505   -4.033  6.632   1.00 5.03  ? 56  MET A HB3  1 
ATOM   879  H HG2  A MET A 1 56 ? 4.514   -1.518  5.793   0.69 4.78  ? 56  MET A HG2  1 
ATOM   880  H HG2  B MET A 1 56 ? 3.896   -1.205  5.888   0.32 6.18  ? 56  MET A HG2  1 
ATOM   881  H HG3  A MET A 1 56 ? 4.794   -2.094  7.226   0.69 4.78  ? 56  MET A HG3  1 
ATOM   882  H HG3  B MET A 1 56 ? 4.540   -1.796  7.196   0.32 6.18  ? 56  MET A HG3  1 
ATOM   883  H HE1  A MET A 1 56 ? 8.093   -2.221  5.351   0.69 7.17  ? 56  MET A HE1  1 
ATOM   884  H HE1  B MET A 1 56 ? 7.255   -4.099  5.933   0.32 12.74 ? 56  MET A HE1  1 
ATOM   885  H HE2  A MET A 1 56 ? 7.354   -1.580  6.575   0.69 7.17  ? 56  MET A HE2  1 
ATOM   886  H HE2  B MET A 1 56 ? 5.796   -4.490  6.354   0.32 12.74 ? 56  MET A HE2  1 
ATOM   887  H HE3  A MET A 1 56 ? 6.939   -1.188  5.115   0.69 7.17  ? 56  MET A HE3  1 
ATOM   888  H HE3  B MET A 1 56 ? 6.615   -3.471  7.220   0.32 12.74 ? 56  MET A HE3  1 
ATOM   889  N N    . PRO A 1 57 ? 1.847   -5.674  4.888   1.00 3.39  ? 57  PRO A N    1 
ATOM   890  C CA   . PRO A 1 57 ? 0.726   -6.629  4.899   1.00 3.58  ? 57  PRO A CA   1 
ATOM   891  C C    . PRO A 1 57 ? -0.270  -6.421  6.024   1.00 3.40  ? 57  PRO A C    1 
ATOM   892  O O    . PRO A 1 57 ? -1.468  -6.648  5.869   1.00 4.47  ? 57  PRO A O    1 
ATOM   893  C CB   . PRO A 1 57 ? 1.440   -7.991  5.031   1.00 4.67  ? 57  PRO A CB   1 
ATOM   894  C CG   . PRO A 1 57 ? 2.783   -7.770  4.335   1.00 5.15  ? 57  PRO A CG   1 
ATOM   895  C CD   . PRO A 1 57 ? 3.157   -6.346  4.732   1.00 4.22  ? 57  PRO A CD   1 
ATOM   896  H HA   . PRO A 1 57 ? 0.258   -6.590  4.038   1.00 4.30  ? 57  PRO A HA   1 
ATOM   897  H HB2  . PRO A 1 57 ? 1.568   -8.226  5.963   1.00 5.60  ? 57  PRO A HB2  1 
ATOM   898  H HB3  . PRO A 1 57 ? 0.935   -8.693  4.594   1.00 5.60  ? 57  PRO A HB3  1 
ATOM   899  H HG2  . PRO A 1 57 ? 3.446   -8.405  4.648   1.00 6.18  ? 57  PRO A HG2  1 
ATOM   900  H HG3  . PRO A 1 57 ? 2.694   -7.853  3.373   1.00 6.18  ? 57  PRO A HG3  1 
ATOM   901  H HD2  . PRO A 1 57 ? 3.655   -6.335  5.563   1.00 5.06  ? 57  PRO A HD2  1 
ATOM   902  H HD3  . PRO A 1 57 ? 3.686   -5.919  4.039   1.00 5.06  ? 57  PRO A HD3  1 
ATOM   903  N N    . ASP A 1 58 ? 0.245   -6.014  7.200   1.00 3.31  ? 58  ASP A N    1 
ATOM   904  C CA   . ASP A 1 58 ? -0.589  -5.844  8.366   1.00 3.62  ? 58  ASP A CA   1 
ATOM   905  C C    . ASP A 1 58 ? -1.537  -4.669  8.261   1.00 4.29  ? 58  ASP A C    1 
ATOM   906  O O    . ASP A 1 58 ? -2.522  -4.659  9.025   1.00 6.08  ? 58  ASP A O    1 
ATOM   907  C CB   . ASP A 1 58 ? 0.257   -5.802  9.658   1.00 3.76  ? 58  ASP A CB   1 
ATOM   908  C CG   . ASP A 1 58 ? 1.380   -4.797  9.677   1.00 4.40  ? 58  ASP A CG   1 
ATOM   909  O OD1  . ASP A 1 58 ? 1.940   -4.415  8.649   1.00 6.42  ? 58  ASP A OD1  1 
ATOM   910  O OD2  . ASP A 1 58 ? 1.847   -4.471  10.828  1.00 7.12  ? 58  ASP A OD2  1 
ATOM   911  H H    . ASP A 1 58 ? 1.089   -5.854  7.257   1.00 3.97  ? 58  ASP A H    1 
ATOM   912  H HA   . ASP A 1 58 ? -1.148  -6.647  8.426   1.00 4.34  ? 58  ASP A HA   1 
ATOM   913  H HB2  . ASP A 1 58 ? -0.334  -5.611  10.403  1.00 4.51  ? 58  ASP A HB2  1 
ATOM   914  H HB3  . ASP A 1 58 ? 0.634   -6.684  9.804   1.00 4.51  ? 58  ASP A HB3  1 
ATOM   915  N N    . MET A 1 59 ? -1.309  -3.763  7.308   1.00 3.16  ? 59  MET A N    1 
ATOM   916  C CA   . MET A 1 59 ? -2.130  -2.570  7.117   1.00 3.33  ? 59  MET A CA   1 
ATOM   917  C C    . MET A 1 59 ? -3.359  -2.824  6.240   1.00 3.49  ? 59  MET A C    1 
ATOM   918  O O    . MET A 1 59 ? -4.171  -1.921  6.113   1.00 4.67  ? 59  MET A O    1 
ATOM   919  C CB   . MET A 1 59 ? -1.303  -1.464  6.456   1.00 3.75  ? 59  MET A CB   1 
ATOM   920  C CG   . MET A 1 59 ? -0.097  -1.059  7.314   1.00 4.32  ? 59  MET A CG   1 
ATOM   921  S SD   . MET A 1 59 ? 0.845   0.187   6.375   1.00 5.18  ? 59  MET A SD   1 
ATOM   922  C CE   . MET A 1 59 ? 2.191   0.467   7.509   1.00 7.00  ? 59  MET A CE   1 
ATOM   923  H H    . MET A 1 59 ? -0.643  -3.888  6.778   1.00 3.80  ? 59  MET A H    1 
ATOM   924  H HA   . MET A 1 59 ? -2.432  -2.255  7.994   1.00 4.00  ? 59  MET A HA   1 
ATOM   925  H HB2  . MET A 1 59 ? -0.990  -1.773  5.591   1.00 4.50  ? 59  MET A HB2  1 
ATOM   926  H HB3  . MET A 1 59 ? -1.865  -0.688  6.310   1.00 4.50  ? 59  MET A HB3  1 
ATOM   927  H HG2  . MET A 1 59 ? -0.396  -0.688  8.159   1.00 5.19  ? 59  MET A HG2  1 
ATOM   928  H HG3  . MET A 1 59 ? 0.459   -1.832  7.498   1.00 5.19  ? 59  MET A HG3  1 
ATOM   929  H HE1  . MET A 1 59 ? 2.793   1.116   7.138   1.00 10.50 ? 59  MET A HE1  1 
ATOM   930  H HE2  . MET A 1 59 ? 2.661   -0.357  7.657   1.00 10.50 ? 59  MET A HE2  1 
ATOM   931  H HE3  . MET A 1 59 ? 1.844   0.792   8.344   1.00 10.50 ? 59  MET A HE3  1 
ATOM   932  N N    . VAL A 1 60 ? -3.426  -4.000  5.600   1.00 3.35  ? 60  VAL A N    1 
ATOM   933  C CA   . VAL A 1 60 ? -4.450  -4.257  4.598   1.00 3.45  ? 60  VAL A CA   1 
ATOM   934  C C    . VAL A 1 60 ? -5.403  -5.314  5.150   1.00 3.75  ? 60  VAL A C    1 
ATOM   935  O O    . VAL A 1 60 ? -4.990  -6.404  5.543   1.00 5.27  ? 60  VAL A O    1 
ATOM   936  C CB   . VAL A 1 60 ? -3.832  -4.685  3.251   1.00 4.01  ? 60  VAL A CB   1 
ATOM   937  C CG1  . VAL A 1 60 ? -4.941  -4.898  2.221   1.00 4.48  ? 60  VAL A CG1  1 
ATOM   938  C CG2  . VAL A 1 60 ? -2.852  -3.600  2.750   1.00 4.86  ? 60  VAL A CG2  1 
ATOM   939  H H    . VAL A 1 60 ? -2.854  -4.613  5.785   1.00 4.02  ? 60  VAL A H    1 
ATOM   940  H HA   . VAL A 1 60 ? -4.958  -3.431  4.456   1.00 4.14  ? 60  VAL A HA   1 
ATOM   941  H HB   . VAL A 1 60 ? -3.344  -5.526  3.375   1.00 4.81  ? 60  VAL A HB   1 
ATOM   942  H HG11 . VAL A 1 60 ? -5.549  -5.569  2.538   1.00 6.72  ? 60  VAL A HG11 1 
ATOM   943  H HG12 . VAL A 1 60 ? -4.555  -5.182  1.389   1.00 6.72  ? 60  VAL A HG12 1 
ATOM   944  H HG13 . VAL A 1 60 ? -5.416  -4.074  2.088   1.00 6.72  ? 60  VAL A HG13 1 
ATOM   945  H HG21 . VAL A 1 60 ? -2.167  -3.459  3.408   1.00 7.29  ? 60  VAL A HG21 1 
ATOM   946  H HG22 . VAL A 1 60 ? -3.329  -2.780  2.605   1.00 7.29  ? 60  VAL A HG22 1 
ATOM   947  H HG23 . VAL A 1 60 ? -2.450  -3.887  1.927   1.00 7.29  ? 60  VAL A HG23 1 
ATOM   948  N N    . LYS A 1 61 ? -6.697  -4.983  5.181   1.00 3.69  ? 61  LYS A N    1 
ATOM   949  C CA   . LYS A 1 61 ? -7.682  -5.936  5.646   1.00 3.63  ? 61  LYS A CA   1 
ATOM   950  C C    . LYS A 1 61 ? -7.726  -7.137  4.709   1.00 3.79  ? 61  LYS A C    1 
ATOM   951  O O    . LYS A 1 61 ? -7.731  -7.004  3.477   1.00 4.60  ? 61  LYS A O    1 
ATOM   952  C CB   . LYS A 1 61 ? -9.069  -5.299  5.684   1.00 4.07  ? 61  LYS A CB   1 
ATOM   953  C CG   . LYS A 1 61 ? -9.183  -4.092  6.618   1.00 4.28  ? 61  LYS A CG   1 
ATOM   954  C CD   . LYS A 1 61 ? -10.620 -3.619  6.748   1.00 4.78  ? 61  LYS A CD   1 
ATOM   955  C CE   . LYS A 1 61 ? -10.703 -2.273  7.430   1.00 5.88  ? 61  LYS A CE   1 
ATOM   956  N NZ   . LYS A 1 61 ? -12.131 -1.819  7.528   1.00 7.89  ? 61  LYS A NZ   1 
ATOM   957  H H    . LYS A 1 61 ? -6.945  -4.200  4.924   1.00 4.43  ? 61  LYS A H    1 
ATOM   958  H HA   . LYS A 1 61 ? -7.439  -6.238  6.547   1.00 4.36  ? 61  LYS A HA   1 
ATOM   959  H HB2  . LYS A 1 61 ? -9.308  -5.021  4.787   1.00 4.88  ? 61  LYS A HB2  1 
ATOM   960  H HB3  . LYS A 1 61 ? -9.711  -5.969  5.965   1.00 4.88  ? 61  LYS A HB3  1 
ATOM   961  H HG2  . LYS A 1 61 ? -8.844  -4.331  7.495   1.00 5.14  ? 61  LYS A HG2  1 
ATOM   962  H HG3  . LYS A 1 61 ? -8.637  -3.368  6.274   1.00 5.14  ? 61  LYS A HG3  1 
ATOM   963  H HD2  . LYS A 1 61 ? -11.018 -3.557  5.865   1.00 5.74  ? 61  LYS A HD2  1 
ATOM   964  H HD3  . LYS A 1 61 ? -11.127 -4.269  7.258   1.00 5.74  ? 61  LYS A HD3  1 
ATOM   965  H HE2  . LYS A 1 61 ? -10.321 -2.336  8.319   1.00 7.06  ? 61  LYS A HE2  1 
ATOM   966  H HE3  . LYS A 1 61 ? -10.189 -1.623  6.926   1.00 7.06  ? 61  LYS A HE3  1 
ATOM   967  H HZ1  . LYS A 1 61 ? -12.164 -1.028  7.936   1.00 11.84 ? 61  LYS A HZ1  1 
ATOM   968  H HZ2  . LYS A 1 61 ? -12.600 -2.414  7.995   1.00 11.84 ? 61  LYS A HZ2  1 
ATOM   969  H HZ3  . LYS A 1 61 ? -12.476 -1.745  6.710   1.00 11.84 ? 61  LYS A HZ3  1 
ATOM   970  N N    . ASN A 1 62 ? -7.798  -8.321  5.327   1.00 4.33  ? 62  ASN A N    1 
ATOM   971  C CA   . ASN A 1 62 ? -7.961  -9.585  4.608   1.00 5.32  ? 62  ASN A CA   1 
ATOM   972  C C    . ASN A 1 62 ? -6.769  -9.951  3.731   1.00 6.41  ? 62  ASN A C    1 
ATOM   973  O O    . ASN A 1 62 ? -6.863  -10.803 2.901   1.00 12.43 ? 62  ASN A O    1 
ATOM   974  C CB   . ASN A 1 62 ? -9.249  -9.617  3.760   1.00 6.53  ? 62  ASN A CB   1 
ATOM   975  C CG   . ASN A 1 62 ? -10.463 -9.222  4.559   1.00 7.17  ? 62  ASN A CG   1 
ATOM   976  O OD1  . ASN A 1 62 ? -10.650 -9.587  5.726   1.00 6.99  ? 62  ASN A OD1  1 
ATOM   977  N ND2  . ASN A 1 62 ? -11.337 -8.464  3.937   1.00 9.85  ? 62  ASN A ND2  1 
ATOM   978  H H    . ASN A 1 62 ? -7.745  -8.341  6.185   1.00 5.20  ? 62  ASN A H    1 
ATOM   979  H HA   . ASN A 1 62 ? -8.047  -10.289 5.284   1.00 6.39  ? 62  ASN A HA   1 
ATOM   980  H HB2  . ASN A 1 62 ? -9.151  -9.011  3.008   1.00 7.83  ? 62  ASN A HB2  1 
ATOM   981  H HB3  . ASN A 1 62 ? -9.376  -10.511 3.407   1.00 7.83  ? 62  ASN A HB3  1 
ATOM   982  H HD21 . ASN A 1 62 ? -12.053 -8.213  4.340   1.00 11.83 ? 62  ASN A HD21 1 
ATOM   983  H HD22 . ASN A 1 62 ? -11.192 -8.219  3.125   1.00 11.83 ? 62  ASN A HD22 1 
ATOM   984  N N    . TYR A 1 63 ? -5.608  -9.319  3.911   1.00 7.19  ? 63  TYR A N    1 
ATOM   985  C CA   . TYR A 1 63 ? -4.449  -9.604  3.077   1.00 6.55  ? 63  TYR A CA   1 
ATOM   986  C C    . TYR A 1 63 ? -3.625  -10.778 3.595   1.00 5.40  ? 63  TYR A C    1 
ATOM   987  O O    . TYR A 1 63 ? -3.241  -10.782 4.761   1.00 5.50  ? 63  TYR A O    1 
ATOM   988  C CB   . TYR A 1 63 ? -3.551  -8.306  2.982   1.00 7.12  ? 63  TYR A CB   1 
ATOM   989  C CG   . TYR A 1 63 ? -2.438  -8.482  1.999   1.00 7.44  ? 63  TYR A CG   1 
ATOM   990  C CD1  . TYR A 1 63 ? -2.635  -8.194  0.655   1.00 11.06 ? 63  TYR A CD1  1 
ATOM   991  C CD2  . TYR A 1 63 ? -1.203  -8.951  2.387   1.00 7.12  ? 63  TYR A CD2  1 
ATOM   992  C CE1  . TYR A 1 63 ? -1.653  -8.343  -0.276  1.00 11.82 ? 63  TYR A CE1  1 
ATOM   993  C CE2  . TYR A 1 63 ? -0.200  -9.120  1.435   1.00 8.37  ? 63  TYR A CE2  1 
ATOM   994  C CZ   . TYR A 1 63 ? -0.436  -8.814  0.091   1.00 9.33  ? 63  TYR A CZ   1 
ATOM   995  O OH   . TYR A 1 63 ? 0.536   -8.994  -0.849  1.00 11.76 ? 63  TYR A OH   1 
ATOM   996  H H    . TYR A 1 63 ? -5.543  -8.730  4.534   1.00 8.63  ? 63  TYR A H    1 
ATOM   997  H HA   . TYR A 1 63 ? -4.766  -9.826  2.176   1.00 7.87  ? 63  TYR A HA   1 
ATOM   998  H HB2  . TYR A 1 63 ? -4.101  -7.554  2.713   1.00 8.54  ? 63  TYR A HB2  1 
ATOM   999  H HB3  . TYR A 1 63 ? -3.179  -8.108  3.856   1.00 8.54  ? 63  TYR A HB3  1 
ATOM   1000 H HD1  . TYR A 1 63 ? -3.470  -7.890  0.380   1.00 13.27 ? 63  TYR A HD1  1 
ATOM   1001 H HD2  . TYR A 1 63 ? -1.039  -9.154  3.280   1.00 8.54  ? 63  TYR A HD2  1 
ATOM   1002 H HE1  . TYR A 1 63 ? -1.816  -8.121  -1.163  1.00 14.18 ? 63  TYR A HE1  1 
ATOM   1003 H HE2  . TYR A 1 63 ? 0.634   -9.440  1.695   1.00 10.05 ? 63  TYR A HE2  1 
ATOM   1004 H HH   . TYR A 1 63 ? 1.215   -9.281  -0.488  1.00 17.63 ? 63  TYR A HH   1 
ATOM   1005 N N    . GLU A 1 64 ? -3.288  -11.724 2.713   1.00 6.78  ? 64  GLU A N    1 
ATOM   1006 C CA   . GLU A 1 64 ? -2.389  -12.821 2.991   1.00 7.28  ? 64  GLU A CA   1 
ATOM   1007 C C    . GLU A 1 64 ? -1.274  -12.871 1.935   1.00 7.94  ? 64  GLU A C    1 
ATOM   1008 O O    . GLU A 1 64 ? -0.100  -13.095 2.317   1.00 11.66 ? 64  GLU A O    1 
ATOM   1009 C CB   . GLU A 1 64 ? -3.053  -14.205 2.936   1.00 9.32  ? 64  GLU A CB   1 
ATOM   1010 C CG   . GLU A 1 64 ? -4.172  -14.428 3.914   1.00 11.99 ? 64  GLU A CG   1 
ATOM   1011 C CD   . GLU A 1 64 ? -4.912  -15.741 3.772   1.00 11.84 ? 64  GLU A CD   1 
ATOM   1012 O OE1  . GLU A 1 64 ? -6.138  -15.677 3.620   1.00 17.41 ? 64  GLU A OE1  1 
ATOM   1013 O OE2  . GLU A 1 64 ? -4.318  -16.835 3.880   1.00 24.69 ? 64  GLU A OE2  1 
ATOM   1014 O OXT  . GLU A 1 64 ? -1.596  -12.697 0.733   1.00 11.35 ? 64  GLU A OXT  1 
ATOM   1015 H H    . GLU A 1 64 ? -3.629  -11.677 1.925   1.00 8.14  ? 64  GLU A H    1 
ATOM   1016 H HA   . GLU A 1 64 ? -1.989  -12.691 3.876   1.00 8.74  ? 64  GLU A HA   1 
ATOM   1017 H HB2  . GLU A 1 64 ? -3.398  -14.343 2.039   1.00 11.18 ? 64  GLU A HB2  1 
ATOM   1018 H HB3  . GLU A 1 64 ? -2.371  -14.877 3.091   1.00 11.18 ? 64  GLU A HB3  1 
ATOM   1019 H HG2  . GLU A 1 64 ? -3.807  -14.379 4.811   1.00 14.39 ? 64  GLU A HG2  1 
ATOM   1020 H HG3  . GLU A 1 64 ? -4.811  -13.705 3.818   1.00 14.39 ? 64  GLU A HG3  1 
HETATM 1021 O O    . HOH B 2 .  ? 16.064  2.989   1.353   1.00 4.88  ? 101 HOH A O    1 
HETATM 1022 O O    . HOH B 2 .  ? 9.858   1.279   3.985   0.99 5.44  ? 102 HOH A O    1 
HETATM 1023 O O    . HOH B 2 .  ? 12.361  -5.749  5.467   1.00 5.75  ? 103 HOH A O    1 
HETATM 1024 O O    . HOH B 2 .  ? 11.334  -1.655  -1.378  1.00 4.79  ? 104 HOH A O    1 
HETATM 1025 O O    . HOH B 2 .  ? -0.570  2.899   -9.503  1.00 4.77  ? 105 HOH A O    1 
HETATM 1026 O O    . HOH B 2 .  ? -12.250 5.809   4.548   1.00 5.67  ? 106 HOH A O    1 
HETATM 1027 O O    . HOH B 2 .  ? -11.744 4.162   -2.626  0.97 7.32  ? 107 HOH A O    1 
HETATM 1028 O O    . HOH B 2 .  ? 7.734   -6.824  4.372   0.78 4.24  ? 108 HOH A O    1 
HETATM 1029 O O    . HOH B 2 .  ? 7.038   3.965   5.684   1.00 5.34  ? 109 HOH A O    1 
HETATM 1030 O O    . HOH B 2 .  ? 0.171   12.316  4.443   0.93 5.13  ? 110 HOH A O    1 
HETATM 1031 O O    . HOH B 2 .  ? 4.175   7.126   7.910   0.93 6.07  ? 111 HOH A O    1 
HETATM 1032 O O    . HOH B 2 .  ? -5.199  5.683   11.754  1.00 7.16  ? 112 HOH A O    1 
HETATM 1033 O O    . HOH B 2 .  ? -4.595  -6.845  8.493   0.94 5.93  ? 113 HOH A O    1 
HETATM 1034 O O    . HOH B 2 .  ? 6.933   -7.918  1.936   0.80 4.94  ? 114 HOH A O    1 
HETATM 1035 O O    . HOH B 2 .  ? 8.365   4.638   3.303   0.83 5.87  ? 115 HOH A O    1 
HETATM 1036 O O    . HOH B 2 .  ? -9.763  -5.632  2.186   0.89 6.63  ? 116 HOH A O    1 
HETATM 1037 O O    . HOH B 2 .  ? 1.152   -11.226 3.899   0.88 5.97  ? 117 HOH A O    1 
HETATM 1038 O O    . HOH B 2 .  ? -2.469  -12.597 6.663   0.99 7.85  ? 118 HOH A O    1 
HETATM 1039 O O    . HOH B 2 .  ? -6.659  8.498   -0.711  0.96 7.37  ? 119 HOH A O    1 
HETATM 1040 O O    . HOH B 2 .  ? 14.252  -4.500  3.872   0.88 8.53  ? 120 HOH A O    1 
HETATM 1041 O O    . HOH B 2 .  ? -8.391  2.127   -9.350  0.97 11.14 ? 121 HOH A O    1 
HETATM 1042 O O    . HOH B 2 .  ? 5.682   1.334   6.666   1.00 11.73 ? 122 HOH A O    1 
HETATM 1043 O O    . HOH B 2 .  ? -3.231  -8.835  6.825   0.89 8.10  ? 123 HOH A O    1 
HETATM 1044 O O    . HOH B 2 .  ? -9.624  -11.960 6.621   0.76 7.01  ? 124 HOH A O    1 
HETATM 1045 O O    . HOH B 2 .  ? -9.204  7.174   -5.566  0.93 9.13  ? 125 HOH A O    1 
HETATM 1046 O O    . HOH B 2 .  ? 3.442   -2.893  -10.092 0.67 8.27  ? 126 HOH A O    1 
HETATM 1047 O O    . HOH B 2 .  ? 6.303   10.338  -0.843  0.87 6.77  ? 127 HOH A O    1 
HETATM 1048 O O    . HOH B 2 .  ? -13.083 3.676   -0.140  0.69 8.49  ? 128 HOH A O    1 
HETATM 1049 O O    . HOH B 2 .  ? -5.707  12.013  0.392   0.99 10.99 ? 129 HOH A O    1 
HETATM 1050 O O    . HOH B 2 .  ? -1.989  5.766   10.845  0.93 10.31 ? 130 HOH A O    1 
HETATM 1051 O O    . HOH B 2 .  ? -7.339  5.105   -9.466  0.78 13.45 ? 131 HOH A O    1 
HETATM 1052 O O    . HOH B 2 .  ? 18.596  0.679   4.050   0.95 9.86  ? 132 HOH A O    1 
HETATM 1053 O O    . HOH B 2 .  ? 13.724  -3.391  1.428   0.57 5.08  ? 133 HOH A O    1 
HETATM 1054 O O    . HOH B 2 .  ? -11.116 0.377   -5.363  1.00 13.23 ? 134 HOH A O    1 
HETATM 1055 O O    . HOH B 2 .  ? 0.422   4.060   8.453   0.65 8.52  ? 135 HOH A O    1 
HETATM 1056 O O    . HOH B 2 .  ? -12.668 6.468   0.933   0.65 8.09  ? 136 HOH A O    1 
HETATM 1057 O O    . HOH B 2 .  ? 8.162   5.639   -8.607  0.59 7.88  ? 137 HOH A O    1 
HETATM 1058 O O    . HOH B 2 .  ? -8.123  9.543   -4.580  0.95 10.54 ? 138 HOH A O    1 
HETATM 1059 O O    . HOH B 2 .  ? -13.723 -2.299  -2.594  0.57 15.39 ? 139 HOH A O    1 
HETATM 1060 O O    . HOH B 2 .  ? 4.153   10.845  -4.735  0.77 14.62 ? 140 HOH A O    1 
HETATM 1061 O O    . HOH B 2 .  ? -9.893  0.031   10.674  0.72 9.12  ? 141 HOH A O    1 
HETATM 1062 O O    . HOH B 2 .  ? -6.254  -3.565  -10.678 0.95 12.98 ? 142 HOH A O    1 
HETATM 1063 O O    . HOH B 2 .  ? 2.903   -10.164 -0.207  0.83 12.71 ? 143 HOH A O    1 
HETATM 1064 O O    . HOH B 2 .  ? 0.842   11.542  -8.413  0.94 14.88 ? 144 HOH A O    1 
HETATM 1065 O O    . HOH B 2 .  ? 0.931   -14.903 4.361   0.48 6.26  ? 145 HOH A O    1 
HETATM 1066 O O    . HOH B 2 .  ? 9.107   -6.199  -5.516  0.40 9.04  ? 146 HOH A O    1 
HETATM 1067 O O    . HOH B 2 .  ? -12.994 -6.192  5.871   0.99 17.19 ? 147 HOH A O    1 
HETATM 1068 O O    . HOH B 2 .  ? 2.523   -1.719  11.455  0.66 9.77  ? 148 HOH A O    1 
HETATM 1069 O O    . HOH B 2 .  ? 12.425  3.296   -6.736  0.62 9.98  ? 149 HOH A O    1 
HETATM 1070 O O    . HOH B 2 .  ? 1.082   2.285   11.530  0.46 11.12 ? 150 HOH A O    1 
HETATM 1071 O O    . HOH B 2 .  ? 11.342  -3.736  -8.378  0.72 14.67 ? 151 HOH A O    1 
HETATM 1072 O O    . HOH B 2 .  ? -12.195 -5.014  3.618   0.58 12.17 ? 152 HOH A O    1 
HETATM 1073 O O    . HOH B 2 .  ? -0.475  -12.080 -2.091  0.56 21.01 ? 153 HOH A O    1 
HETATM 1074 O O    . HOH B 2 .  ? 8.836   -9.611  0.870   0.98 6.48  ? 154 HOH A O    1 
HETATM 1075 O O    . HOH B 2 .  ? -4.961  -2.856  -13.003 0.94 8.02  ? 155 HOH A O    1 
HETATM 1076 O O    . HOH B 2 .  ? -11.399 -8.123  -0.048  0.87 7.33  ? 156 HOH A O    1 
HETATM 1077 O O    . HOH B 2 .  ? -8.613  -2.385  -11.533 0.70 7.62  ? 157 HOH A O    1 
HETATM 1078 O O    . HOH B 2 .  ? -9.038  9.765   -0.056  0.84 9.33  ? 158 HOH A O    1 
HETATM 1079 O O    . HOH B 2 .  ? -12.877 2.661   -4.524  0.86 12.15 ? 159 HOH A O    1 
HETATM 1080 O O    . HOH B 2 .  ? 2.462   6.030   9.704   0.78 13.13 ? 160 HOH A O    1 
HETATM 1081 O O    . HOH B 2 .  ? 4.501   -9.245  1.593   0.82 10.45 ? 161 HOH A O    1 
HETATM 1082 O O    . HOH B 2 .  ? -10.777 1.077   -8.270  0.58 10.53 ? 162 HOH A O    1 
HETATM 1083 O O    . HOH B 2 .  ? 15.785  -3.762  5.698   1.00 18.38 ? 163 HOH A O    1 
HETATM 1084 O O    . HOH B 2 .  ? 0.411   7.359   10.967  0.87 17.29 ? 164 HOH A O    1 
HETATM 1085 O O    . HOH B 2 .  ? -11.446 6.556   -3.819  0.98 15.67 ? 165 HOH A O    1 
HETATM 1086 O O    . HOH B 2 .  ? -1.596  14.482  -1.923  0.73 18.52 ? 166 HOH A O    1 
HETATM 1087 O O    . HOH B 2 .  ? -4.941  3.529   13.804  0.82 19.06 ? 167 HOH A O    1 
HETATM 1088 O O    . HOH B 2 .  ? -9.637  -13.590 4.501   0.76 17.49 ? 168 HOH A O    1 
HETATM 1089 O O    . HOH B 2 .  ? -2.450  -17.477 5.356   0.89 14.61 ? 169 HOH A O    1 
HETATM 1090 O O    . HOH B 2 .  ? -4.506  -11.415 -0.044  0.94 17.45 ? 170 HOH A O    1 
HETATM 1091 O O    . HOH B 2 .  ? 7.874   7.977   -7.005  0.63 14.73 ? 171 HOH A O    1 
HETATM 1092 O O    . HOH B 2 .  ? -9.437  6.483   -8.118  0.62 28.53 ? 172 HOH A O    1 
HETATM 1093 O O    . HOH B 2 .  ? 13.415  -6.576  -1.862  0.29 6.50  ? 173 HOH A O    1 
HETATM 1094 O O    . HOH B 2 .  ? 14.268  4.545   -4.135  0.63 20.13 ? 174 HOH A O    1 
HETATM 1095 O O    . HOH B 2 .  ? -8.367  11.051  -6.685  0.84 20.03 ? 175 HOH A O    1 
HETATM 1096 O O    . HOH B 2 .  ? 2.148   -12.765 0.584   0.77 16.77 ? 176 HOH A O    1 
HETATM 1097 O O    . HOH B 2 .  ? -0.893  3.803   12.511  0.78 18.96 ? 177 HOH A O    1 
HETATM 1098 O O    . HOH B 2 .  ? 18.857  -3.548  -5.418  0.60 17.31 ? 178 HOH A O    1 
HETATM 1099 O O    . HOH B 2 .  ? 0.333   -12.164 -8.653  0.97 22.79 ? 179 HOH A O    1 
HETATM 1100 O O    . HOH B 2 .  ? -9.326  1.454   -11.773 0.47 13.26 ? 180 HOH A O    1 
HETATM 1101 O O    . HOH B 2 .  ? 12.529  5.511   -2.299  0.60 17.97 ? 181 HOH A O    1 
HETATM 1102 O O    . HOH B 2 .  ? -11.653 8.631   -0.527  0.82 18.05 ? 182 HOH A O    1 
HETATM 1103 O O    . HOH B 2 .  ? -4.645  14.704  -2.329  0.63 20.23 ? 183 HOH A O    1 
HETATM 1104 O O    . HOH B 2 .  ? 10.683  -1.441  -9.874  0.31 11.95 ? 184 HOH A O    1 
HETATM 1105 O O    . HOH B 2 .  ? -12.815 -4.291  0.235   0.54 15.37 ? 185 HOH A O    1 
HETATM 1106 O O    . HOH B 2 .  ? 1.027   10.004  11.039  0.97 11.84 ? 186 HOH A O    1 
HETATM 1107 O O    . HOH B 2 .  ? -11.342 -13.061 3.656   0.09 7.97  ? 187 HOH A O    1 
HETATM 1108 O O    . HOH B 2 .  ? -7.299  12.689  -1.802  0.60 16.05 ? 188 HOH A O    1 
HETATM 1109 O O    . HOH B 2 .  ? -8.966  1.422   14.319  0.84 22.01 ? 189 HOH A O    1 
HETATM 1110 O O    . HOH B 2 .  ? -14.805 -0.137  6.936   0.84 23.60 ? 190 HOH A O    1 
HETATM 1111 O O    . HOH B 2 .  ? -13.362 6.266   -5.914  0.53 21.18 ? 191 HOH A O    1 
HETATM 1112 O O    . HOH B 2 .  ? 17.245  -6.059  -7.210  0.43 13.20 ? 192 HOH A O    1 
HETATM 1113 O O    . HOH B 2 .  ? -9.305  11.029  -2.541  0.54 12.02 ? 193 HOH A O    1 
HETATM 1114 O O    . HOH B 2 .  ? -13.497 3.830   -6.641  0.64 25.70 ? 194 HOH A O    1 
HETATM 1115 O O    . HOH B 2 .  ? -6.801  11.528  -6.080  0.23 14.27 ? 195 HOH A O    1 
HETATM 1116 O O    . HOH B 2 .  ? 17.968  -0.299  -1.561  0.83 19.77 ? 196 HOH A O    1 
HETATM 1117 O O    . HOH B 2 .  ? -9.127  -11.177 0.646   0.33 12.79 ? 197 HOH A O    1 
HETATM 1118 O O    . HOH B 2 .  ? -11.547 3.466   -8.716  0.89 43.56 ? 198 HOH A O    1 
HETATM 1119 O O    . HOH B 2 .  ? -10.717 -2.173  11.926  0.52 22.89 ? 199 HOH A O    1 
HETATM 1120 O O    . HOH B 2 .  ? 2.322   3.494   9.490   0.49 7.01  ? 200 HOH A O    1 
HETATM 1121 O O    . HOH B 2 .  ? 7.077   -0.592  7.215   0.62 17.79 ? 201 HOH A O    1 
HETATM 1122 O O    . HOH B 2 .  ? -13.664 3.089   0.738   0.46 7.95  ? 202 HOH A O    1 
HETATM 1123 O O    . HOH B 2 .  ? 1.216   -8.616  -10.653 0.67 12.92 ? 203 HOH A O    1 
HETATM 1124 O O    . HOH B 2 .  ? 0.955   -9.644  -9.576  0.49 10.39 ? 204 HOH A O    1 
HETATM 1125 O O    . HOH B 2 .  ? -13.596 -0.358  -4.942  1.00 29.86 ? 205 HOH A O    1 
HETATM 1126 O O    . HOH B 2 .  ? 8.992   -5.433  -6.723  0.55 9.72  ? 206 HOH A O    1 
HETATM 1127 O O    . HOH B 2 .  ? 9.815   -10.390 -3.852  0.40 12.65 ? 207 HOH A O    1 
HETATM 1128 O O    . HOH B 2 .  ? 7.692   9.650   -5.299  0.20 7.03  ? 208 HOH A O    1 
HETATM 1129 O O    . HOH B 2 .  ? 11.705  1.381   -8.671  0.61 26.65 ? 209 HOH A O    1 
HETATM 1130 O O    . HOH B 2 .  ? -3.463  6.732   12.732  0.73 14.39 ? 210 HOH A O    1 
HETATM 1131 O O    . HOH B 2 .  ? 14.662  -6.752  -2.512  0.35 9.39  ? 211 HOH A O    1 
HETATM 1132 O O    . HOH B 2 .  ? -8.821  -0.372  12.248  0.51 14.43 ? 212 HOH A O    1 
HETATM 1133 O O    . HOH B 2 .  ? -6.440  1.090   13.184  0.59 15.11 ? 213 HOH A O    1 
HETATM 1134 O O    . HOH B 2 .  ? -11.193 -7.122  -0.841  0.72 21.29 ? 214 HOH A O    1 
HETATM 1135 O O    . HOH B 2 .  ? -13.663 4.856   -0.897  0.24 5.64  ? 215 HOH A O    1 
HETATM 1136 O O    . HOH B 2 .  ? -14.563 3.810   -0.100  0.34 4.55  ? 216 HOH A O    1 
HETATM 1137 O O    . HOH B 2 .  ? -12.876 -3.684  9.590   0.82 19.52 ? 217 HOH A O    1 
HETATM 1138 O O    . HOH B 2 .  ? -13.703 -4.076  8.081   1.00 22.20 ? 218 HOH A O    1 
HETATM 1139 O O    . HOH B 2 .  ? 17.491  2.184   -1.114  0.39 13.26 ? 219 HOH A O    1 
HETATM 1140 O O    . HOH B 2 .  ? 18.926  0.961   1.721   0.43 15.14 ? 220 HOH A O    1 
HETATM 1141 O O    . HOH B 2 .  ? 12.724  4.020   -6.015  0.65 16.39 ? 221 HOH A O    1 
HETATM 1142 O O    . HOH B 2 .  ? 10.903  5.593   -7.589  0.55 16.06 ? 222 HOH A O    1 
HETATM 1143 O O    . HOH B 2 .  ? 7.274   13.172  -6.140  0.59 18.47 ? 223 HOH A O    1 
HETATM 1144 O O    . HOH B 2 .  ? 2.350   12.252  -4.868  0.43 16.59 ? 224 HOH A O    1 
HETATM 1145 O O    . HOH B 2 .  ? -15.385 2.460   -0.696  0.87 23.27 ? 225 HOH A O    1 
HETATM 1146 O O    . HOH B 2 .  ? -15.365 4.645   0.685   0.17 11.78 ? 226 HOH A O    1 
HETATM 1147 O O    . HOH B 2 .  ? -15.321 2.531   -7.990  0.27 18.00 ? 227 HOH A O    1 
HETATM 1148 O O    . HOH B 2 .  ? 9.893   -8.371  -3.843  0.42 12.40 ? 228 HOH A O    1 
HETATM 1149 O O    . HOH B 2 .  ? 4.928   -10.934 -4.419  0.33 13.56 ? 229 HOH A O    1 
HETATM 1150 O O    . HOH B 2 .  ? 10.299  -6.963  -10.586 0.70 23.98 ? 230 HOH A O    1 
HETATM 1151 O O    . HOH B 2 .  ? 9.295   -4.895  -9.178  0.65 26.53 ? 231 HOH A O    1 
HETATM 1152 O O    . HOH B 2 .  ? 5.156   -11.406 -0.784  0.56 18.24 ? 232 HOH A O    1 
HETATM 1153 O O    . HOH B 2 .  ? -1.997  -9.413  -3.131  0.58 21.68 ? 233 HOH A O    1 
HETATM 1154 O O    . HOH B 2 .  ? 14.297  -4.921  1.231   0.23 8.84  ? 234 HOH A O    1 
HETATM 1155 O O    . HOH B 2 .  ? -1.749  12.320  -5.587  0.60 19.32 ? 235 HOH A O    1 
HETATM 1156 O O    . HOH B 2 .  ? -4.605  14.176  -10.079 0.40 18.80 ? 236 HOH A O    1 
HETATM 1157 O O    . HOH B 2 .  ? -0.634  12.919  -4.248  0.60 17.33 ? 237 HOH A O    1 
HETATM 1158 O O    . HOH B 2 .  ? -6.099  2.243   12.766  0.30 12.99 ? 238 HOH A O    1 
HETATM 1159 O O    . HOH B 2 .  ? -10.791 -7.937  0.902   0.89 16.52 ? 239 HOH A O    1 
HETATM 1160 O O    . HOH B 2 .  ? -10.116 -8.937  -0.463  0.57 14.48 ? 240 HOH A O    1 
HETATM 1161 O O    . HOH B 2 .  ? 4.479   -0.005  10.424  0.57 13.11 ? 241 HOH A O    1 
HETATM 1162 O O    . HOH B 2 .  ? 7.337   6.027   -7.664  0.46 14.43 ? 242 HOH A O    1 
HETATM 1163 O O    . HOH B 2 .  ? 14.286  -0.094  -9.213  0.74 21.18 ? 243 HOH A O    1 
HETATM 1164 O O    . HOH B 2 .  ? -1.904  11.403  -5.568  0.48 12.24 ? 244 HOH A O    1 
HETATM 1165 O O    . HOH B 2 .  ? -6.057  12.431  -6.022  0.49 15.21 ? 245 HOH A O    1 
HETATM 1166 O O    . HOH B 2 .  ? -0.342  14.127  -2.591  0.97 22.73 ? 246 HOH A O    1 
HETATM 1167 O O    . HOH B 2 .  ? 7.980   9.094   -6.578  0.26 4.79  ? 247 HOH A O    1 
HETATM 1168 O O    . HOH B 2 .  ? 3.440   -9.373  0.824   0.19 13.60 ? 248 HOH A O    1 
HETATM 1169 O O    . HOH B 2 .  ? 2.354   -14.075 -7.689  0.55 16.48 ? 249 HOH A O    1 
HETATM 1170 O O    . HOH B 2 .  ? -1.875  -13.967 -4.642  0.73 20.09 ? 250 HOH A O    1 
HETATM 1171 O O    . HOH B 2 .  ? -4.976  -11.343 -3.951  0.27 20.16 ? 251 HOH A O    1 
HETATM 1172 O O    . HOH B 2 .  ? -12.396 -13.321 5.124   0.04 5.48  ? 252 HOH A O    1 
HETATM 1173 O O    . HOH B 2 .  ? -13.132 -10.000 2.732   0.28 17.04 ? 253 HOH A O    1 
HETATM 1174 O O    . HOH B 2 .  ? 13.879  1.828   -8.256  0.24 18.15 ? 254 HOH A O    1 
HETATM 1175 O O    . HOH B 2 .  ? 17.026  -6.195  -6.141  0.53 12.57 ? 255 HOH A O    1 
HETATM 1176 O O    . HOH B 2 .  ? -11.045 7.736   0.149   0.53 14.21 ? 256 HOH A O    1 
HETATM 1177 O O    . HOH B 2 .  ? 15.860  3.845   -3.160  0.44 14.64 ? 257 HOH A O    1 
HETATM 1178 O O    . HOH B 2 .  ? 15.767  2.957   -1.042  0.52 15.76 ? 258 HOH A O    1 
HETATM 1179 O O    . HOH B 2 .  ? -3.186  -14.455 -4.669  0.41 10.40 ? 259 HOH A O    1 
HETATM 1180 O O    . HOH B 2 .  ? -11.486 -4.607  2.332   0.40 11.22 ? 260 HOH A O    1 
HETATM 1181 O O    . HOH B 2 .  ? 12.430  -2.979  -8.148  0.51 14.17 ? 261 HOH A O    1 
HETATM 1182 O O    . HOH B 2 .  ? -4.059  -8.940  -3.008  0.56 16.56 ? 262 HOH A O    1 
HETATM 1183 O O    . HOH B 2 .  ? -14.031 1.411   16.062  0.41 22.27 ? 263 HOH A O    1 
HETATM 1184 O O    . HOH B 2 .  ? 0.141   3.346   7.758   0.45 6.33  ? 264 HOH A O    1 
HETATM 1185 O O    . HOH B 2 .  ? -7.331  -13.556 2.913   0.87 18.12 ? 265 HOH A O    1 
HETATM 1186 O O    . HOH B 2 .  ? 1.717   -6.656  -11.473 0.38 9.21  ? 266 HOH A O    1 
HETATM 1187 O O    . HOH B 2 .  ? -7.427  -11.000 -1.517  0.45 19.99 ? 267 HOH A O    1 
HETATM 1188 O O    . HOH B 2 .  ? 0.924   2.346   10.416  0.52 13.14 ? 268 HOH A O    1 
HETATM 1189 O O    . HOH B 2 .  ? -9.100  0.366   -11.278 0.58 11.40 ? 269 HOH A O    1 
HETATM 1190 O O    . HOH B 2 .  ? 0.345   13.147  -3.742  0.59 13.15 ? 270 HOH A O    1 
HETATM 1191 O O    . HOH B 2 .  ? 2.330   -0.486  12.316  0.08 9.69  ? 271 HOH A O    1 
HETATM 1192 O O    . HOH B 2 .  ? -2.102  13.552  0.503   1.00 8.78  ? 272 HOH A O    1 
HETATM 1193 O O    . HOH B 2 .  ? 17.959  3.202   -2.669  0.31 13.83 ? 273 HOH A O    1 
HETATM 1194 O O    . HOH B 2 .  ? -13.002 -3.084  12.280  0.96 27.53 ? 274 HOH A O    1 
HETATM 1195 O O    . HOH B 2 .  ? -5.652  -9.838  -3.307  0.47 20.44 ? 275 HOH A O    1 
HETATM 1196 O O    . HOH B 2 .  ? 7.941   -11.810 -3.558  0.67 27.71 ? 276 HOH A O    1 
HETATM 1197 O O    . HOH B 2 .  ? -14.283 4.755   -8.772  0.35 16.78 ? 277 HOH A O    1 
HETATM 1198 O O    . HOH B 2 .  ? -8.167  3.917   -11.372 0.54 19.33 ? 278 HOH A O    1 
HETATM 1199 O O    . HOH B 2 .  ? -7.943  5.820   -12.141 0.73 23.54 ? 279 HOH A O    1 
HETATM 1200 O O    . HOH B 2 .  ? -6.321  12.716  -13.033 0.76 25.19 ? 280 HOH A O    1 
HETATM 1201 O O    . HOH B 2 .  ? -12.028 -10.514 2.313   0.28 13.52 ? 281 HOH A O    1 
HETATM 1202 O O    . HOH B 2 .  ? -6.162  14.099  -4.205  0.32 18.60 ? 282 HOH A O    1 
HETATM 1203 O O    . HOH B 2 .  ? -10.432 -10.074 -0.407  0.48 16.09 ? 283 HOH A O    1 
HETATM 1204 O O    . HOH B 2 .  ? -13.396 6.565   0.261   0.52 15.37 ? 284 HOH A O    1 
HETATM 1205 O O    . HOH B 2 .  ? 2.339   -17.254 -0.842  0.73 31.73 ? 285 HOH A O    1 
HETATM 1206 O O    . HOH B 2 .  ? 14.720  -2.437  -9.380  0.36 15.14 ? 286 HOH A O    1 
HETATM 1207 O O    . HOH B 2 .  ? 3.090   -2.222  9.907   0.45 24.05 ? 287 HOH A O    1 
HETATM 1208 O O    . HOH B 2 .  ? 0.423   4.646   14.553  0.27 13.67 ? 288 HOH A O    1 
HETATM 1209 O O    . HOH B 2 .  ? 1.532   3.045   16.087  0.22 13.65 ? 289 HOH A O    1 
HETATM 1210 O O    . HOH B 2 .  ? 1.645   4.362   13.920  0.35 16.67 ? 290 HOH A O    1 
HETATM 1211 O O    . HOH B 2 .  ? -2.617  2.661   13.785  0.73 21.61 ? 291 HOH A O    1 
HETATM 1212 O O    . HOH B 2 .  ? -7.242  6.762   -11.742 0.71 23.51 ? 292 HOH A O    1 
HETATM 1213 O O    . HOH B 2 .  ? 12.246  -0.520  -9.714  0.45 25.94 ? 293 HOH A O    1 
HETATM 1214 O O    . HOH B 2 .  ? -6.578  1.572   14.454  0.48 17.27 ? 294 HOH A O    1 
HETATM 1215 O O    . HOH B 2 .  ? 10.483  -10.270 -11.294 0.57 21.46 ? 295 HOH A O    1 
HETATM 1216 O O    . HOH B 2 .  ? -17.117 0.644   -4.592  0.25 14.64 ? 296 HOH A O    1 
HETATM 1217 O O    . HOH B 2 .  ? 13.537  -4.559  -9.445  0.15 10.80 ? 297 HOH A O    1 
HETATM 1218 O O    . HOH B 2 .  ? 13.097  -5.504  -9.420  0.20 10.14 ? 298 HOH A O    1 
HETATM 1219 O O    . HOH B 2 .  ? 15.606  -2.526  -7.699  0.64 21.50 ? 299 HOH A O    1 
HETATM 1220 O O    . HOH B 2 .  ? -7.209  12.686  -10.307 0.54 23.17 ? 300 HOH A O    1 
HETATM 1221 O O    . HOH B 2 .  ? -4.043  14.327  -3.379  0.47 18.73 ? 301 HOH A O    1 
HETATM 1222 O O    . HOH B 2 .  ? -1.405  -15.689 -0.495  0.20 13.02 ? 302 HOH A O    1 
HETATM 1223 O O    . HOH B 2 .  ? -9.576  11.303  -11.946 0.16 13.21 ? 303 HOH A O    1 
HETATM 1224 O O    . HOH B 2 .  ? -12.650 -3.333  14.033  0.47 21.63 ? 304 HOH A O    1 
HETATM 1225 O O    . HOH B 2 .  ? -3.000  15.794  -12.449 0.81 23.53 ? 305 HOH A O    1 
HETATM 1226 O O    . HOH B 2 .  ? 9.750   -10.128 -5.375  0.40 15.99 ? 306 HOH A O    1 
HETATM 1227 O O    . HOH B 2 .  ? 17.602  -0.295  -6.586  0.28 16.43 ? 307 HOH A O    1 
HETATM 1228 O O    . HOH B 2 .  ? 12.162  -4.331  -9.056  0.22 8.74  ? 308 HOH A O    1 
HETATM 1229 O O    . HOH B 2 .  ? 10.477  -7.745  -4.596  0.13 9.22  ? 309 HOH A O    1 
HETATM 1230 O O    . HOH B 2 .  ? -2.980  13.356  -3.708  0.46 17.98 ? 310 HOH A O    1 
HETATM 1231 O O    . HOH B 2 .  ? -0.350  11.813  -7.852  0.27 13.66 ? 311 HOH A O    1 
HETATM 1232 O O    . HOH B 2 .  ? 3.158   12.455  -7.983  0.92 35.24 ? 312 HOH A O    1 
HETATM 1233 O O    . HOH B 2 .  ? -13.203 5.324   -6.981  0.51 20.92 ? 313 HOH A O    1 
HETATM 1234 O O    . HOH B 2 .  ? -11.398 5.362   -9.537  0.19 15.37 ? 314 HOH A O    1 
HETATM 1235 O O    . HOH B 2 .  ? -6.728  8.067   -12.406 0.87 26.08 ? 315 HOH A O    1 
HETATM 1236 O O    . HOH B 2 .  ? 11.068  7.236   -7.390  0.16 17.31 ? 316 HOH A O    1 
HETATM 1237 O O    . HOH B 2 .  ? 15.064  3.752   -7.023  0.39 18.40 ? 317 HOH A O    1 
HETATM 1238 O O    . HOH B 2 .  ? 19.860  2.249   -10.309 0.29 18.84 ? 318 HOH A O    1 
HETATM 1239 O O    . HOH B 2 .  ? 5.542   -10.557 -8.647  0.99 37.43 ? 319 HOH A O    1 
HETATM 1240 O O    . HOH B 2 .  ? 3.091   -10.182 -11.371 0.38 20.08 ? 320 HOH A O    1 
HETATM 1241 O O    . HOH B 2 .  ? -5.796  13.195  -10.541 0.42 19.45 ? 321 HOH A O    1 
HETATM 1242 O O    . HOH B 2 .  ? -13.815 -1.199  15.285  0.22 12.85 ? 322 HOH A O    1 
HETATM 1243 O O    . HOH B 2 .  ? -10.384 -11.239 -0.044  0.24 14.67 ? 323 HOH A O    1 
HETATM 1244 O O    . HOH B 2 .  ? -3.726  -11.377 -2.687  0.75 28.81 ? 324 HOH A O    1 
HETATM 1245 O O    . HOH B 2 .  ? -1.975  0.877   13.443  0.54 19.47 ? 325 HOH A O    1 
HETATM 1246 O O    . HOH B 2 .  ? 8.370   13.674  -6.433  0.61 25.02 ? 326 HOH A O    1 
HETATM 1247 O O    . HOH B 2 .  ? -7.035  5.142   -10.601 0.44 17.24 ? 327 HOH A O    1 
HETATM 1248 O O    . HOH B 2 .  ? 19.262  -0.647  -8.879  0.43 21.33 ? 328 HOH A O    1 
HETATM 1249 O O    . HOH B 2 .  ? 1.230   12.747  -4.947  0.35 15.97 ? 329 HOH A O    1 
HETATM 1250 O O    . HOH B 2 .  ? -11.811 -1.254  15.218  0.81 32.39 ? 330 HOH A O    1 
HETATM 1251 O O    . HOH B 2 .  ? 6.315   -9.329  -11.227 0.82 34.38 ? 331 HOH A O    1 
HETATM 1252 O O    . HOH B 2 .  ? -15.097 1.555   -3.032  0.66 23.01 ? 332 HOH A O    1 
HETATM 1253 O O    . HOH B 2 .  ? -11.574 6.153   -9.133  0.30 18.89 ? 333 HOH A O    1 
HETATM 1254 O O    . HOH B 2 .  ? 10.263  -10.637 -6.052  0.66 20.64 ? 334 HOH A O    1 
HETATM 1255 O O    . HOH B 2 .  ? 7.685   -10.010 -5.669  0.59 18.55 ? 335 HOH A O    1 
HETATM 1256 O O    . HOH B 2 .  ? -14.939 -4.529  8.583   0.58 21.83 ? 336 HOH A O    1 
HETATM 1257 O O    . HOH B 2 .  ? 7.073   9.188   -7.478  0.44 16.46 ? 337 HOH A O    1 
HETATM 1258 O O    . HOH B 2 .  ? -4.350  14.165  -10.779 0.39 17.66 ? 338 HOH A O    1 
HETATM 1259 O O    . HOH B 2 .  ? 15.342  4.314   -8.252  0.40 20.33 ? 339 HOH A O    1 
HETATM 1260 O O    . HOH B 2 .  ? 0.729   -13.065 -6.053  0.75 25.35 ? 340 HOH A O    1 
# 
